data_5GKQ
#
_entry.id   5GKQ
#
_cell.length_a   82.658
_cell.length_b   122.830
_cell.length_c   195.332
_cell.angle_alpha   90.00
_cell.angle_beta   90.00
_cell.angle_gamma   90.00
#
_symmetry.space_group_name_H-M   'P 21 21 21'
#
loop_
_entity.id
_entity.type
_entity.pdbx_description
1 polymer 'AlyGC mutant - R241A'
2 branched 'beta-D-mannopyranuronic acid-(1-4)-beta-D-mannopyranuronic acid-(1-4)-beta-D-mannopyranuronic acid-(1-4)-beta-D-mannopyranuronic acid'
3 non-polymer 'CALCIUM ION'
4 water water
#
_entity_poly.entity_id   1
_entity_poly.type   'polypeptide(L)'
_entity_poly.pdbx_seq_one_letter_code
;ADLLVKTPEAYDQALKKAKPGDDIILANGTWRDFEVLFEAKGNENKPITLRGQTPGKVFLTGQSNLRLAGEHLIVSGLVF
KDGYTPTGEVIAFRRNKDVLASHSRVTQVVIDNFSNPEKFEQDSWVMVYGRHNRFDHNHLVGKRNKGVTMAVRLTTESSQ
QNHHRIDHNYFGPRPILGSNGGETLRIGTSHHSLTDSFTLVENNYFDRCNGEVEIISNKSGKNSIRNNVFFESRGTLTLA
HGNGNIVENNVFFGNGVDHTGGIRVINRDQIIRNNYLEGLTGYRFGSGLTVMNGVPNSKINRYHQVDNALIENNTLVNVE
HIQFAAGSDKERSAAPINSNMNNNLIVNDQGTDGITAFDDISGIKFKDNLLNQDAKPSINKGFEQADITMQRHDNGLLYP
EAKTQQKYGVSTQLEPIGKDEVGVSWYPKVEPDVAFGSGKHIAVSPGDNTLFDAIASAETGDVLVLQAGEYWVSKILSLD
KTLTIRAQEKGSAVIFPQRSTLIEINNKGNLTLDGVYVDATNAPDAAGNTLIRTTRLPMQRNYRLAIKNSTFENLDINHS
YHFFDAGNRSFADYIEVQDSQFKHITGDLFRLNKETDDLGIYNVEYLTIENSNVSDLQGAIAKVYRGGTDESTFGPHVVM
NNNIFNEVGKGKRNKSAASLILHGTQVNKMTTNEFNNSAPIIFELTVGEPKTWVTGNVFEGTPEPVVRDLFPLSGATTTI
SGNTVL
;
_entity_poly.pdbx_strand_id   A,B
#
loop_
_chem_comp.id
_chem_comp.type
_chem_comp.name
_chem_comp.formula
BEM D-saccharide, beta linking 'beta-D-mannopyranuronic acid' 'C6 H10 O7'
CA non-polymer 'CALCIUM ION' 'Ca 2'
#
# COMPACT_ATOMS: atom_id res chain seq x y z
N ALA A 1 -6.11 -53.49 0.32
CA ALA A 1 -5.65 -53.27 1.67
C ALA A 1 -5.70 -51.80 2.00
N ASP A 2 -5.97 -51.48 3.26
CA ASP A 2 -6.02 -50.10 3.74
C ASP A 2 -4.72 -49.77 4.43
N LEU A 3 -4.05 -48.72 3.99
CA LEU A 3 -2.82 -48.23 4.60
C LEU A 3 -3.11 -46.87 5.22
N LEU A 4 -3.43 -46.87 6.50
CA LEU A 4 -3.65 -45.64 7.22
C LEU A 4 -2.31 -45.03 7.60
N VAL A 5 -2.13 -43.74 7.33
CA VAL A 5 -0.90 -43.04 7.66
C VAL A 5 -1.26 -41.77 8.40
N LYS A 6 -0.39 -41.37 9.32
CA LYS A 6 -0.62 -40.22 10.17
C LYS A 6 0.43 -39.13 10.01
N THR A 7 1.44 -39.35 9.20
CA THR A 7 2.51 -38.39 8.97
C THR A 7 2.93 -38.47 7.52
N PRO A 8 3.56 -37.43 6.99
CA PRO A 8 4.11 -37.53 5.63
C PRO A 8 5.13 -38.62 5.45
N GLU A 9 5.97 -38.88 6.46
CA GLU A 9 6.91 -39.99 6.37
C GLU A 9 6.16 -41.30 6.19
N ALA A 10 5.14 -41.52 7.01
CA ALA A 10 4.33 -42.72 6.89
C ALA A 10 3.60 -42.76 5.56
N TYR A 11 3.32 -41.59 5.00
CA TYR A 11 2.71 -41.55 3.68
C TYR A 11 3.69 -42.04 2.62
N ASP A 12 4.95 -41.61 2.70
CA ASP A 12 5.93 -42.04 1.71
C ASP A 12 6.12 -43.54 1.76
N GLN A 13 6.17 -44.11 2.96
CA GLN A 13 6.30 -45.55 3.10
C GLN A 13 5.09 -46.27 2.53
N ALA A 14 3.88 -45.78 2.83
CA ALA A 14 2.70 -46.45 2.31
C ALA A 14 2.64 -46.40 0.79
N LEU A 15 3.16 -45.32 0.19
CA LEU A 15 3.13 -45.23 -1.27
C LEU A 15 4.11 -46.20 -1.91
N LYS A 16 5.26 -46.44 -1.28
CA LYS A 16 6.22 -47.38 -1.87
C LYS A 16 5.67 -48.78 -1.92
N LYS A 17 4.89 -49.17 -0.93
CA LYS A 17 4.46 -50.56 -0.88
C LYS A 17 3.04 -50.77 -1.34
N ALA A 18 2.36 -49.73 -1.80
CA ALA A 18 0.97 -49.90 -2.19
C ALA A 18 0.89 -50.51 -3.56
N LYS A 19 -0.18 -51.24 -3.80
CA LYS A 19 -0.34 -52.07 -4.98
C LYS A 19 -1.73 -51.82 -5.54
N PRO A 20 -1.98 -52.18 -6.79
CA PRO A 20 -3.33 -52.07 -7.33
C PRO A 20 -4.39 -52.64 -6.40
N GLY A 21 -5.41 -51.85 -6.11
CA GLY A 21 -6.49 -52.22 -5.23
C GLY A 21 -6.43 -51.61 -3.85
N ASP A 22 -5.31 -51.03 -3.45
CA ASP A 22 -5.17 -50.51 -2.09
C ASP A 22 -5.64 -49.06 -1.97
N ASP A 23 -5.74 -48.60 -0.73
CA ASP A 23 -6.20 -47.25 -0.35
C ASP A 23 -5.19 -46.66 0.63
N ILE A 24 -4.47 -45.61 0.23
CA ILE A 24 -3.70 -44.87 1.21
C ILE A 24 -4.66 -43.91 1.92
N ILE A 25 -4.82 -44.07 3.22
CA ILE A 25 -5.79 -43.31 4.00
C ILE A 25 -5.04 -42.31 4.86
N LEU A 26 -5.28 -41.02 4.61
CA LEU A 26 -4.70 -39.95 5.42
C LEU A 26 -5.58 -39.76 6.65
N ALA A 27 -4.96 -39.78 7.82
CA ALA A 27 -5.72 -39.79 9.05
C ALA A 27 -6.37 -38.44 9.30
N ASN A 28 -7.56 -38.48 9.90
CA ASN A 28 -8.29 -37.25 10.21
C ASN A 28 -7.41 -36.25 10.95
N GLY A 29 -7.55 -34.99 10.60
CA GLY A 29 -6.78 -33.94 11.23
C GLY A 29 -6.27 -32.96 10.20
N THR A 30 -5.36 -32.11 10.62
CA THR A 30 -4.89 -31.01 9.80
C THR A 30 -3.45 -31.27 9.35
N TRP A 31 -3.25 -31.33 8.05
CA TRP A 31 -1.95 -31.56 7.43
C TRP A 31 -1.44 -30.24 6.87
N ARG A 32 -0.54 -29.58 7.58
CA ARG A 32 -0.04 -28.28 7.17
C ARG A 32 1.18 -28.44 6.28
N ASP A 33 1.28 -27.59 5.25
CA ASP A 33 2.44 -27.53 4.34
C ASP A 33 2.78 -28.90 3.77
N PHE A 34 1.76 -29.64 3.36
CA PHE A 34 1.92 -30.99 2.83
C PHE A 34 1.85 -30.96 1.31
N GLU A 35 3.00 -31.07 0.65
CA GLU A 35 3.04 -31.08 -0.81
C GLU A 35 2.96 -32.53 -1.29
N VAL A 36 1.77 -32.94 -1.68
CA VAL A 36 1.48 -34.34 -1.95
C VAL A 36 1.83 -34.67 -3.40
N LEU A 37 2.75 -35.61 -3.59
CA LEU A 37 2.97 -36.26 -4.87
C LEU A 37 2.41 -37.67 -4.75
N PHE A 38 1.36 -37.94 -5.50
CA PHE A 38 0.68 -39.22 -5.45
C PHE A 38 0.97 -39.85 -6.80
N GLU A 39 2.10 -40.55 -6.87
CA GLU A 39 2.55 -41.22 -8.07
C GLU A 39 2.55 -42.73 -7.82
N ALA A 40 1.88 -43.46 -8.70
CA ALA A 40 1.72 -44.91 -8.54
C ALA A 40 1.10 -45.44 -9.82
N LYS A 41 0.82 -46.75 -9.84
CA LYS A 41 0.36 -47.41 -11.04
C LYS A 41 -0.66 -48.47 -10.64
N GLY A 42 -1.93 -48.15 -10.82
CA GLY A 42 -2.99 -49.09 -10.58
C GLY A 42 -3.38 -49.81 -11.85
N ASN A 43 -4.57 -50.42 -11.80
CA ASN A 43 -5.05 -51.26 -12.88
C ASN A 43 -6.46 -50.83 -13.23
N GLU A 44 -6.82 -51.04 -14.49
CA GLU A 44 -8.10 -50.61 -15.05
C GLU A 44 -9.26 -50.80 -14.08
N ASN A 45 -9.26 -51.88 -13.30
CA ASN A 45 -10.32 -52.07 -12.32
C ASN A 45 -9.78 -52.37 -10.93
N LYS A 46 -8.48 -52.20 -10.69
CA LYS A 46 -7.90 -52.21 -9.35
C LYS A 46 -7.09 -50.92 -9.23
N PRO A 47 -7.75 -49.79 -8.96
CA PRO A 47 -7.05 -48.53 -8.80
C PRO A 47 -6.39 -48.39 -7.44
N ILE A 48 -5.39 -47.54 -7.40
CA ILE A 48 -4.74 -47.16 -6.15
C ILE A 48 -5.32 -45.84 -5.71
N THR A 49 -5.82 -45.77 -4.47
CA THR A 49 -6.61 -44.64 -3.98
C THR A 49 -5.86 -43.91 -2.88
N LEU A 50 -6.00 -42.58 -2.85
CA LEU A 50 -5.58 -41.72 -1.75
C LEU A 50 -6.82 -41.00 -1.26
N ARG A 51 -7.12 -41.12 0.03
CA ARG A 51 -8.39 -40.57 0.48
C ARG A 51 -8.34 -40.29 1.96
N GLY A 52 -9.03 -39.24 2.36
CA GLY A 52 -9.12 -38.91 3.76
C GLY A 52 -9.91 -39.95 4.52
N GLN A 53 -9.52 -40.13 5.78
CA GLN A 53 -10.20 -41.10 6.64
C GLN A 53 -11.70 -40.79 6.72
N THR A 54 -12.06 -39.58 7.14
CA THR A 54 -13.45 -39.13 7.12
C THR A 54 -13.57 -37.89 6.23
N PRO A 55 -14.26 -37.96 5.10
CA PRO A 55 -14.41 -36.77 4.26
C PRO A 55 -15.03 -35.65 5.05
N GLY A 56 -14.31 -34.53 5.16
CA GLY A 56 -14.71 -33.41 5.98
C GLY A 56 -13.86 -33.21 7.19
N LYS A 57 -12.98 -34.14 7.52
CA LYS A 57 -12.13 -34.04 8.70
C LYS A 57 -10.65 -34.07 8.36
N VAL A 58 -10.30 -34.20 7.10
CA VAL A 58 -8.91 -34.15 6.67
C VAL A 58 -8.71 -32.83 5.96
N PHE A 59 -7.81 -32.00 6.46
CA PHE A 59 -7.57 -30.68 5.94
C PHE A 59 -6.13 -30.58 5.50
N LEU A 60 -5.91 -30.07 4.31
CA LEU A 60 -4.58 -29.71 3.84
C LEU A 60 -4.51 -28.19 3.87
N THR A 61 -3.69 -27.64 4.76
CA THR A 61 -3.63 -26.20 4.98
C THR A 61 -2.23 -25.67 4.66
N GLY A 62 -2.02 -24.38 4.86
CA GLY A 62 -0.73 -23.79 4.59
C GLY A 62 -0.33 -23.97 3.15
N GLN A 63 0.96 -24.26 2.93
CA GLN A 63 1.50 -24.40 1.58
C GLN A 63 1.44 -25.87 1.15
N SER A 64 0.22 -26.30 0.83
CA SER A 64 -0.04 -27.67 0.41
C SER A 64 -0.51 -27.67 -1.04
N ASN A 65 -0.32 -28.81 -1.70
CA ASN A 65 -0.85 -29.01 -3.04
C ASN A 65 -0.92 -30.51 -3.28
N LEU A 66 -1.32 -30.89 -4.48
CA LEU A 66 -1.46 -32.28 -4.87
C LEU A 66 -1.07 -32.43 -6.33
N ARG A 67 -0.20 -33.40 -6.60
CA ARG A 67 0.19 -33.78 -7.95
C ARG A 67 -0.06 -35.27 -8.12
N LEU A 68 -0.56 -35.66 -9.29
CA LEU A 68 -0.87 -37.05 -9.61
C LEU A 68 -0.04 -37.46 -10.82
N ALA A 69 0.61 -38.61 -10.72
CA ALA A 69 1.44 -39.12 -11.81
C ALA A 69 1.30 -40.64 -11.87
N GLY A 70 1.14 -41.16 -13.08
CA GLY A 70 0.93 -42.58 -13.28
C GLY A 70 -0.37 -42.82 -14.02
N GLU A 71 -1.08 -43.84 -13.59
CA GLU A 71 -2.35 -44.19 -14.21
C GLU A 71 -3.18 -44.94 -13.19
N HIS A 72 -4.49 -44.89 -13.38
CA HIS A 72 -5.47 -45.59 -12.56
C HIS A 72 -5.31 -45.23 -11.08
N LEU A 73 -5.37 -43.92 -10.82
CA LEU A 73 -5.34 -43.35 -9.48
C LEU A 73 -6.65 -42.67 -9.16
N ILE A 74 -6.93 -42.54 -7.86
CA ILE A 74 -8.13 -41.89 -7.37
C ILE A 74 -7.75 -41.12 -6.12
N VAL A 75 -8.15 -39.85 -6.04
CA VAL A 75 -8.00 -39.02 -4.84
C VAL A 75 -9.38 -38.52 -4.44
N SER A 76 -9.71 -38.63 -3.16
CA SER A 76 -11.07 -38.34 -2.74
C SER A 76 -11.10 -37.90 -1.28
N GLY A 77 -12.10 -37.09 -0.95
CA GLY A 77 -12.35 -36.76 0.45
C GLY A 77 -11.31 -35.87 1.09
N LEU A 78 -10.81 -34.88 0.36
CA LEU A 78 -9.85 -33.91 0.90
C LEU A 78 -10.46 -32.51 0.89
N VAL A 79 -9.99 -31.67 1.82
CA VAL A 79 -10.42 -30.27 1.91
C VAL A 79 -9.19 -29.37 1.98
N PHE A 80 -8.94 -28.60 0.92
CA PHE A 80 -7.89 -27.58 0.94
C PHE A 80 -8.47 -26.27 1.46
N LYS A 81 -7.83 -25.69 2.47
CA LYS A 81 -8.27 -24.44 3.07
C LYS A 81 -7.13 -23.87 3.91
N ASP A 82 -7.29 -22.64 4.34
CA ASP A 82 -6.33 -21.94 5.22
C ASP A 82 -4.91 -22.00 4.68
N GLY A 83 -4.76 -21.69 3.41
CA GLY A 83 -3.42 -21.60 2.83
C GLY A 83 -3.49 -21.31 1.35
N TYR A 84 -2.43 -21.70 0.66
CA TYR A 84 -2.34 -21.53 -0.79
C TYR A 84 -1.19 -22.37 -1.33
N THR A 85 -1.25 -22.65 -2.62
CA THR A 85 -0.28 -23.56 -3.21
C THR A 85 1.05 -22.87 -3.38
N PRO A 86 2.16 -23.52 -3.00
CA PRO A 86 3.47 -22.95 -3.24
C PRO A 86 4.02 -23.19 -4.65
N THR A 87 3.22 -23.74 -5.54
CA THR A 87 3.62 -23.88 -6.94
C THR A 87 2.64 -23.19 -7.86
N GLY A 88 2.58 -23.61 -9.12
CA GLY A 88 1.61 -22.99 -10.00
C GLY A 88 0.19 -23.51 -9.89
N GLU A 89 -0.05 -24.59 -9.17
CA GLU A 89 -1.37 -25.19 -9.09
C GLU A 89 -1.61 -25.78 -7.71
N VAL A 90 -2.88 -25.88 -7.33
CA VAL A 90 -3.24 -26.60 -6.12
C VAL A 90 -3.34 -28.09 -6.40
N ILE A 91 -4.06 -28.46 -7.45
CA ILE A 91 -4.19 -29.84 -7.90
C ILE A 91 -3.67 -29.91 -9.33
N ALA A 92 -2.78 -30.86 -9.61
CA ALA A 92 -2.25 -31.03 -10.96
C ALA A 92 -2.20 -32.50 -11.35
N PHE A 93 -2.65 -32.81 -12.56
CA PHE A 93 -2.60 -34.17 -13.07
C PHE A 93 -1.26 -34.52 -13.70
N ARG A 94 -0.16 -34.20 -13.03
CA ARG A 94 1.17 -34.54 -13.53
C ARG A 94 2.19 -34.32 -12.43
N ARG A 95 3.29 -35.09 -12.48
CA ARG A 95 4.42 -34.77 -11.61
C ARG A 95 5.18 -33.57 -12.15
N ASN A 96 5.49 -33.59 -13.44
CA ASN A 96 6.07 -32.44 -14.13
C ASN A 96 5.85 -32.64 -15.63
N LYS A 97 6.60 -31.89 -16.45
CA LYS A 97 6.33 -31.87 -17.89
C LYS A 97 6.49 -33.23 -18.56
N ASP A 98 7.22 -34.17 -17.94
CA ASP A 98 7.54 -35.44 -18.58
C ASP A 98 6.97 -36.67 -17.89
N VAL A 99 6.41 -36.54 -16.69
CA VAL A 99 5.58 -37.61 -16.11
C VAL A 99 4.20 -37.04 -15.86
N LEU A 100 3.22 -37.54 -16.60
CA LEU A 100 1.84 -37.11 -16.46
C LEU A 100 1.00 -38.20 -15.77
N ALA A 101 -0.29 -37.89 -15.61
CA ALA A 101 -1.26 -38.84 -15.09
C ALA A 101 -2.27 -39.12 -16.18
N SER A 102 -2.71 -40.37 -16.29
CA SER A 102 -3.80 -40.68 -17.17
C SER A 102 -4.72 -41.64 -16.44
N HIS A 103 -5.93 -41.82 -16.96
CA HIS A 103 -6.92 -42.70 -16.34
C HIS A 103 -7.03 -42.49 -14.84
N SER A 104 -6.95 -41.23 -14.39
CA SER A 104 -7.02 -40.92 -12.97
C SER A 104 -8.25 -40.06 -12.65
N ARG A 105 -8.59 -39.99 -11.37
CA ARG A 105 -9.84 -39.35 -10.94
C ARG A 105 -9.64 -38.58 -9.65
N VAL A 106 -9.93 -37.28 -9.66
CA VAL A 106 -10.08 -36.48 -8.45
C VAL A 106 -11.57 -36.30 -8.19
N THR A 107 -12.03 -36.73 -7.02
CA THR A 107 -13.45 -36.69 -6.73
C THR A 107 -13.67 -36.36 -5.26
N GLN A 108 -14.76 -35.67 -4.97
CA GLN A 108 -15.11 -35.28 -3.62
C GLN A 108 -13.96 -34.58 -2.91
N VAL A 109 -13.40 -33.57 -3.57
CA VAL A 109 -12.38 -32.70 -3.01
C VAL A 109 -12.95 -31.28 -2.94
N VAL A 110 -12.64 -30.58 -1.85
CA VAL A 110 -13.06 -29.22 -1.60
C VAL A 110 -11.85 -28.30 -1.64
N ILE A 111 -11.94 -27.21 -2.39
CA ILE A 111 -11.00 -26.09 -2.32
C ILE A 111 -11.80 -24.84 -1.95
N ASP A 112 -11.50 -24.24 -0.81
CA ASP A 112 -12.36 -23.26 -0.17
C ASP A 112 -11.51 -22.09 0.27
N ASN A 113 -11.42 -21.07 -0.57
CA ASN A 113 -10.66 -19.86 -0.24
C ASN A 113 -9.20 -20.17 0.00
N PHE A 114 -8.68 -21.09 -0.78
CA PHE A 114 -7.26 -21.39 -0.82
C PHE A 114 -6.55 -20.40 -1.73
N SER A 115 -6.78 -19.10 -1.54
CA SER A 115 -6.31 -18.08 -2.47
C SER A 115 -4.98 -17.51 -2.02
N ASN A 116 -4.03 -17.42 -2.95
CA ASN A 116 -2.78 -16.72 -2.72
C ASN A 116 -3.07 -15.29 -2.26
N PRO A 117 -2.41 -14.80 -1.20
CA PRO A 117 -2.82 -13.52 -0.61
C PRO A 117 -2.47 -12.30 -1.43
N GLU A 118 -1.62 -12.42 -2.44
CA GLU A 118 -1.28 -11.30 -3.29
C GLU A 118 -2.06 -11.46 -4.60
N LYS A 119 -3.15 -10.72 -4.70
CA LYS A 119 -4.10 -10.72 -5.80
C LYS A 119 -3.50 -10.98 -7.19
N PHE A 120 -2.28 -10.49 -7.46
CA PHE A 120 -1.74 -10.62 -8.81
C PHE A 120 -0.46 -11.44 -8.87
N GLU A 121 -0.22 -12.28 -7.87
CA GLU A 121 0.55 -13.50 -8.09
C GLU A 121 -0.40 -14.53 -8.67
N GLN A 122 -0.15 -14.97 -9.89
CA GLN A 122 -1.10 -15.84 -10.59
C GLN A 122 -0.86 -17.31 -10.25
N ASP A 123 -1.93 -18.01 -9.89
CA ASP A 123 -1.95 -19.46 -9.89
C ASP A 123 -3.29 -19.94 -10.41
N SER A 124 -3.36 -21.23 -10.70
CA SER A 124 -4.63 -21.89 -10.90
C SER A 124 -4.91 -22.85 -9.75
N TRP A 125 -6.15 -23.30 -9.68
CA TRP A 125 -6.53 -24.25 -8.66
C TRP A 125 -6.48 -25.69 -9.15
N VAL A 126 -6.82 -25.96 -10.42
CA VAL A 126 -6.83 -27.31 -10.95
C VAL A 126 -6.24 -27.29 -12.36
N MET A 127 -5.27 -28.17 -12.62
CA MET A 127 -4.61 -28.25 -13.93
C MET A 127 -4.59 -29.69 -14.40
N VAL A 128 -5.25 -29.98 -15.50
CA VAL A 128 -5.39 -31.33 -16.03
C VAL A 128 -4.46 -31.53 -17.22
N TYR A 129 -3.77 -32.67 -17.23
CA TYR A 129 -2.96 -33.14 -18.36
C TYR A 129 -3.32 -34.59 -18.66
N GLY A 130 -2.63 -35.18 -19.62
CA GLY A 130 -2.80 -36.61 -19.85
C GLY A 130 -4.01 -36.92 -20.69
N ARG A 131 -4.54 -38.12 -20.52
CA ARG A 131 -5.76 -38.51 -21.20
C ARG A 131 -6.63 -39.31 -20.24
N HIS A 132 -7.93 -39.29 -20.52
CA HIS A 132 -8.91 -40.13 -19.84
C HIS A 132 -8.95 -39.88 -18.33
N ASN A 133 -8.69 -38.67 -17.90
CA ASN A 133 -8.83 -38.31 -16.50
C ASN A 133 -10.25 -37.90 -16.19
N ARG A 134 -10.56 -37.83 -14.90
CA ARG A 134 -11.86 -37.38 -14.47
C ARG A 134 -11.74 -36.46 -13.27
N PHE A 135 -12.55 -35.41 -13.26
CA PHE A 135 -12.62 -34.45 -12.16
C PHE A 135 -14.10 -34.30 -11.88
N ASP A 136 -14.57 -34.84 -10.76
CA ASP A 136 -16.01 -34.91 -10.57
C ASP A 136 -16.38 -34.72 -9.12
N HIS A 137 -17.62 -34.31 -8.89
CA HIS A 137 -18.19 -34.12 -7.57
C HIS A 137 -17.28 -33.35 -6.63
N ASN A 138 -16.71 -32.27 -7.17
CA ASN A 138 -15.81 -31.43 -6.40
C ASN A 138 -16.46 -30.10 -6.08
N HIS A 139 -15.76 -29.30 -5.27
CA HIS A 139 -16.33 -28.13 -4.63
C HIS A 139 -15.24 -27.07 -4.60
N LEU A 140 -15.37 -26.07 -5.47
CA LEU A 140 -14.37 -25.01 -5.61
C LEU A 140 -15.05 -23.66 -5.41
N VAL A 141 -14.59 -22.91 -4.41
CA VAL A 141 -15.21 -21.64 -4.07
C VAL A 141 -14.17 -20.67 -3.54
N GLY A 142 -14.36 -19.40 -3.87
CA GLY A 142 -13.62 -18.34 -3.24
C GLY A 142 -12.21 -18.09 -3.75
N LYS A 143 -11.96 -18.25 -5.04
CA LYS A 143 -10.65 -17.92 -5.57
C LYS A 143 -10.61 -16.43 -5.89
N ARG A 144 -9.69 -15.72 -5.25
CA ARG A 144 -9.71 -14.27 -5.19
C ARG A 144 -8.50 -13.64 -5.84
N ASN A 145 -7.77 -14.40 -6.63
CA ASN A 145 -6.52 -13.95 -7.21
C ASN A 145 -6.51 -14.30 -8.69
N LYS A 146 -5.55 -13.72 -9.39
CA LYS A 146 -5.53 -13.84 -10.84
C LYS A 146 -5.18 -15.27 -11.24
N GLY A 147 -5.87 -15.77 -12.25
CA GLY A 147 -5.60 -17.11 -12.72
C GLY A 147 -6.88 -17.90 -12.82
N VAL A 148 -7.06 -18.57 -13.96
CA VAL A 148 -8.23 -19.42 -14.16
C VAL A 148 -8.30 -20.45 -13.05
N THR A 149 -9.52 -20.71 -12.55
CA THR A 149 -9.69 -21.66 -11.46
C THR A 149 -9.26 -23.07 -11.90
N MET A 150 -9.69 -23.50 -13.07
CA MET A 150 -9.39 -24.82 -13.60
C MET A 150 -9.13 -24.74 -15.09
N ALA A 151 -8.08 -25.40 -15.56
CA ALA A 151 -7.78 -25.45 -16.98
C ALA A 151 -7.44 -26.86 -17.41
N VAL A 152 -7.55 -27.10 -18.72
CA VAL A 152 -7.11 -28.33 -19.35
C VAL A 152 -5.98 -27.97 -20.30
N ARG A 153 -4.77 -28.42 -20.01
CA ARG A 153 -3.63 -28.04 -20.82
C ARG A 153 -3.42 -29.03 -21.95
N LEU A 154 -2.92 -28.52 -23.08
CA LEU A 154 -2.55 -29.32 -24.23
C LEU A 154 -1.09 -29.06 -24.60
N THR A 155 -0.25 -28.82 -23.61
CA THR A 155 1.14 -28.43 -23.83
C THR A 155 1.85 -29.40 -24.77
N THR A 156 1.46 -30.67 -24.71
CA THR A 156 2.05 -31.74 -25.49
C THR A 156 0.95 -32.55 -26.17
N GLU A 157 1.33 -33.33 -27.18
CA GLU A 157 0.40 -34.27 -27.79
C GLU A 157 -0.02 -35.37 -26.82
N SER A 158 0.75 -35.58 -25.75
CA SER A 158 0.35 -36.55 -24.72
C SER A 158 -0.92 -36.10 -24.00
N SER A 159 -1.13 -34.79 -23.86
CA SER A 159 -2.29 -34.25 -23.17
C SER A 159 -3.43 -33.90 -24.10
N GLN A 160 -3.21 -33.92 -25.40
CA GLN A 160 -4.28 -33.68 -26.35
C GLN A 160 -5.14 -34.92 -26.49
N GLN A 161 -6.20 -34.80 -27.26
CA GLN A 161 -7.11 -35.91 -27.53
C GLN A 161 -7.40 -36.72 -26.27
N ASN A 162 -7.76 -36.00 -25.22
CA ASN A 162 -7.74 -36.53 -23.89
C ASN A 162 -9.05 -37.18 -23.47
N HIS A 163 -10.18 -36.71 -24.00
CA HIS A 163 -11.49 -37.19 -23.56
C HIS A 163 -11.62 -37.12 -22.05
N HIS A 164 -10.90 -36.18 -21.44
CA HIS A 164 -11.08 -35.86 -20.04
C HIS A 164 -12.56 -35.68 -19.75
N ARG A 165 -12.94 -35.83 -18.50
CA ARG A 165 -14.35 -35.70 -18.20
C ARG A 165 -14.51 -34.95 -16.89
N ILE A 166 -15.30 -33.87 -16.93
CA ILE A 166 -15.41 -32.91 -15.85
C ILE A 166 -16.88 -32.77 -15.56
N ASP A 167 -17.33 -33.30 -14.43
CA ASP A 167 -18.78 -33.45 -14.25
C ASP A 167 -19.17 -33.33 -12.79
N HIS A 168 -20.42 -32.90 -12.57
CA HIS A 168 -21.03 -32.83 -11.23
C HIS A 168 -20.23 -31.98 -10.25
N ASN A 169 -19.50 -30.97 -10.74
CA ASN A 169 -18.73 -30.11 -9.84
C ASN A 169 -19.53 -28.88 -9.46
N TYR A 170 -19.40 -28.46 -8.21
CA TYR A 170 -19.84 -27.15 -7.77
C TYR A 170 -18.70 -26.16 -8.03
N PHE A 171 -18.86 -25.33 -9.06
CA PHE A 171 -18.01 -24.17 -9.27
C PHE A 171 -18.73 -23.02 -8.60
N GLY A 172 -18.35 -22.74 -7.36
CA GLY A 172 -19.08 -21.80 -6.55
C GLY A 172 -18.63 -20.37 -6.75
N PRO A 173 -19.23 -19.47 -6.00
CA PRO A 173 -18.98 -18.03 -6.14
C PRO A 173 -17.52 -17.64 -6.28
N ARG A 174 -17.18 -17.03 -7.41
CA ARG A 174 -15.89 -16.40 -7.58
C ARG A 174 -16.07 -14.91 -7.67
N PRO A 175 -15.44 -14.10 -6.80
CA PRO A 175 -15.70 -12.66 -6.79
C PRO A 175 -15.09 -11.97 -8.00
N ILE A 176 -15.54 -10.74 -8.23
CA ILE A 176 -15.03 -9.96 -9.34
C ILE A 176 -13.55 -9.70 -9.12
N LEU A 177 -12.73 -10.20 -10.04
CA LEU A 177 -11.31 -9.93 -9.96
C LEU A 177 -11.03 -8.43 -10.02
N GLY A 178 -11.74 -7.70 -10.87
CA GLY A 178 -11.35 -6.35 -11.20
C GLY A 178 -10.22 -6.30 -12.21
N SER A 179 -10.12 -7.32 -13.05
CA SER A 179 -8.99 -7.48 -13.95
C SER A 179 -9.29 -8.63 -14.90
N ASN A 180 -8.42 -8.73 -15.89
CA ASN A 180 -8.36 -9.87 -16.79
C ASN A 180 -7.81 -11.06 -16.04
N GLY A 181 -8.29 -12.25 -16.39
CA GLY A 181 -7.73 -13.47 -15.81
C GLY A 181 -8.45 -14.04 -14.61
N GLY A 182 -9.77 -14.03 -14.63
CA GLY A 182 -10.54 -14.58 -13.54
C GLY A 182 -11.57 -15.55 -14.07
N GLU A 183 -11.18 -16.27 -15.12
CA GLU A 183 -12.04 -17.29 -15.69
C GLU A 183 -12.25 -18.43 -14.67
N THR A 184 -13.36 -19.13 -14.84
CA THR A 184 -13.55 -20.32 -14.03
C THR A 184 -12.95 -21.56 -14.68
N LEU A 185 -13.22 -21.79 -15.96
CA LEU A 185 -12.78 -22.98 -16.67
C LEU A 185 -12.22 -22.63 -18.03
N ARG A 186 -11.01 -23.08 -18.33
CA ARG A 186 -10.35 -22.87 -19.62
C ARG A 186 -9.92 -24.20 -20.20
N ILE A 187 -10.27 -24.45 -21.45
CA ILE A 187 -9.99 -25.72 -22.11
C ILE A 187 -9.08 -25.45 -23.30
N GLY A 188 -7.78 -25.39 -23.06
CA GLY A 188 -6.78 -25.15 -24.07
C GLY A 188 -6.22 -23.73 -23.96
N THR A 189 -5.38 -23.39 -24.93
CA THR A 189 -4.85 -22.04 -25.09
C THR A 189 -4.90 -21.69 -26.58
N SER A 190 -4.52 -20.45 -26.91
CA SER A 190 -4.63 -20.03 -28.31
C SER A 190 -3.69 -20.83 -29.18
N HIS A 191 -2.41 -20.93 -28.78
CA HIS A 191 -1.42 -21.60 -29.61
C HIS A 191 -1.78 -23.05 -29.86
N HIS A 192 -2.45 -23.70 -28.91
CA HIS A 192 -2.80 -25.11 -29.07
C HIS A 192 -4.24 -25.30 -29.51
N SER A 193 -4.94 -24.21 -29.83
CA SER A 193 -6.36 -24.28 -30.09
C SER A 193 -6.73 -25.02 -31.36
N LEU A 194 -5.75 -25.42 -32.17
CA LEU A 194 -6.06 -26.19 -33.37
C LEU A 194 -5.94 -27.68 -33.14
N THR A 195 -5.53 -28.11 -31.95
CA THR A 195 -5.56 -29.53 -31.64
C THR A 195 -6.90 -29.91 -31.05
N ASP A 196 -7.34 -31.12 -31.34
CA ASP A 196 -8.58 -31.62 -30.77
C ASP A 196 -8.36 -32.04 -29.33
N SER A 197 -9.30 -31.69 -28.47
CA SER A 197 -9.22 -32.05 -27.07
C SER A 197 -10.26 -33.08 -26.65
N PHE A 198 -11.47 -33.04 -27.21
CA PHE A 198 -12.55 -33.95 -26.87
C PHE A 198 -12.83 -33.98 -25.37
N THR A 199 -12.59 -32.86 -24.70
CA THR A 199 -12.96 -32.75 -23.30
C THR A 199 -14.46 -32.59 -23.15
N LEU A 200 -15.04 -33.32 -22.21
CA LEU A 200 -16.45 -33.26 -21.90
C LEU A 200 -16.65 -32.52 -20.58
N VAL A 201 -17.48 -31.49 -20.60
CA VAL A 201 -17.77 -30.65 -19.44
C VAL A 201 -19.27 -30.73 -19.24
N GLU A 202 -19.74 -31.57 -18.31
CA GLU A 202 -21.17 -31.78 -18.23
C GLU A 202 -21.64 -31.90 -16.79
N ASN A 203 -22.85 -31.40 -16.57
CA ASN A 203 -23.56 -31.50 -15.31
C ASN A 203 -22.89 -30.75 -14.18
N ASN A 204 -22.25 -29.63 -14.46
CA ASN A 204 -21.69 -28.80 -13.41
C ASN A 204 -22.58 -27.61 -13.12
N TYR A 205 -22.41 -27.05 -11.93
CA TYR A 205 -23.20 -25.92 -11.46
C TYR A 205 -22.25 -24.75 -11.24
N PHE A 206 -22.42 -23.69 -12.03
CA PHE A 206 -21.64 -22.47 -11.89
C PHE A 206 -22.53 -21.47 -11.15
N ASP A 207 -22.16 -21.15 -9.94
CA ASP A 207 -22.99 -20.39 -9.03
C ASP A 207 -22.26 -19.08 -8.76
N ARG A 208 -22.70 -18.01 -9.41
CA ARG A 208 -22.14 -16.69 -9.22
C ARG A 208 -20.66 -16.66 -9.53
N CYS A 209 -20.29 -17.22 -10.67
CA CYS A 209 -18.89 -17.19 -11.14
C CYS A 209 -18.67 -15.86 -11.84
N ASN A 210 -18.18 -14.87 -11.07
CA ASN A 210 -18.18 -13.47 -11.47
C ASN A 210 -16.78 -12.94 -11.70
N GLY A 211 -15.84 -13.80 -12.07
CA GLY A 211 -14.46 -13.39 -12.08
C GLY A 211 -14.16 -12.34 -13.13
N GLU A 212 -14.77 -12.47 -14.29
CA GLU A 212 -14.45 -11.67 -15.47
C GLU A 212 -15.50 -12.00 -16.51
N VAL A 213 -15.28 -11.56 -17.76
CA VAL A 213 -16.34 -11.70 -18.74
C VAL A 213 -16.47 -13.14 -19.22
N GLU A 214 -15.39 -13.92 -19.19
CA GLU A 214 -15.45 -15.31 -19.62
C GLU A 214 -15.58 -16.21 -18.40
N ILE A 215 -16.74 -16.84 -18.23
CA ILE A 215 -16.83 -17.91 -17.24
C ILE A 215 -16.04 -19.12 -17.72
N ILE A 216 -16.44 -19.65 -18.87
CA ILE A 216 -15.73 -20.72 -19.57
C ILE A 216 -15.04 -20.10 -20.78
N SER A 217 -13.76 -20.42 -20.97
CA SER A 217 -13.03 -20.05 -22.16
C SER A 217 -12.62 -21.33 -22.87
N ASN A 218 -13.28 -21.64 -23.98
CA ASN A 218 -12.92 -22.80 -24.78
C ASN A 218 -11.90 -22.39 -25.82
N LYS A 219 -10.77 -23.09 -25.83
CA LYS A 219 -9.70 -22.77 -26.76
C LYS A 219 -9.09 -24.06 -27.31
N SER A 220 -9.94 -24.97 -27.79
CA SER A 220 -9.50 -26.24 -28.32
C SER A 220 -10.58 -26.73 -29.26
N GLY A 221 -10.33 -27.88 -29.88
CA GLY A 221 -11.24 -28.44 -30.85
C GLY A 221 -12.11 -29.53 -30.26
N LYS A 222 -13.34 -29.60 -30.73
CA LYS A 222 -14.22 -30.76 -30.57
C LYS A 222 -14.50 -31.09 -29.11
N ASN A 223 -14.48 -30.09 -28.24
CA ASN A 223 -14.95 -30.29 -26.89
C ASN A 223 -16.47 -30.30 -26.84
N SER A 224 -16.98 -30.72 -25.69
CA SER A 224 -18.41 -30.93 -25.54
C SER A 224 -18.82 -30.34 -24.20
N ILE A 225 -19.55 -29.23 -24.24
CA ILE A 225 -19.99 -28.55 -23.03
C ILE A 225 -21.51 -28.66 -22.99
N ARG A 226 -22.03 -29.45 -22.05
CA ARG A 226 -23.44 -29.78 -22.07
C ARG A 226 -23.99 -29.98 -20.67
N ASN A 227 -25.29 -29.72 -20.52
CA ASN A 227 -26.05 -30.03 -19.30
C ASN A 227 -25.52 -29.29 -18.08
N ASN A 228 -24.91 -28.13 -18.28
CA ASN A 228 -24.46 -27.28 -17.19
C ASN A 228 -25.50 -26.22 -16.87
N VAL A 229 -25.43 -25.72 -15.65
CA VAL A 229 -26.33 -24.67 -15.17
C VAL A 229 -25.49 -23.50 -14.69
N PHE A 230 -25.78 -22.31 -15.23
CA PHE A 230 -25.05 -21.07 -14.94
C PHE A 230 -26.02 -20.15 -14.22
N PHE A 231 -25.80 -19.92 -12.93
CA PHE A 231 -26.77 -19.24 -12.09
C PHE A 231 -26.22 -17.88 -11.68
N GLU A 232 -26.84 -16.80 -12.19
CA GLU A 232 -26.51 -15.46 -11.75
C GLU A 232 -25.02 -15.20 -11.90
N SER A 233 -24.45 -15.69 -13.00
CA SER A 233 -23.03 -15.59 -13.27
C SER A 233 -22.78 -14.47 -14.26
N ARG A 234 -21.88 -13.57 -13.88
CA ARG A 234 -21.58 -12.36 -14.61
C ARG A 234 -20.47 -12.64 -15.62
N GLY A 235 -20.84 -13.34 -16.67
CA GLY A 235 -19.89 -13.73 -17.68
C GLY A 235 -20.58 -14.57 -18.73
N THR A 236 -19.77 -15.22 -19.56
CA THR A 236 -20.27 -15.91 -20.74
C THR A 236 -19.59 -17.27 -20.90
N LEU A 237 -20.22 -18.10 -21.72
CA LEU A 237 -19.58 -19.27 -22.27
C LEU A 237 -19.05 -18.85 -23.64
N THR A 238 -17.74 -18.62 -23.74
CA THR A 238 -17.12 -18.11 -24.96
C THR A 238 -16.34 -19.21 -25.66
N LEU A 239 -16.70 -19.47 -26.92
CA LEU A 239 -15.91 -20.29 -27.83
C LEU A 239 -14.82 -19.43 -28.47
N ALA A 240 -13.84 -19.07 -27.65
CA ALA A 240 -12.76 -18.16 -28.03
C ALA A 240 -12.01 -18.63 -29.27
N HIS A 241 -11.23 -19.69 -29.12
CA HIS A 241 -10.47 -20.28 -30.20
C HIS A 241 -10.87 -21.75 -30.33
N GLY A 242 -10.67 -22.30 -31.52
CA GLY A 242 -10.90 -23.72 -31.72
C GLY A 242 -12.28 -24.05 -32.24
N ASN A 243 -12.37 -25.05 -33.10
CA ASN A 243 -13.53 -25.34 -33.92
C ASN A 243 -14.16 -26.67 -33.52
N GLY A 244 -15.33 -26.95 -34.08
CA GLY A 244 -15.98 -28.23 -33.91
C GLY A 244 -16.60 -28.51 -32.56
N ASN A 245 -16.75 -27.51 -31.71
CA ASN A 245 -17.27 -27.70 -30.37
C ASN A 245 -18.78 -27.76 -30.38
N ILE A 246 -19.36 -28.42 -29.38
CA ILE A 246 -20.80 -28.47 -29.22
C ILE A 246 -21.18 -27.96 -27.85
N VAL A 247 -22.13 -27.02 -27.82
CA VAL A 247 -22.65 -26.39 -26.62
C VAL A 247 -24.14 -26.69 -26.59
N GLU A 248 -24.57 -27.59 -25.69
CA GLU A 248 -25.95 -28.08 -25.72
C GLU A 248 -26.49 -28.34 -24.33
N ASN A 249 -27.83 -28.32 -24.24
CA ASN A 249 -28.61 -28.58 -23.03
C ASN A 249 -28.19 -27.75 -21.83
N ASN A 250 -27.58 -26.60 -22.04
CA ASN A 250 -27.20 -25.74 -20.94
C ASN A 250 -28.32 -24.80 -20.53
N VAL A 251 -28.29 -24.37 -19.27
CA VAL A 251 -29.31 -23.52 -18.69
C VAL A 251 -28.64 -22.33 -18.03
N PHE A 252 -29.10 -21.12 -18.39
CA PHE A 252 -28.59 -19.87 -17.82
C PHE A 252 -29.74 -19.18 -17.10
N PHE A 253 -29.62 -19.05 -15.79
CA PHE A 253 -30.59 -18.35 -14.95
C PHE A 253 -29.91 -17.04 -14.56
N GLY A 254 -30.18 -15.97 -15.30
CA GLY A 254 -29.60 -14.69 -14.93
C GLY A 254 -30.35 -13.99 -13.82
N ASN A 255 -31.64 -14.24 -13.69
CA ASN A 255 -32.45 -13.57 -12.67
C ASN A 255 -32.34 -12.06 -12.79
N GLY A 256 -32.16 -11.57 -14.00
CA GLY A 256 -32.02 -10.14 -14.23
C GLY A 256 -30.83 -9.51 -13.55
N VAL A 257 -29.81 -10.30 -13.23
CA VAL A 257 -28.66 -9.76 -12.52
C VAL A 257 -27.75 -9.05 -13.52
N ASP A 258 -27.15 -7.96 -13.06
CA ASP A 258 -26.32 -7.11 -13.88
C ASP A 258 -25.20 -7.90 -14.52
N HIS A 259 -25.10 -7.81 -15.84
CA HIS A 259 -23.98 -8.34 -16.62
C HIS A 259 -23.98 -9.86 -16.69
N THR A 260 -25.15 -10.46 -16.83
CA THR A 260 -25.24 -11.89 -17.08
C THR A 260 -25.28 -12.15 -18.58
N GLY A 261 -24.24 -12.84 -19.10
CA GLY A 261 -24.23 -13.49 -20.42
C GLY A 261 -24.81 -14.89 -20.32
N GLY A 262 -24.80 -15.73 -21.35
CA GLY A 262 -24.13 -15.53 -22.60
C GLY A 262 -23.41 -16.74 -23.22
N ILE A 263 -23.82 -17.10 -24.44
CA ILE A 263 -23.04 -17.98 -25.29
C ILE A 263 -22.44 -17.13 -26.40
N ARG A 264 -21.11 -17.08 -26.47
CA ARG A 264 -20.43 -16.29 -27.49
C ARG A 264 -19.84 -17.22 -28.53
N VAL A 265 -20.30 -17.11 -29.77
CA VAL A 265 -19.90 -18.00 -30.85
C VAL A 265 -18.83 -17.33 -31.69
N ILE A 266 -17.71 -17.98 -31.82
CA ILE A 266 -16.64 -17.52 -32.61
C ILE A 266 -16.13 -18.76 -33.31
N ASN A 267 -15.52 -18.61 -34.46
CA ASN A 267 -14.96 -19.73 -35.18
C ASN A 267 -15.85 -20.67 -35.94
N ARG A 268 -15.32 -21.83 -36.26
CA ARG A 268 -15.98 -22.79 -37.11
C ARG A 268 -16.66 -24.02 -36.56
N ASP A 269 -17.70 -24.45 -37.24
CA ASP A 269 -18.37 -25.73 -37.00
C ASP A 269 -18.89 -25.88 -35.57
N GLN A 270 -19.30 -24.77 -34.96
CA GLN A 270 -19.86 -24.80 -33.61
C GLN A 270 -21.35 -25.11 -33.68
N ILE A 271 -21.79 -26.01 -32.81
CA ILE A 271 -23.20 -26.33 -32.66
C ILE A 271 -23.68 -25.81 -31.32
N ILE A 272 -24.74 -25.01 -31.34
CA ILE A 272 -25.33 -24.42 -30.15
C ILE A 272 -26.79 -24.87 -30.18
N ARG A 273 -27.13 -25.89 -29.40
CA ARG A 273 -28.47 -26.46 -29.51
C ARG A 273 -29.07 -26.73 -28.14
N ASN A 274 -30.38 -26.54 -28.06
CA ASN A 274 -31.20 -26.94 -26.92
C ASN A 274 -30.76 -26.27 -25.62
N ASN A 275 -30.21 -25.07 -25.71
CA ASN A 275 -29.85 -24.32 -24.51
C ASN A 275 -30.98 -23.40 -24.10
N TYR A 276 -31.17 -23.23 -22.79
CA TYR A 276 -32.18 -22.35 -22.23
C TYR A 276 -31.52 -21.14 -21.57
N LEU A 277 -31.81 -19.94 -22.09
CA LEU A 277 -31.24 -18.72 -21.54
C LEU A 277 -32.38 -17.83 -21.07
N GLU A 278 -32.27 -17.26 -19.86
CA GLU A 278 -33.36 -16.51 -19.28
C GLU A 278 -32.83 -15.41 -18.40
N GLY A 279 -33.39 -14.21 -18.55
CA GLY A 279 -33.08 -13.10 -17.67
C GLY A 279 -31.65 -12.61 -17.74
N LEU A 280 -31.05 -12.59 -18.92
CA LEU A 280 -29.66 -12.20 -19.10
C LEU A 280 -29.58 -10.75 -19.58
N THR A 281 -28.84 -9.93 -18.84
CA THR A 281 -28.79 -8.50 -19.07
C THR A 281 -27.50 -8.06 -19.73
N GLY A 282 -26.58 -8.97 -19.99
CA GLY A 282 -25.28 -8.59 -20.51
C GLY A 282 -25.40 -8.03 -21.91
N TYR A 283 -24.38 -7.29 -22.31
CA TYR A 283 -24.40 -6.65 -23.62
C TYR A 283 -22.98 -6.59 -24.16
N ARG A 284 -22.86 -6.14 -25.40
CA ARG A 284 -21.61 -6.16 -26.18
C ARG A 284 -21.11 -7.61 -26.11
N PHE A 285 -19.85 -7.85 -25.78
CA PHE A 285 -19.34 -9.21 -25.86
C PHE A 285 -19.90 -10.11 -24.76
N GLY A 286 -20.56 -9.54 -23.75
CA GLY A 286 -21.14 -10.34 -22.70
C GLY A 286 -22.63 -10.54 -22.90
N SER A 287 -23.08 -10.46 -24.14
CA SER A 287 -24.50 -10.59 -24.44
C SER A 287 -24.98 -12.01 -24.19
N GLY A 288 -26.29 -12.16 -24.06
CA GLY A 288 -26.85 -13.48 -23.89
C GLY A 288 -26.52 -14.42 -25.03
N LEU A 289 -26.48 -13.91 -26.25
CA LEU A 289 -26.06 -14.70 -27.40
C LEU A 289 -25.33 -13.77 -28.33
N THR A 290 -24.10 -14.14 -28.68
CA THR A 290 -23.22 -13.27 -29.44
C THR A 290 -22.62 -14.07 -30.56
N VAL A 291 -22.72 -13.57 -31.78
CA VAL A 291 -22.11 -14.19 -32.94
C VAL A 291 -21.04 -13.23 -33.45
N MET A 292 -19.79 -13.54 -33.15
CA MET A 292 -18.72 -12.59 -33.40
C MET A 292 -18.40 -12.45 -34.88
N ASN A 293 -17.85 -11.29 -35.21
CA ASN A 293 -17.10 -11.08 -36.44
C ASN A 293 -15.66 -11.50 -36.21
N GLY A 294 -15.02 -12.04 -37.21
CA GLY A 294 -13.66 -12.48 -37.00
C GLY A 294 -12.61 -11.70 -37.71
N VAL A 295 -11.37 -12.08 -37.46
CA VAL A 295 -10.24 -11.45 -38.09
C VAL A 295 -9.99 -12.36 -39.25
N PRO A 296 -9.85 -11.80 -40.42
CA PRO A 296 -9.71 -12.61 -41.64
C PRO A 296 -8.38 -13.24 -41.98
N ASN A 297 -7.28 -12.54 -41.91
CA ASN A 297 -6.02 -13.16 -42.30
C ASN A 297 -4.85 -12.99 -41.36
N SER A 298 -4.77 -13.71 -40.24
CA SER A 298 -5.70 -14.68 -39.72
C SER A 298 -4.85 -15.55 -38.81
N LYS A 299 -4.22 -14.92 -37.82
CA LYS A 299 -3.39 -15.70 -36.91
C LYS A 299 -4.17 -16.43 -35.84
N ILE A 300 -3.46 -17.16 -34.98
CA ILE A 300 -4.09 -17.98 -33.97
C ILE A 300 -4.61 -17.29 -32.74
N ASN A 301 -3.86 -16.34 -32.26
CA ASN A 301 -4.31 -15.62 -31.08
C ASN A 301 -5.43 -14.67 -31.49
N ARG A 302 -6.07 -14.96 -32.62
CA ARG A 302 -7.05 -14.07 -33.21
C ARG A 302 -8.38 -14.79 -33.41
N TYR A 303 -9.46 -14.10 -33.05
CA TYR A 303 -10.80 -14.61 -33.28
C TYR A 303 -11.03 -14.80 -34.77
N HIS A 304 -11.39 -16.01 -35.17
CA HIS A 304 -11.57 -16.33 -36.58
C HIS A 304 -13.03 -16.24 -36.96
N GLN A 305 -13.26 -15.91 -38.22
CA GLN A 305 -14.59 -15.76 -38.77
C GLN A 305 -15.49 -16.93 -38.37
N VAL A 306 -16.73 -16.61 -37.97
CA VAL A 306 -17.72 -17.63 -37.70
C VAL A 306 -18.10 -18.29 -39.01
N ASP A 307 -18.02 -19.61 -39.06
CA ASP A 307 -18.17 -20.35 -40.30
C ASP A 307 -18.85 -21.67 -39.97
N ASN A 308 -20.02 -21.89 -40.56
CA ASN A 308 -20.83 -23.09 -40.32
C ASN A 308 -21.19 -23.24 -38.85
N ALA A 309 -21.70 -22.17 -38.25
CA ALA A 309 -22.36 -22.25 -36.96
C ALA A 309 -23.75 -22.82 -37.14
N LEU A 310 -24.17 -23.67 -36.21
CA LEU A 310 -25.54 -24.18 -36.16
C LEU A 310 -26.12 -23.75 -34.82
N ILE A 311 -27.12 -22.91 -34.84
CA ILE A 311 -27.72 -22.37 -33.62
C ILE A 311 -29.19 -22.75 -33.67
N GLU A 312 -29.58 -23.82 -32.98
CA GLU A 312 -30.97 -24.26 -33.11
C GLU A 312 -31.55 -24.75 -31.79
N ASN A 313 -32.87 -24.67 -31.72
CA ASN A 313 -33.69 -25.14 -30.61
C ASN A 313 -33.30 -24.53 -29.26
N ASN A 314 -32.70 -23.33 -29.29
CA ASN A 314 -32.48 -22.56 -28.06
C ASN A 314 -33.73 -21.78 -27.68
N THR A 315 -33.89 -21.54 -26.38
CA THR A 315 -34.97 -20.72 -25.85
C THR A 315 -34.34 -19.56 -25.11
N LEU A 316 -34.74 -18.35 -25.47
CA LEU A 316 -34.23 -17.12 -24.89
C LEU A 316 -35.41 -16.34 -24.34
N VAL A 317 -35.45 -16.18 -23.03
CA VAL A 317 -36.54 -15.51 -22.33
C VAL A 317 -35.94 -14.30 -21.65
N ASN A 318 -36.43 -13.12 -22.00
CA ASN A 318 -35.88 -11.85 -21.51
C ASN A 318 -34.36 -11.85 -21.59
N VAL A 319 -33.85 -12.23 -22.75
CA VAL A 319 -32.43 -12.04 -23.04
C VAL A 319 -32.28 -10.71 -23.75
N GLU A 320 -31.69 -9.74 -23.06
CA GLU A 320 -31.78 -8.36 -23.53
C GLU A 320 -30.91 -8.09 -24.74
N HIS A 321 -29.91 -8.91 -25.05
CA HIS A 321 -29.08 -8.61 -26.20
C HIS A 321 -28.69 -9.88 -26.93
N ILE A 322 -29.01 -9.93 -28.22
CA ILE A 322 -28.66 -11.01 -29.13
C ILE A 322 -27.93 -10.32 -30.27
N GLN A 323 -26.60 -10.41 -30.31
CA GLN A 323 -25.81 -9.54 -31.17
C GLN A 323 -25.19 -10.33 -32.31
N PHE A 324 -25.54 -9.98 -33.53
CA PHE A 324 -25.01 -10.64 -34.71
C PHE A 324 -23.92 -9.79 -35.31
N ALA A 325 -22.86 -10.45 -35.77
CA ALA A 325 -21.69 -9.81 -36.37
C ALA A 325 -21.01 -8.84 -35.42
N ALA A 326 -21.10 -9.12 -34.12
CA ALA A 326 -20.63 -8.17 -33.11
C ALA A 326 -19.12 -8.00 -33.19
N GLY A 327 -18.64 -6.80 -32.83
CA GLY A 327 -17.23 -6.50 -32.96
C GLY A 327 -16.78 -6.03 -34.32
N SER A 328 -17.68 -5.96 -35.30
CA SER A 328 -17.31 -5.56 -36.66
C SER A 328 -16.57 -4.23 -36.66
N ASP A 329 -15.36 -4.26 -37.18
CA ASP A 329 -14.56 -3.06 -37.34
C ASP A 329 -13.62 -3.28 -38.53
N LYS A 330 -12.53 -2.53 -38.59
CA LYS A 330 -11.66 -2.67 -39.75
C LYS A 330 -10.81 -3.92 -39.68
N GLU A 331 -10.33 -4.31 -38.49
CA GLU A 331 -9.61 -5.58 -38.40
C GLU A 331 -10.57 -6.75 -38.36
N ARG A 332 -11.62 -6.65 -37.56
CA ARG A 332 -12.62 -7.72 -37.45
C ARG A 332 -13.69 -7.53 -38.54
N SER A 333 -13.28 -7.86 -39.77
CA SER A 333 -14.03 -7.53 -40.97
C SER A 333 -14.67 -8.72 -41.65
N ALA A 334 -14.58 -9.91 -41.09
CA ALA A 334 -15.15 -11.11 -41.68
C ALA A 334 -16.46 -11.45 -40.98
N ALA A 335 -17.56 -11.22 -41.67
CA ALA A 335 -18.88 -11.48 -41.14
C ALA A 335 -19.17 -12.97 -41.13
N PRO A 336 -20.17 -13.41 -40.36
CA PRO A 336 -20.53 -14.82 -40.34
C PRO A 336 -20.81 -15.38 -41.73
N ILE A 337 -20.63 -16.69 -41.86
CA ILE A 337 -20.59 -17.35 -43.15
C ILE A 337 -21.19 -18.75 -42.98
N ASN A 338 -22.04 -19.16 -43.91
CA ASN A 338 -22.52 -20.55 -44.02
C ASN A 338 -23.15 -21.06 -42.72
N SER A 339 -23.81 -20.19 -41.98
CA SER A 339 -24.35 -20.58 -40.68
C SER A 339 -25.87 -20.72 -40.76
N ASN A 340 -26.46 -21.26 -39.71
CA ASN A 340 -27.90 -21.45 -39.69
C ASN A 340 -28.45 -21.27 -38.28
N MET A 341 -29.59 -20.59 -38.19
CA MET A 341 -30.27 -20.38 -36.92
C MET A 341 -31.72 -20.81 -37.09
N ASN A 342 -32.09 -21.95 -36.49
CA ASN A 342 -33.40 -22.56 -36.72
C ASN A 342 -34.12 -22.82 -35.41
N ASN A 343 -35.45 -22.80 -35.47
CA ASN A 343 -36.31 -23.37 -34.43
C ASN A 343 -35.99 -22.86 -33.04
N ASN A 344 -35.44 -21.66 -32.95
CA ASN A 344 -35.28 -21.00 -31.66
C ASN A 344 -36.55 -20.27 -31.26
N LEU A 345 -36.62 -19.92 -29.99
CA LEU A 345 -37.80 -19.27 -29.42
C LEU A 345 -37.32 -18.10 -28.58
N ILE A 346 -37.73 -16.90 -28.96
CA ILE A 346 -37.41 -15.67 -28.24
C ILE A 346 -38.70 -15.11 -27.68
N VAL A 347 -38.71 -14.85 -26.38
CA VAL A 347 -39.86 -14.28 -25.71
C VAL A 347 -39.33 -13.18 -24.82
N ASN A 348 -39.57 -11.94 -25.20
CA ASN A 348 -39.05 -10.78 -24.49
C ASN A 348 -40.20 -9.85 -24.20
N ASP A 349 -40.29 -9.36 -22.96
CA ASP A 349 -41.40 -8.51 -22.53
C ASP A 349 -41.01 -7.03 -22.42
N GLN A 350 -40.02 -6.59 -23.18
CA GLN A 350 -39.57 -5.21 -23.15
C GLN A 350 -39.70 -4.56 -24.52
N GLY A 351 -40.68 -4.98 -25.31
CA GLY A 351 -40.98 -4.35 -26.58
C GLY A 351 -40.11 -4.76 -27.74
N THR A 352 -38.93 -5.33 -27.50
CA THR A 352 -37.97 -5.62 -28.55
C THR A 352 -37.54 -7.07 -28.47
N ASP A 353 -37.01 -7.58 -29.58
CA ASP A 353 -36.48 -8.93 -29.62
C ASP A 353 -35.01 -9.00 -29.23
N GLY A 354 -34.42 -7.87 -28.84
CA GLY A 354 -33.05 -7.83 -28.40
C GLY A 354 -31.99 -7.99 -29.47
N ILE A 355 -32.36 -8.14 -30.74
CA ILE A 355 -31.41 -8.43 -31.80
C ILE A 355 -30.79 -7.14 -32.32
N THR A 356 -29.47 -7.16 -32.48
CA THR A 356 -28.75 -6.13 -33.20
C THR A 356 -27.77 -6.84 -34.11
N ALA A 357 -27.74 -6.46 -35.39
CA ALA A 357 -26.73 -6.95 -36.32
C ALA A 357 -25.77 -5.81 -36.65
N PHE A 358 -24.48 -6.04 -36.51
CA PHE A 358 -23.49 -4.98 -36.67
C PHE A 358 -22.77 -5.03 -38.01
N ASP A 359 -23.18 -5.92 -38.90
CA ASP A 359 -22.50 -6.08 -40.19
C ASP A 359 -23.44 -6.91 -41.05
N ASP A 360 -22.98 -7.23 -42.26
CA ASP A 360 -23.74 -8.11 -43.14
C ASP A 360 -24.02 -9.44 -42.44
N ILE A 361 -25.29 -9.84 -42.39
CA ILE A 361 -25.62 -11.11 -41.74
C ILE A 361 -26.34 -12.03 -42.69
N SER A 362 -26.06 -11.89 -43.99
CA SER A 362 -26.63 -12.79 -44.98
C SER A 362 -25.98 -14.15 -44.91
N GLY A 363 -24.79 -14.24 -44.37
CA GLY A 363 -24.15 -15.51 -44.14
C GLY A 363 -24.80 -16.38 -43.09
N ILE A 364 -25.87 -15.91 -42.44
CA ILE A 364 -26.63 -16.70 -41.48
C ILE A 364 -28.04 -16.83 -42.04
N LYS A 365 -28.42 -18.04 -42.44
CA LYS A 365 -29.80 -18.32 -42.80
C LYS A 365 -30.64 -18.55 -41.56
N PHE A 366 -31.81 -17.93 -41.51
CA PHE A 366 -32.73 -18.06 -40.41
C PHE A 366 -33.95 -18.81 -40.91
N LYS A 367 -34.41 -19.79 -40.13
CA LYS A 367 -35.59 -20.55 -40.54
C LYS A 367 -36.37 -20.99 -39.32
N ASP A 368 -37.69 -20.80 -39.39
CA ASP A 368 -38.62 -21.35 -38.41
C ASP A 368 -38.29 -20.91 -36.99
N ASN A 369 -38.07 -19.63 -36.79
CA ASN A 369 -37.95 -19.07 -35.46
C ASN A 369 -39.23 -18.35 -35.05
N LEU A 370 -39.53 -18.35 -33.76
CA LEU A 370 -40.75 -17.76 -33.23
C LEU A 370 -40.45 -16.65 -32.23
N LEU A 371 -41.32 -15.64 -32.19
CA LEU A 371 -41.18 -14.49 -31.31
C LEU A 371 -42.56 -14.07 -30.81
N ASN A 372 -42.61 -13.55 -29.59
CA ASN A 372 -43.91 -13.16 -29.04
C ASN A 372 -44.44 -11.88 -29.70
N GLN A 373 -45.76 -11.70 -29.62
CA GLN A 373 -46.44 -10.62 -30.36
C GLN A 373 -45.89 -9.24 -30.03
N ASP A 374 -45.61 -8.99 -28.76
CA ASP A 374 -45.28 -7.63 -28.33
C ASP A 374 -43.87 -7.20 -28.69
N ALA A 375 -42.99 -8.12 -29.05
CA ALA A 375 -41.62 -7.74 -29.35
C ALA A 375 -41.54 -7.19 -30.77
N LYS A 376 -40.96 -6.00 -30.91
CA LYS A 376 -40.66 -5.45 -32.22
C LYS A 376 -39.58 -6.26 -32.90
N PRO A 377 -39.86 -6.89 -34.05
CA PRO A 377 -38.81 -7.63 -34.76
C PRO A 377 -37.66 -6.75 -35.25
N SER A 378 -36.46 -7.33 -35.25
CA SER A 378 -35.30 -6.74 -35.89
C SER A 378 -34.89 -7.49 -37.15
N ILE A 379 -35.39 -8.70 -37.34
CA ILE A 379 -35.24 -9.47 -38.58
C ILE A 379 -36.62 -10.00 -38.92
N ASN A 380 -36.93 -10.10 -40.20
CA ASN A 380 -38.24 -10.58 -40.62
C ASN A 380 -38.22 -11.95 -41.30
N LYS A 381 -37.22 -12.21 -42.14
CA LYS A 381 -37.10 -13.49 -42.81
C LYS A 381 -36.62 -14.56 -41.84
N GLY A 382 -37.36 -15.65 -41.74
CA GLY A 382 -37.04 -16.70 -40.81
C GLY A 382 -37.58 -16.50 -39.42
N PHE A 383 -38.20 -15.36 -39.15
CA PHE A 383 -38.87 -15.12 -37.88
C PHE A 383 -40.34 -14.88 -38.14
N GLU A 384 -41.16 -15.30 -37.22
CA GLU A 384 -42.59 -15.15 -37.37
C GLU A 384 -43.13 -14.97 -35.97
N GLN A 385 -44.07 -14.05 -35.82
CA GLN A 385 -44.59 -13.75 -34.51
C GLN A 385 -45.86 -14.53 -34.27
N ALA A 386 -46.18 -14.69 -32.99
CA ALA A 386 -47.36 -15.42 -32.57
C ALA A 386 -47.70 -14.98 -31.17
N ASP A 387 -48.91 -15.25 -30.77
CA ASP A 387 -49.36 -15.08 -29.39
C ASP A 387 -48.83 -16.24 -28.56
N ILE A 388 -47.96 -15.94 -27.61
CA ILE A 388 -47.27 -16.96 -26.84
C ILE A 388 -47.59 -16.78 -25.37
N THR A 389 -48.00 -17.85 -24.71
CA THR A 389 -48.12 -17.90 -23.26
C THR A 389 -47.15 -18.94 -22.74
N MET A 390 -46.25 -18.52 -21.86
CA MET A 390 -45.21 -19.38 -21.33
C MET A 390 -45.60 -19.85 -19.93
N GLN A 391 -45.64 -21.15 -19.72
CA GLN A 391 -45.81 -21.70 -18.38
C GLN A 391 -44.53 -22.40 -17.94
N ARG A 392 -44.18 -22.24 -16.67
CA ARG A 392 -42.98 -22.85 -16.13
C ARG A 392 -43.26 -24.31 -15.77
N HIS A 393 -42.54 -25.22 -16.39
CA HIS A 393 -42.68 -26.66 -16.15
C HIS A 393 -42.03 -27.06 -14.83
N ASP A 394 -42.11 -28.33 -14.48
CA ASP A 394 -41.57 -28.73 -13.19
C ASP A 394 -40.04 -28.80 -13.21
N ASN A 395 -39.44 -28.85 -14.40
CA ASN A 395 -38.01 -28.70 -14.49
C ASN A 395 -37.58 -27.25 -14.32
N GLY A 396 -38.50 -26.34 -14.05
CA GLY A 396 -38.13 -24.95 -13.80
C GLY A 396 -37.92 -24.10 -15.03
N LEU A 397 -38.40 -24.53 -16.19
CA LEU A 397 -38.19 -23.83 -17.44
C LEU A 397 -39.54 -23.44 -18.05
N LEU A 398 -39.54 -22.33 -18.78
CA LEU A 398 -40.72 -21.81 -19.42
C LEU A 398 -40.87 -22.40 -20.82
N TYR A 399 -42.08 -22.87 -21.14
CA TYR A 399 -42.42 -23.46 -22.41
C TYR A 399 -43.72 -22.86 -22.92
N PRO A 400 -43.88 -22.75 -24.23
CA PRO A 400 -45.16 -22.27 -24.77
C PRO A 400 -46.30 -23.15 -24.28
N GLU A 401 -47.46 -22.57 -24.11
CA GLU A 401 -48.60 -23.36 -23.72
C GLU A 401 -49.11 -24.12 -24.93
N ALA A 402 -48.95 -23.56 -26.11
CA ALA A 402 -49.41 -24.20 -27.31
C ALA A 402 -48.54 -25.33 -27.79
N LYS A 403 -49.15 -26.42 -28.21
CA LYS A 403 -48.40 -27.55 -28.69
C LYS A 403 -47.81 -27.21 -30.02
N THR A 404 -48.55 -26.45 -30.79
CA THR A 404 -48.15 -26.00 -32.08
C THR A 404 -46.85 -25.32 -31.98
N GLN A 405 -46.65 -24.65 -30.85
CA GLN A 405 -45.47 -23.87 -30.60
C GLN A 405 -44.34 -24.57 -29.90
N GLN A 406 -44.48 -25.84 -29.57
CA GLN A 406 -43.44 -26.51 -28.81
C GLN A 406 -42.34 -27.04 -29.71
N LYS A 407 -42.47 -26.91 -31.03
CA LYS A 407 -41.38 -27.27 -31.92
C LYS A 407 -40.35 -26.16 -32.08
N TYR A 408 -40.48 -25.08 -31.31
CA TYR A 408 -39.49 -24.00 -31.24
C TYR A 408 -38.92 -23.95 -29.83
N GLY A 409 -37.64 -23.73 -29.73
CA GLY A 409 -37.00 -23.70 -28.44
C GLY A 409 -36.58 -25.07 -27.95
N VAL A 410 -36.31 -25.11 -26.64
CA VAL A 410 -35.74 -26.30 -26.02
C VAL A 410 -36.77 -27.40 -25.92
N SER A 411 -36.27 -28.62 -25.80
CA SER A 411 -37.11 -29.78 -25.58
C SER A 411 -37.71 -29.76 -24.18
N THR A 412 -38.88 -30.36 -24.03
CA THR A 412 -39.42 -30.49 -22.69
C THR A 412 -38.67 -31.52 -21.84
N GLN A 413 -37.75 -32.27 -22.43
CA GLN A 413 -37.06 -33.34 -21.73
C GLN A 413 -35.97 -32.83 -20.81
N LEU A 414 -35.46 -31.61 -21.03
CA LEU A 414 -34.38 -31.10 -20.22
C LEU A 414 -34.69 -31.26 -18.74
N GLU A 415 -33.66 -31.64 -17.98
CA GLU A 415 -33.72 -31.70 -16.52
C GLU A 415 -32.47 -30.99 -16.00
N PRO A 416 -32.56 -29.70 -15.71
CA PRO A 416 -31.36 -28.97 -15.30
C PRO A 416 -30.89 -29.46 -13.95
N ILE A 417 -29.60 -29.74 -13.85
CA ILE A 417 -29.07 -30.30 -12.61
C ILE A 417 -29.11 -29.25 -11.52
N GLY A 418 -29.51 -29.65 -10.32
CA GLY A 418 -29.66 -28.71 -9.25
C GLY A 418 -28.36 -28.42 -8.52
N LYS A 419 -28.40 -27.38 -7.70
CA LYS A 419 -27.24 -27.00 -6.90
C LYS A 419 -26.94 -28.06 -5.84
N ASP A 420 -27.96 -28.77 -5.39
CA ASP A 420 -27.82 -29.81 -4.37
C ASP A 420 -27.53 -31.17 -4.98
N GLU A 421 -27.29 -31.23 -6.29
CA GLU A 421 -26.85 -32.45 -6.95
C GLU A 421 -25.40 -32.38 -7.38
N VAL A 422 -24.63 -31.40 -6.91
CA VAL A 422 -23.24 -31.25 -7.30
C VAL A 422 -22.42 -31.09 -6.04
N GLY A 423 -21.12 -31.17 -6.20
CA GLY A 423 -20.27 -31.09 -5.04
C GLY A 423 -20.41 -32.32 -4.15
N VAL A 424 -20.24 -32.10 -2.86
CA VAL A 424 -20.29 -33.16 -1.87
C VAL A 424 -21.35 -32.81 -0.85
N SER A 425 -22.03 -33.84 -0.36
CA SER A 425 -23.10 -33.59 0.59
C SER A 425 -22.57 -33.38 2.00
N TRP A 426 -21.27 -33.54 2.21
CA TRP A 426 -20.63 -33.37 3.51
C TRP A 426 -19.92 -32.04 3.66
N TYR A 427 -20.00 -31.16 2.67
CA TYR A 427 -19.46 -29.82 2.79
C TYR A 427 -20.55 -28.82 2.40
N PRO A 428 -20.77 -27.79 3.19
CA PRO A 428 -21.91 -26.89 2.94
C PRO A 428 -21.63 -25.89 1.83
N LYS A 429 -22.69 -25.49 1.13
CA LYS A 429 -22.63 -24.42 0.14
C LYS A 429 -23.21 -23.17 0.78
N VAL A 430 -22.34 -22.34 1.35
CA VAL A 430 -22.78 -21.17 2.12
C VAL A 430 -22.81 -19.95 1.22
N GLU A 431 -23.32 -18.82 1.74
CA GLU A 431 -23.31 -17.55 1.02
C GLU A 431 -21.93 -16.92 1.07
N PRO A 432 -21.40 -16.42 -0.05
CA PRO A 432 -20.09 -15.76 0.02
C PRO A 432 -20.06 -14.43 0.77
N ASP A 433 -21.20 -13.78 1.01
CA ASP A 433 -21.20 -12.50 1.71
C ASP A 433 -22.12 -12.53 2.92
N VAL A 434 -21.72 -11.78 3.94
CA VAL A 434 -22.60 -11.49 5.06
C VAL A 434 -23.43 -10.25 4.73
N ALA A 435 -24.74 -10.37 4.84
CA ALA A 435 -25.63 -9.24 4.57
C ALA A 435 -25.63 -8.25 5.73
N PHE A 436 -25.68 -6.97 5.40
CA PHE A 436 -25.77 -5.95 6.43
C PHE A 436 -27.04 -6.12 7.26
N GLY A 437 -26.92 -5.93 8.57
CA GLY A 437 -28.10 -5.98 9.39
C GLY A 437 -28.70 -7.34 9.54
N SER A 438 -27.94 -8.40 9.25
CA SER A 438 -28.35 -9.78 9.46
C SER A 438 -28.07 -10.27 10.87
N GLY A 439 -27.27 -9.56 11.62
CA GLY A 439 -26.95 -9.93 12.98
C GLY A 439 -27.90 -9.31 13.97
N LYS A 440 -27.37 -9.00 15.15
CA LYS A 440 -28.12 -8.44 16.26
C LYS A 440 -27.81 -6.96 16.40
N HIS A 441 -28.65 -6.29 17.17
CA HIS A 441 -28.47 -4.88 17.50
C HIS A 441 -27.83 -4.72 18.87
N ILE A 442 -26.77 -3.92 18.94
CA ILE A 442 -26.06 -3.66 20.18
C ILE A 442 -26.10 -2.16 20.47
N ALA A 443 -26.65 -1.77 21.60
CA ALA A 443 -26.64 -0.37 22.00
C ALA A 443 -25.25 0.07 22.43
N VAL A 444 -24.88 1.29 22.07
CA VAL A 444 -23.61 1.89 22.45
C VAL A 444 -23.91 3.24 23.07
N SER A 445 -23.08 3.63 24.03
CA SER A 445 -23.16 4.93 24.68
C SER A 445 -21.80 5.59 24.62
N PRO A 446 -21.74 6.92 24.76
CA PRO A 446 -20.46 7.64 24.79
C PRO A 446 -19.73 7.47 26.11
N GLY A 447 -18.41 7.63 26.18
CA GLY A 447 -17.54 7.95 25.04
C GLY A 447 -16.07 7.53 25.15
N ASP A 448 -15.70 6.81 26.22
CA ASP A 448 -14.29 6.48 26.51
C ASP A 448 -13.87 5.30 25.65
N ASN A 449 -13.52 5.61 24.39
CA ASN A 449 -13.27 4.60 23.36
C ASN A 449 -14.35 3.52 23.38
N THR A 450 -15.59 4.00 23.31
CA THR A 450 -16.76 3.17 23.47
C THR A 450 -17.10 2.45 22.17
N LEU A 451 -16.86 3.14 21.06
CA LEU A 451 -17.18 2.60 19.75
C LEU A 451 -16.20 1.51 19.37
N PHE A 452 -14.93 1.70 19.70
CA PHE A 452 -13.92 0.70 19.44
C PHE A 452 -14.28 -0.63 20.10
N ASP A 453 -14.69 -0.56 21.36
CA ASP A 453 -15.02 -1.76 22.10
C ASP A 453 -16.29 -2.41 21.58
N ALA A 454 -17.27 -1.61 21.22
CA ALA A 454 -18.47 -2.16 20.62
C ALA A 454 -18.16 -2.89 19.33
N ILE A 455 -17.19 -2.39 18.55
CA ILE A 455 -16.77 -3.07 17.33
C ILE A 455 -16.03 -4.36 17.66
N ALA A 456 -15.14 -4.33 18.65
CA ALA A 456 -14.39 -5.53 19.04
C ALA A 456 -15.33 -6.68 19.37
N SER A 457 -16.33 -6.42 20.22
CA SER A 457 -17.22 -7.46 20.72
C SER A 457 -18.37 -7.81 19.78
N ALA A 458 -18.57 -7.07 18.70
CA ALA A 458 -19.70 -7.35 17.82
C ALA A 458 -19.43 -8.58 16.96
N GLU A 459 -20.50 -9.20 16.49
CA GLU A 459 -20.44 -10.35 15.60
C GLU A 459 -20.84 -9.90 14.20
N THR A 460 -20.41 -10.66 13.20
CA THR A 460 -20.51 -10.17 11.84
C THR A 460 -21.97 -10.06 11.41
N GLY A 461 -22.31 -8.93 10.81
CA GLY A 461 -23.68 -8.64 10.47
C GLY A 461 -24.44 -7.85 11.49
N ASP A 462 -23.84 -7.52 12.62
CA ASP A 462 -24.51 -6.83 13.70
C ASP A 462 -24.71 -5.35 13.35
N VAL A 463 -25.52 -4.68 14.18
CA VAL A 463 -25.85 -3.26 14.00
C VAL A 463 -25.62 -2.55 15.32
N LEU A 464 -24.56 -1.76 15.39
CA LEU A 464 -24.34 -0.88 16.54
C LEU A 464 -25.28 0.31 16.48
N VAL A 465 -25.87 0.66 17.61
CA VAL A 465 -26.83 1.76 17.67
C VAL A 465 -26.27 2.80 18.63
N LEU A 466 -25.78 3.91 18.09
CA LEU A 466 -25.12 4.92 18.91
C LEU A 466 -26.16 5.84 19.56
N GLN A 467 -26.22 5.81 20.88
CA GLN A 467 -27.02 6.76 21.63
C GLN A 467 -26.47 8.17 21.48
N ALA A 468 -27.32 9.15 21.78
CA ALA A 468 -26.93 10.55 21.62
C ALA A 468 -25.73 10.88 22.49
N GLY A 469 -24.84 11.72 21.96
CA GLY A 469 -23.69 12.23 22.66
C GLY A 469 -22.47 12.29 21.76
N GLU A 470 -21.32 12.52 22.38
CA GLU A 470 -20.06 12.63 21.67
C GLU A 470 -19.25 11.35 21.83
N TYR A 471 -18.66 10.90 20.74
CA TYR A 471 -17.88 9.67 20.70
C TYR A 471 -16.45 10.04 20.36
N TRP A 472 -15.62 10.22 21.36
CA TRP A 472 -14.22 10.54 21.13
C TRP A 472 -13.46 9.26 20.88
N VAL A 473 -12.71 9.22 19.80
CA VAL A 473 -12.15 7.99 19.25
C VAL A 473 -10.65 8.18 19.13
N SER A 474 -9.90 7.56 20.05
CA SER A 474 -8.44 7.64 20.08
C SER A 474 -7.76 6.41 19.51
N LYS A 475 -8.52 5.40 19.11
CA LYS A 475 -7.97 4.19 18.50
C LYS A 475 -8.52 4.09 17.09
N ILE A 476 -7.77 3.41 16.23
CA ILE A 476 -8.26 3.19 14.87
C ILE A 476 -9.37 2.15 14.91
N LEU A 477 -10.48 2.44 14.25
CA LEU A 477 -11.63 1.55 14.19
C LEU A 477 -11.41 0.62 13.00
N SER A 478 -10.79 -0.52 13.28
CA SER A 478 -10.49 -1.52 12.26
C SER A 478 -11.64 -2.50 12.17
N LEU A 479 -12.08 -2.77 10.95
CA LEU A 479 -13.22 -3.62 10.66
C LEU A 479 -12.73 -4.86 9.96
N ASP A 480 -12.89 -6.02 10.61
CA ASP A 480 -12.63 -7.29 9.96
C ASP A 480 -13.89 -8.13 9.91
N LYS A 481 -15.04 -7.49 9.93
CA LYS A 481 -16.34 -8.13 9.82
C LYS A 481 -17.32 -7.15 9.18
N THR A 482 -18.46 -7.68 8.73
CA THR A 482 -19.55 -6.87 8.21
C THR A 482 -20.26 -6.22 9.37
N LEU A 483 -20.55 -4.92 9.26
CA LEU A 483 -21.08 -4.21 10.42
C LEU A 483 -21.77 -2.92 9.97
N THR A 484 -22.79 -2.53 10.73
CA THR A 484 -23.48 -1.27 10.53
C THR A 484 -23.31 -0.41 11.77
N ILE A 485 -23.04 0.88 11.60
CA ILE A 485 -23.01 1.84 12.69
C ILE A 485 -24.13 2.85 12.47
N ARG A 486 -25.18 2.75 13.28
CA ARG A 486 -26.37 3.60 13.15
C ARG A 486 -26.52 4.48 14.37
N ALA A 487 -26.94 5.73 14.15
CA ALA A 487 -27.28 6.63 15.26
C ALA A 487 -28.74 6.43 15.60
N GLN A 488 -29.04 6.29 16.90
CA GLN A 488 -30.42 6.05 17.28
C GLN A 488 -31.32 7.19 16.84
N GLU A 489 -30.78 8.40 16.79
CA GLU A 489 -31.49 9.59 16.34
C GLU A 489 -30.55 10.34 15.41
N LYS A 490 -30.92 10.43 14.13
CA LYS A 490 -30.05 11.00 13.12
C LYS A 490 -29.45 12.33 13.56
N GLY A 491 -28.15 12.47 13.35
CA GLY A 491 -27.46 13.65 13.78
C GLY A 491 -27.25 13.82 15.27
N SER A 492 -27.72 12.89 16.11
CA SER A 492 -27.53 13.06 17.55
C SER A 492 -26.26 12.41 18.08
N ALA A 493 -25.60 11.58 17.27
CA ALA A 493 -24.34 10.96 17.65
C ALA A 493 -23.22 11.64 16.87
N VAL A 494 -22.30 12.27 17.59
CA VAL A 494 -21.18 12.98 17.00
C VAL A 494 -19.91 12.20 17.32
N ILE A 495 -19.14 11.88 16.28
CA ILE A 495 -17.91 11.11 16.38
C ILE A 495 -16.74 12.05 16.14
N PHE A 496 -15.83 12.17 17.11
CA PHE A 496 -14.65 13.01 16.96
C PHE A 496 -13.40 12.19 16.71
N PRO A 497 -12.94 12.04 15.47
CA PRO A 497 -11.65 11.40 15.23
C PRO A 497 -10.52 12.20 15.84
N GLN A 498 -9.56 11.49 16.44
CA GLN A 498 -8.33 12.10 16.92
C GLN A 498 -7.10 11.43 16.34
N ARG A 499 -7.24 10.62 15.31
CA ARG A 499 -6.10 9.93 14.70
C ARG A 499 -6.08 10.22 13.21
N SER A 500 -4.93 9.97 12.58
CA SER A 500 -4.83 10.18 11.14
C SER A 500 -5.81 9.31 10.36
N THR A 501 -6.27 8.21 10.94
CA THR A 501 -7.29 7.38 10.35
C THR A 501 -8.39 7.16 11.38
N LEU A 502 -9.63 7.27 10.96
CA LEU A 502 -10.72 6.90 11.85
C LEU A 502 -11.14 5.46 11.61
N ILE A 503 -11.41 5.11 10.37
CA ILE A 503 -11.95 3.80 10.05
C ILE A 503 -11.03 3.13 9.03
N GLU A 504 -10.62 1.91 9.34
CA GLU A 504 -9.82 1.06 8.47
C GLU A 504 -10.65 -0.16 8.12
N ILE A 505 -10.94 -0.32 6.84
CA ILE A 505 -11.66 -1.49 6.38
C ILE A 505 -10.63 -2.57 6.08
N ASN A 506 -10.70 -3.66 6.83
CA ASN A 506 -9.75 -4.75 6.69
C ASN A 506 -10.39 -5.92 5.97
N ASN A 507 -9.61 -7.00 5.86
CA ASN A 507 -10.10 -8.22 5.25
C ASN A 507 -11.36 -8.70 5.97
N LYS A 508 -12.36 -9.05 5.18
CA LYS A 508 -13.70 -9.41 5.58
C LYS A 508 -14.49 -8.22 6.08
N GLY A 509 -13.90 -7.03 6.09
CA GLY A 509 -14.61 -5.87 6.61
C GLY A 509 -15.55 -5.28 5.57
N ASN A 510 -16.72 -4.85 6.05
CA ASN A 510 -17.72 -4.20 5.22
C ASN A 510 -18.50 -3.28 6.15
N LEU A 511 -18.79 -2.05 5.69
CA LEU A 511 -19.28 -1.00 6.57
C LEU A 511 -20.51 -0.31 6.01
N THR A 512 -21.52 -0.11 6.86
CA THR A 512 -22.60 0.82 6.62
C THR A 512 -22.58 1.88 7.71
N LEU A 513 -22.60 3.14 7.31
CA LEU A 513 -22.73 4.26 8.24
C LEU A 513 -24.09 4.87 7.98
N ASP A 514 -24.94 4.91 9.01
CA ASP A 514 -26.30 5.41 8.88
C ASP A 514 -26.58 6.40 9.98
N GLY A 515 -26.75 7.68 9.60
CA GLY A 515 -27.16 8.72 10.52
C GLY A 515 -26.07 9.25 11.43
N VAL A 516 -24.82 8.94 11.14
CA VAL A 516 -23.75 9.39 12.00
C VAL A 516 -23.36 10.81 11.62
N TYR A 517 -22.79 11.52 12.57
CA TYR A 517 -22.21 12.83 12.33
C TYR A 517 -20.76 12.79 12.78
N VAL A 518 -19.85 13.11 11.88
CA VAL A 518 -18.42 13.11 12.17
C VAL A 518 -17.90 14.53 12.04
N ASP A 519 -17.28 15.01 13.10
CA ASP A 519 -16.57 16.28 13.12
C ASP A 519 -15.10 15.98 13.34
N ALA A 520 -14.27 16.30 12.36
CA ALA A 520 -12.87 15.90 12.36
C ALA A 520 -11.92 17.03 12.75
N THR A 521 -12.42 18.10 13.40
CA THR A 521 -11.55 19.22 13.76
C THR A 521 -10.36 18.76 14.59
N ASN A 522 -10.54 17.73 15.42
CA ASN A 522 -9.51 17.31 16.36
C ASN A 522 -8.55 16.26 15.79
N ALA A 523 -8.56 16.06 14.48
CA ALA A 523 -7.62 15.16 13.84
C ALA A 523 -6.20 15.70 14.02
N PRO A 524 -5.19 14.87 13.80
CA PRO A 524 -3.81 15.36 13.91
C PRO A 524 -3.51 16.43 12.86
N ASP A 525 -2.71 17.40 13.25
CA ASP A 525 -2.32 18.46 12.31
C ASP A 525 -1.19 17.91 11.47
N ALA A 526 -1.57 17.16 10.45
CA ALA A 526 -0.60 16.62 9.51
C ALA A 526 -1.28 16.36 8.17
N ALA A 527 -0.52 16.55 7.10
CA ALA A 527 -1.03 16.33 5.76
C ALA A 527 -1.19 14.84 5.50
N GLY A 528 -2.21 14.51 4.72
CA GLY A 528 -2.40 13.15 4.28
C GLY A 528 -3.33 12.30 5.10
N ASN A 529 -4.03 12.89 6.07
CA ASN A 529 -5.02 12.16 6.83
C ASN A 529 -6.04 11.52 5.89
N THR A 530 -6.63 10.42 6.34
CA THR A 530 -7.68 9.72 5.61
C THR A 530 -8.75 9.35 6.62
N LEU A 531 -9.98 9.85 6.46
CA LEU A 531 -11.00 9.50 7.43
C LEU A 531 -11.27 8.01 7.40
N ILE A 532 -11.51 7.45 6.22
CA ILE A 532 -11.86 6.06 6.01
C ILE A 532 -10.89 5.49 4.97
N ARG A 533 -10.45 4.25 5.16
CA ARG A 533 -9.52 3.69 4.19
C ARG A 533 -9.50 2.18 4.29
N THR A 534 -9.08 1.53 3.21
CA THR A 534 -8.77 0.12 3.30
C THR A 534 -7.43 -0.04 4.02
N THR A 535 -7.14 -1.28 4.41
CA THR A 535 -5.82 -1.60 4.93
C THR A 535 -4.78 -1.26 3.88
N ARG A 536 -3.59 -0.91 4.33
CA ARG A 536 -2.54 -0.64 3.36
C ARG A 536 -1.78 -1.90 2.99
N LEU A 537 -1.99 -2.99 3.72
CA LEU A 537 -1.44 -4.27 3.35
C LEU A 537 -2.24 -4.81 2.19
N PRO A 538 -1.73 -5.83 1.52
CA PRO A 538 -2.55 -6.50 0.51
C PRO A 538 -3.86 -7.04 1.09
N MET A 539 -4.94 -6.77 0.38
CA MET A 539 -6.32 -7.13 0.78
C MET A 539 -6.78 -8.28 -0.12
N GLN A 540 -7.34 -9.31 0.51
CA GLN A 540 -7.85 -10.48 -0.19
C GLN A 540 -9.34 -10.43 -0.46
N ARG A 541 -10.15 -9.98 0.49
CA ARG A 541 -11.57 -9.81 0.26
C ARG A 541 -11.89 -8.48 -0.41
N ASN A 542 -12.78 -8.51 -1.39
CA ASN A 542 -13.46 -7.30 -1.82
C ASN A 542 -14.31 -6.77 -0.68
N TYR A 543 -14.66 -5.48 -0.73
CA TYR A 543 -15.42 -4.89 0.35
C TYR A 543 -16.62 -4.12 -0.19
N ARG A 544 -17.52 -3.80 0.72
CA ARG A 544 -18.71 -3.01 0.43
C ARG A 544 -18.73 -1.86 1.41
N LEU A 545 -19.07 -0.66 0.93
CA LEU A 545 -19.16 0.53 1.77
C LEU A 545 -20.45 1.24 1.44
N ALA A 546 -21.29 1.47 2.44
CA ALA A 546 -22.55 2.18 2.29
C ALA A 546 -22.61 3.31 3.31
N ILE A 547 -22.94 4.51 2.85
CA ILE A 547 -22.99 5.70 3.70
C ILE A 547 -24.33 6.39 3.52
N LYS A 548 -25.11 6.44 4.58
CA LYS A 548 -26.46 6.96 4.52
C LYS A 548 -26.66 8.02 5.59
N ASN A 549 -27.46 9.03 5.25
CA ASN A 549 -28.00 10.01 6.18
C ASN A 549 -26.95 10.57 7.12
N SER A 550 -25.73 10.70 6.65
CA SER A 550 -24.60 10.98 7.52
C SER A 550 -23.95 12.28 7.09
N THR A 551 -23.23 12.90 8.01
CA THR A 551 -22.64 14.20 7.79
C THR A 551 -21.17 14.17 8.20
N PHE A 552 -20.30 14.65 7.34
CA PHE A 552 -18.87 14.64 7.59
C PHE A 552 -18.34 16.04 7.38
N GLU A 553 -17.91 16.71 8.45
CA GLU A 553 -17.50 18.11 8.39
C GLU A 553 -16.11 18.29 8.95
N ASN A 554 -15.41 19.30 8.43
CA ASN A 554 -14.20 19.85 9.04
C ASN A 554 -13.01 18.90 8.92
N LEU A 555 -12.83 18.35 7.72
CA LEU A 555 -11.65 17.58 7.39
C LEU A 555 -10.59 18.49 6.76
N ASP A 556 -10.18 19.50 7.53
CA ASP A 556 -9.45 20.62 6.97
C ASP A 556 -8.42 21.22 7.91
N ILE A 557 -7.90 20.43 8.86
CA ILE A 557 -6.88 20.94 9.76
C ILE A 557 -5.53 21.09 9.08
N ASN A 558 -5.31 20.38 7.98
CA ASN A 558 -4.08 20.49 7.19
C ASN A 558 -4.43 20.01 5.80
N HIS A 559 -3.45 20.05 4.91
CA HIS A 559 -3.77 19.83 3.51
C HIS A 559 -3.86 18.33 3.21
N SER A 560 -4.59 18.01 2.15
CA SER A 560 -4.69 16.65 1.65
C SER A 560 -5.33 15.71 2.68
N TYR A 561 -6.46 16.14 3.24
CA TYR A 561 -7.23 15.34 4.18
C TYR A 561 -8.36 14.68 3.39
N HIS A 562 -8.16 13.43 3.02
CA HIS A 562 -9.06 12.70 2.14
C HIS A 562 -10.18 12.08 2.95
N PHE A 563 -11.33 11.89 2.30
CA PHE A 563 -12.43 11.24 3.00
C PHE A 563 -12.35 9.73 2.90
N PHE A 564 -11.96 9.22 1.73
CA PHE A 564 -11.79 7.79 1.54
C PHE A 564 -10.58 7.52 0.67
N ASP A 565 -9.70 6.64 1.14
CA ASP A 565 -8.47 6.32 0.42
C ASP A 565 -8.40 4.82 0.15
N ALA A 566 -8.54 4.43 -1.11
CA ALA A 566 -8.44 3.03 -1.50
C ALA A 566 -6.98 2.61 -1.52
N GLY A 567 -6.70 1.40 -1.04
CA GLY A 567 -5.36 0.89 -1.02
C GLY A 567 -5.04 0.16 -2.29
N ASN A 568 -3.76 0.08 -2.62
CA ASN A 568 -3.34 -0.52 -3.87
C ASN A 568 -3.88 -1.93 -4.02
N ARG A 569 -4.37 -2.24 -5.21
CA ARG A 569 -4.87 -3.57 -5.54
C ARG A 569 -6.09 -3.96 -4.70
N SER A 570 -6.79 -2.99 -4.11
CA SER A 570 -8.04 -3.26 -3.42
C SER A 570 -9.21 -3.10 -4.37
N PHE A 571 -10.38 -3.53 -3.93
CA PHE A 571 -11.50 -3.57 -4.84
C PHE A 571 -12.79 -3.47 -4.06
N ALA A 572 -13.58 -2.44 -4.35
CA ALA A 572 -14.88 -2.29 -3.71
C ALA A 572 -15.92 -2.95 -4.60
N ASP A 573 -16.67 -3.89 -4.04
CA ASP A 573 -17.82 -4.43 -4.76
C ASP A 573 -18.79 -3.31 -5.10
N TYR A 574 -19.05 -2.42 -4.14
CA TYR A 574 -19.72 -1.15 -4.42
C TYR A 574 -19.39 -0.16 -3.32
N ILE A 575 -19.45 1.13 -3.69
CA ILE A 575 -19.45 2.26 -2.76
C ILE A 575 -20.69 3.08 -3.04
N GLU A 576 -21.48 3.31 -2.00
CA GLU A 576 -22.84 3.83 -2.11
C GLU A 576 -23.00 4.94 -1.10
N VAL A 577 -23.13 6.17 -1.56
CA VAL A 577 -23.38 7.30 -0.69
C VAL A 577 -24.79 7.78 -0.96
N GLN A 578 -25.63 7.80 0.08
CA GLN A 578 -27.02 8.22 -0.04
C GLN A 578 -27.34 9.26 1.03
N ASP A 579 -27.92 10.38 0.59
CA ASP A 579 -28.56 11.35 1.47
C ASP A 579 -27.60 11.86 2.54
N SER A 580 -26.41 12.25 2.11
CA SER A 580 -25.36 12.62 3.03
C SER A 580 -24.82 14.00 2.71
N GLN A 581 -24.16 14.61 3.69
CA GLN A 581 -23.61 15.93 3.57
C GLN A 581 -22.13 15.91 3.93
N PHE A 582 -21.34 16.64 3.17
CA PHE A 582 -19.92 16.76 3.41
C PHE A 582 -19.54 18.23 3.35
N LYS A 583 -18.66 18.67 4.24
CA LYS A 583 -18.26 20.07 4.30
C LYS A 583 -16.80 20.25 4.70
N HIS A 584 -16.13 21.14 4.01
CA HIS A 584 -14.80 21.60 4.38
C HIS A 584 -13.79 20.47 4.42
N ILE A 585 -13.38 20.01 3.24
CA ILE A 585 -12.46 18.90 3.11
C ILE A 585 -11.36 19.28 2.14
N THR A 586 -10.11 19.11 2.55
CA THR A 586 -8.97 19.62 1.78
C THR A 586 -8.39 18.61 0.79
N GLY A 587 -8.60 17.32 1.01
CA GLY A 587 -8.21 16.29 0.08
C GLY A 587 -9.36 15.88 -0.82
N ASP A 588 -9.17 14.77 -1.52
CA ASP A 588 -10.23 14.24 -2.36
C ASP A 588 -11.29 13.55 -1.51
N LEU A 589 -12.45 13.31 -2.11
CA LEU A 589 -13.48 12.55 -1.40
C LEU A 589 -13.30 11.04 -1.59
N PHE A 590 -13.18 10.56 -2.83
CA PHE A 590 -13.02 9.14 -3.08
C PHE A 590 -11.84 8.93 -3.99
N ARG A 591 -10.74 8.42 -3.43
CA ARG A 591 -9.52 8.13 -4.19
C ARG A 591 -9.57 6.69 -4.68
N LEU A 592 -10.00 6.50 -5.92
CA LEU A 592 -10.19 5.18 -6.52
C LEU A 592 -9.38 5.07 -7.80
N ASN A 593 -8.16 5.57 -7.76
CA ASN A 593 -7.35 5.71 -8.96
C ASN A 593 -5.95 5.20 -8.72
N LYS A 594 -5.81 4.09 -7.99
CA LYS A 594 -4.52 3.69 -7.47
C LYS A 594 -3.74 2.81 -8.42
N GLU A 595 -4.39 2.21 -9.42
CA GLU A 595 -3.77 1.22 -10.27
C GLU A 595 -3.31 1.89 -11.56
N THR A 596 -2.11 2.47 -11.50
CA THR A 596 -1.59 3.34 -12.53
C THR A 596 -0.74 2.63 -13.59
N ASP A 597 -0.65 1.29 -13.54
CA ASP A 597 0.23 0.59 -14.46
C ASP A 597 -0.45 0.20 -15.77
N ASP A 598 -1.73 0.50 -15.95
CA ASP A 598 -2.42 0.39 -17.24
C ASP A 598 -2.50 -1.05 -17.72
N LEU A 599 -2.97 -1.94 -16.84
CA LEU A 599 -3.10 -3.35 -17.16
C LEU A 599 -4.53 -3.84 -17.08
N GLY A 600 -5.49 -2.93 -16.92
CA GLY A 600 -6.88 -3.30 -16.79
C GLY A 600 -7.39 -3.38 -15.36
N ILE A 601 -6.58 -3.04 -14.40
CA ILE A 601 -6.90 -3.25 -12.99
C ILE A 601 -7.65 -2.04 -12.47
N TYR A 602 -8.68 -2.26 -11.67
CA TYR A 602 -9.39 -1.11 -11.12
C TYR A 602 -9.82 -1.41 -9.69
N ASN A 603 -10.44 -0.40 -9.08
CA ASN A 603 -10.58 -0.30 -7.64
C ASN A 603 -12.01 -0.33 -7.14
N VAL A 604 -12.99 -0.28 -8.03
CA VAL A 604 -14.38 -0.24 -7.62
C VAL A 604 -15.22 -0.70 -8.78
N GLU A 605 -16.27 -1.46 -8.48
CA GLU A 605 -17.20 -1.93 -9.49
C GLU A 605 -18.38 -0.97 -9.70
N TYR A 606 -18.97 -0.48 -8.61
CA TYR A 606 -20.06 0.49 -8.65
C TYR A 606 -19.73 1.58 -7.65
N LEU A 607 -19.66 2.82 -8.13
CA LEU A 607 -19.57 4.02 -7.28
C LEU A 607 -20.85 4.81 -7.52
N THR A 608 -21.64 5.02 -6.48
CA THR A 608 -22.92 5.71 -6.58
C THR A 608 -23.02 6.78 -5.50
N ILE A 609 -23.27 8.04 -5.90
CA ILE A 609 -23.53 9.14 -4.97
C ILE A 609 -24.86 9.77 -5.34
N GLU A 610 -25.75 9.91 -4.36
CA GLU A 610 -27.14 10.26 -4.60
C GLU A 610 -27.68 11.13 -3.48
N ASN A 611 -28.54 12.08 -3.86
CA ASN A 611 -29.31 12.89 -2.91
C ASN A 611 -28.43 13.47 -1.81
N SER A 612 -27.21 13.82 -2.16
CA SER A 612 -26.21 14.22 -1.18
C SER A 612 -25.68 15.63 -1.46
N ASN A 613 -24.89 16.14 -0.51
CA ASN A 613 -24.45 17.52 -0.52
C ASN A 613 -22.96 17.61 -0.20
N VAL A 614 -22.18 18.15 -1.12
CA VAL A 614 -20.75 18.39 -0.91
C VAL A 614 -20.46 19.87 -1.13
N SER A 615 -19.83 20.50 -0.15
CA SER A 615 -19.46 21.90 -0.29
C SER A 615 -18.09 22.12 0.30
N ASP A 616 -17.25 22.83 -0.43
CA ASP A 616 -15.93 23.23 0.00
C ASP A 616 -15.03 22.00 0.08
N LEU A 617 -14.87 21.32 -1.03
CA LEU A 617 -13.98 20.17 -1.17
C LEU A 617 -12.92 20.53 -2.20
N GLN A 618 -11.68 20.67 -1.75
CA GLN A 618 -10.66 21.13 -2.66
C GLN A 618 -10.29 20.08 -3.69
N GLY A 619 -10.31 18.80 -3.33
CA GLY A 619 -10.02 17.73 -4.25
C GLY A 619 -11.27 17.28 -4.98
N ALA A 620 -11.14 16.15 -5.65
CA ALA A 620 -12.23 15.68 -6.50
C ALA A 620 -13.28 14.94 -5.68
N ILE A 621 -14.52 14.96 -6.17
CA ILE A 621 -15.56 14.07 -5.66
C ILE A 621 -15.11 12.62 -5.74
N ALA A 622 -14.52 12.25 -6.88
CA ALA A 622 -13.99 10.92 -7.09
C ALA A 622 -12.94 11.03 -8.18
N LYS A 623 -11.84 10.31 -8.00
CA LYS A 623 -10.88 10.06 -9.07
C LYS A 623 -10.91 8.54 -9.25
N VAL A 624 -11.59 8.06 -10.28
CA VAL A 624 -11.64 6.63 -10.53
C VAL A 624 -11.02 6.35 -11.88
N TYR A 625 -10.03 5.45 -11.89
CA TYR A 625 -9.12 5.23 -13.01
C TYR A 625 -9.01 3.74 -13.31
N ARG A 626 -9.15 3.38 -14.59
CA ARG A 626 -8.81 2.04 -15.08
C ARG A 626 -8.10 2.18 -16.42
N GLY A 627 -6.81 1.94 -16.43
CA GLY A 627 -6.00 2.18 -17.60
C GLY A 627 -5.74 0.97 -18.47
N GLY A 628 -5.35 1.25 -19.70
CA GLY A 628 -4.99 0.22 -20.64
C GLY A 628 -6.09 -0.09 -21.62
N THR A 629 -5.90 -1.18 -22.36
CA THR A 629 -6.82 -1.58 -23.41
C THR A 629 -7.46 -2.93 -23.15
N ASP A 630 -7.67 -3.30 -21.89
CA ASP A 630 -8.33 -4.56 -21.61
C ASP A 630 -9.83 -4.45 -21.76
N GLU A 631 -10.45 -5.47 -22.34
CA GLU A 631 -11.89 -5.53 -22.50
C GLU A 631 -12.50 -6.74 -21.80
N SER A 632 -11.89 -7.17 -20.70
CA SER A 632 -12.31 -8.38 -20.03
C SER A 632 -13.21 -8.11 -18.83
N THR A 633 -13.46 -6.86 -18.48
CA THR A 633 -14.17 -6.51 -17.26
C THR A 633 -15.39 -5.67 -17.63
N PHE A 634 -16.15 -5.26 -16.62
CA PHE A 634 -17.40 -4.55 -16.84
C PHE A 634 -17.46 -3.16 -16.23
N GLY A 635 -16.56 -2.81 -15.33
CA GLY A 635 -16.65 -1.55 -14.63
C GLY A 635 -15.37 -0.75 -14.73
N PRO A 636 -15.27 0.34 -13.96
CA PRO A 636 -16.26 0.84 -12.99
C PRO A 636 -17.55 1.37 -13.60
N HIS A 637 -18.58 1.44 -12.76
CA HIS A 637 -19.84 2.10 -13.05
C HIS A 637 -19.92 3.26 -12.07
N VAL A 638 -20.08 4.48 -12.59
CA VAL A 638 -20.15 5.66 -11.75
C VAL A 638 -21.50 6.33 -12.00
N VAL A 639 -22.30 6.47 -10.95
CA VAL A 639 -23.64 7.00 -11.03
C VAL A 639 -23.81 8.07 -9.97
N MET A 640 -24.17 9.28 -10.38
CA MET A 640 -24.35 10.40 -9.46
C MET A 640 -25.62 11.15 -9.85
N ASN A 641 -26.64 11.13 -8.98
CA ASN A 641 -27.93 11.72 -9.27
C ASN A 641 -28.33 12.64 -8.13
N ASN A 642 -28.85 13.80 -8.51
CA ASN A 642 -29.56 14.70 -7.61
C ASN A 642 -28.72 15.12 -6.42
N ASN A 643 -27.47 15.46 -6.68
CA ASN A 643 -26.60 16.04 -5.67
C ASN A 643 -26.44 17.55 -5.89
N ILE A 644 -25.92 18.22 -4.87
CA ILE A 644 -25.55 19.61 -4.95
C ILE A 644 -24.07 19.69 -4.59
N PHE A 645 -23.23 19.87 -5.60
CA PHE A 645 -21.80 20.07 -5.39
C PHE A 645 -21.48 21.56 -5.46
N ASN A 646 -20.83 22.06 -4.41
CA ASN A 646 -20.61 23.49 -4.22
C ASN A 646 -19.17 23.73 -3.82
N GLU A 647 -18.46 24.52 -4.61
CA GLU A 647 -17.09 24.91 -4.27
C GLU A 647 -16.19 23.68 -4.20
N VAL A 648 -16.21 22.89 -5.28
CA VAL A 648 -15.63 21.56 -5.28
C VAL A 648 -14.50 21.51 -6.30
N GLY A 649 -13.35 21.00 -5.90
CA GLY A 649 -12.35 20.57 -6.85
C GLY A 649 -11.37 21.62 -7.29
N LYS A 650 -11.47 22.84 -6.77
CA LYS A 650 -10.66 23.96 -7.22
C LYS A 650 -9.32 24.05 -6.50
N GLY A 651 -9.00 23.06 -5.67
CA GLY A 651 -7.86 23.20 -4.79
C GLY A 651 -6.54 23.16 -5.53
N LYS A 652 -5.54 23.80 -4.95
CA LYS A 652 -4.26 23.95 -5.64
C LYS A 652 -3.57 22.62 -5.87
N ARG A 653 -3.76 21.66 -4.96
CA ARG A 653 -3.07 20.38 -5.04
C ARG A 653 -3.86 19.33 -5.80
N ASN A 654 -4.90 19.70 -6.53
CA ASN A 654 -5.71 18.76 -7.30
C ASN A 654 -5.22 18.77 -8.74
N LYS A 655 -4.17 18.00 -9.00
CA LYS A 655 -3.54 17.97 -10.31
C LYS A 655 -4.50 17.64 -11.43
N SER A 656 -5.65 17.06 -11.12
CA SER A 656 -6.61 16.79 -12.20
C SER A 656 -7.34 18.06 -12.63
N ALA A 657 -7.35 19.09 -11.79
CA ALA A 657 -8.17 20.27 -12.03
C ALA A 657 -9.62 19.89 -12.32
N ALA A 658 -10.04 18.85 -11.66
CA ALA A 658 -11.35 18.36 -11.87
C ALA A 658 -12.10 18.18 -10.60
N SER A 659 -13.38 18.14 -10.76
CA SER A 659 -14.29 17.89 -9.70
C SER A 659 -14.68 16.42 -9.76
N LEU A 660 -14.43 15.79 -10.89
CA LEU A 660 -14.76 14.42 -11.09
C LEU A 660 -13.96 14.02 -12.27
N ILE A 661 -13.05 13.07 -12.11
CA ILE A 661 -12.26 12.61 -13.23
C ILE A 661 -12.30 11.10 -13.35
N LEU A 662 -12.92 10.63 -14.40
CA LEU A 662 -13.13 9.23 -14.66
C LEU A 662 -12.44 8.74 -15.91
N HIS A 663 -11.39 7.99 -15.73
CA HIS A 663 -10.61 7.45 -16.83
C HIS A 663 -10.88 5.96 -16.91
N GLY A 664 -11.44 5.52 -18.03
CA GLY A 664 -11.71 4.12 -18.27
C GLY A 664 -12.94 3.58 -17.58
N THR A 665 -13.79 4.44 -17.06
CA THR A 665 -15.06 3.98 -16.52
C THR A 665 -16.00 3.67 -17.66
N GLN A 666 -16.82 2.64 -17.49
CA GLN A 666 -17.49 2.01 -18.61
C GLN A 666 -18.97 2.31 -18.65
N VAL A 667 -19.56 2.68 -17.52
CA VAL A 667 -20.91 3.19 -17.50
C VAL A 667 -20.91 4.40 -16.59
N ASN A 668 -21.33 5.56 -17.12
CA ASN A 668 -21.36 6.81 -16.37
C ASN A 668 -22.74 7.43 -16.47
N LYS A 669 -23.29 7.87 -15.36
CA LYS A 669 -24.58 8.55 -15.35
C LYS A 669 -24.52 9.69 -14.32
N MET A 670 -24.30 10.93 -14.79
CA MET A 670 -24.46 12.14 -13.98
C MET A 670 -25.77 12.80 -14.37
N THR A 671 -26.78 12.73 -13.52
CA THR A 671 -28.07 13.28 -13.84
C THR A 671 -28.58 14.16 -12.70
N THR A 672 -29.35 15.19 -13.10
CA THR A 672 -30.01 16.18 -12.26
C THR A 672 -29.18 16.65 -11.06
N ASN A 673 -27.91 16.97 -11.29
CA ASN A 673 -27.03 17.55 -10.28
C ASN A 673 -26.83 19.05 -10.49
N GLU A 674 -26.46 19.74 -9.41
CA GLU A 674 -25.98 21.11 -9.45
C GLU A 674 -24.47 21.10 -9.23
N PHE A 675 -23.73 21.65 -10.19
CA PHE A 675 -22.28 21.82 -10.04
C PHE A 675 -21.98 23.31 -9.97
N ASN A 676 -22.10 23.89 -8.77
CA ASN A 676 -21.98 25.31 -8.54
C ASN A 676 -20.54 25.67 -8.16
N ASN A 677 -19.91 26.54 -8.95
CA ASN A 677 -18.64 27.18 -8.58
C ASN A 677 -17.53 26.17 -8.36
N SER A 678 -17.36 25.26 -9.31
CA SER A 678 -16.48 24.12 -9.12
C SER A 678 -15.63 23.92 -10.37
N ALA A 679 -14.66 23.01 -10.26
CA ALA A 679 -13.91 22.54 -11.40
C ALA A 679 -14.81 21.61 -12.22
N PRO A 680 -14.45 21.30 -13.46
CA PRO A 680 -15.38 20.57 -14.33
C PRO A 680 -15.34 19.06 -14.14
N ILE A 681 -16.39 18.40 -14.64
CA ILE A 681 -16.35 16.97 -14.88
C ILE A 681 -15.42 16.66 -16.04
N ILE A 682 -14.60 15.61 -15.93
CA ILE A 682 -13.62 15.27 -16.96
C ILE A 682 -13.67 13.77 -17.21
N PHE A 683 -14.17 13.36 -18.37
CA PHE A 683 -14.13 11.97 -18.79
C PHE A 683 -12.90 11.71 -19.66
N GLU A 684 -12.25 10.60 -19.43
CA GLU A 684 -11.13 10.21 -20.25
C GLU A 684 -11.53 8.83 -20.74
N LEU A 685 -12.24 8.78 -21.85
CA LEU A 685 -12.76 7.54 -22.43
C LEU A 685 -11.73 6.61 -23.01
N THR A 686 -11.84 5.33 -22.70
CA THR A 686 -10.88 4.36 -23.19
C THR A 686 -11.61 3.33 -24.02
N VAL A 687 -11.09 2.13 -24.10
CA VAL A 687 -11.68 1.09 -24.88
C VAL A 687 -12.93 0.51 -24.33
N GLY A 688 -13.57 -0.35 -25.09
CA GLY A 688 -14.75 -1.01 -24.59
C GLY A 688 -16.09 -0.42 -24.95
N GLU A 689 -16.14 0.55 -25.86
CA GLU A 689 -17.37 1.26 -26.20
C GLU A 689 -18.15 1.68 -24.95
N PRO A 690 -17.57 2.53 -24.12
CA PRO A 690 -18.24 2.90 -22.87
C PRO A 690 -19.45 3.79 -23.09
N LYS A 691 -20.37 3.77 -22.13
CA LYS A 691 -21.63 4.48 -22.20
C LYS A 691 -21.66 5.60 -21.16
N THR A 692 -21.96 6.83 -21.61
CA THR A 692 -21.94 8.00 -20.76
C THR A 692 -23.22 8.79 -20.93
N TRP A 693 -23.80 9.20 -19.81
CA TRP A 693 -25.00 10.02 -19.78
C TRP A 693 -24.73 11.17 -18.83
N VAL A 694 -24.83 12.40 -19.35
CA VAL A 694 -24.73 13.61 -18.56
C VAL A 694 -25.95 14.45 -18.94
N THR A 695 -27.05 14.31 -18.19
CA THR A 695 -28.31 14.94 -18.55
C THR A 695 -28.93 15.63 -17.34
N GLY A 696 -29.51 16.80 -17.57
CA GLY A 696 -30.33 17.46 -16.58
C GLY A 696 -29.60 18.21 -15.50
N ASN A 697 -28.31 18.49 -15.70
CA ASN A 697 -27.50 19.12 -14.65
C ASN A 697 -27.35 20.62 -14.89
N VAL A 698 -27.24 21.37 -13.79
CA VAL A 698 -26.94 22.79 -13.83
C VAL A 698 -25.44 22.93 -13.59
N PHE A 699 -24.75 23.46 -14.58
CA PHE A 699 -23.31 23.73 -14.46
C PHE A 699 -23.06 25.23 -14.22
N GLU A 700 -23.62 25.74 -13.13
CA GLU A 700 -23.54 27.17 -12.83
C GLU A 700 -22.21 27.52 -12.18
N GLY A 701 -21.45 28.41 -12.81
CA GLY A 701 -20.14 28.74 -12.29
C GLY A 701 -19.12 27.64 -12.40
N THR A 702 -19.36 26.68 -13.29
CA THR A 702 -18.52 25.53 -13.47
C THR A 702 -18.44 25.27 -14.97
N PRO A 703 -17.25 25.17 -15.53
CA PRO A 703 -17.11 24.76 -16.93
C PRO A 703 -17.96 23.55 -17.27
N GLU A 704 -18.33 23.39 -18.53
CA GLU A 704 -19.12 22.25 -18.94
C GLU A 704 -18.26 20.98 -18.90
N PRO A 705 -18.86 19.80 -19.05
CA PRO A 705 -18.05 18.57 -19.07
C PRO A 705 -17.03 18.55 -20.20
N VAL A 706 -15.78 18.28 -19.83
CA VAL A 706 -14.72 17.91 -20.77
C VAL A 706 -14.83 16.43 -21.10
N VAL A 707 -14.70 16.08 -22.38
CA VAL A 707 -14.72 14.70 -22.82
C VAL A 707 -13.52 14.46 -23.71
N ARG A 708 -12.56 13.68 -23.24
CA ARG A 708 -11.44 13.25 -24.06
C ARG A 708 -11.61 11.80 -24.45
N ASP A 709 -11.31 11.50 -25.69
CA ASP A 709 -11.51 10.16 -26.24
C ASP A 709 -10.16 9.64 -26.69
N LEU A 710 -9.59 8.74 -25.91
CA LEU A 710 -8.31 8.15 -26.28
C LEU A 710 -8.41 7.24 -27.50
N PHE A 711 -9.63 6.88 -27.85
CA PHE A 711 -9.87 5.97 -28.94
C PHE A 711 -11.06 6.32 -29.77
N PRO A 712 -10.88 7.43 -30.56
CA PRO A 712 -12.01 7.74 -31.42
C PRO A 712 -11.64 7.11 -32.74
N LEU A 713 -12.59 6.57 -33.48
CA LEU A 713 -13.96 6.54 -33.12
C LEU A 713 -14.27 5.10 -32.88
N SER A 714 -14.74 4.81 -31.69
CA SER A 714 -15.09 3.48 -31.36
C SER A 714 -16.54 3.60 -31.04
N GLY A 715 -17.10 2.60 -30.39
CA GLY A 715 -18.49 2.62 -30.09
C GLY A 715 -18.84 3.45 -28.91
N ALA A 716 -17.92 4.23 -28.42
CA ALA A 716 -18.26 5.07 -27.27
C ALA A 716 -19.52 5.86 -27.54
N THR A 717 -20.57 5.58 -26.79
CA THR A 717 -21.84 6.29 -26.87
C THR A 717 -21.86 7.33 -25.76
N THR A 718 -22.03 8.59 -26.15
CA THR A 718 -22.00 9.72 -25.22
C THR A 718 -23.17 10.63 -25.52
N THR A 719 -24.02 10.84 -24.53
CA THR A 719 -25.26 11.60 -24.68
C THR A 719 -25.21 12.73 -23.66
N ILE A 720 -24.71 13.88 -24.08
CA ILE A 720 -24.63 15.07 -23.25
C ILE A 720 -25.73 16.03 -23.70
N SER A 721 -26.80 16.11 -22.93
CA SER A 721 -28.00 16.79 -23.40
C SER A 721 -28.86 17.23 -22.22
N GLY A 722 -29.49 18.39 -22.35
CA GLY A 722 -30.46 18.84 -21.37
C GLY A 722 -29.88 19.51 -20.16
N ASN A 723 -28.65 19.98 -20.23
CA ASN A 723 -28.01 20.66 -19.12
C ASN A 723 -28.02 22.17 -19.31
N THR A 724 -28.08 22.89 -18.20
CA THR A 724 -28.06 24.34 -18.17
C THR A 724 -26.67 24.79 -17.76
N VAL A 725 -26.00 25.55 -18.62
CA VAL A 725 -24.63 26.00 -18.38
C VAL A 725 -24.67 27.51 -18.15
N LEU A 726 -24.57 27.93 -16.90
CA LEU A 726 -24.54 29.34 -16.53
C LEU A 726 -23.13 29.80 -16.21
N ALA B 1 1.37 1.68 52.21
CA ALA B 1 1.29 0.23 52.09
C ALA B 1 1.70 -0.20 50.71
N ASP B 2 2.21 -1.42 50.62
CA ASP B 2 2.60 -2.02 49.36
C ASP B 2 1.47 -2.92 48.91
N LEU B 3 1.11 -2.82 47.63
CA LEU B 3 -0.04 -3.50 47.06
C LEU B 3 0.45 -4.25 45.82
N LEU B 4 0.94 -5.47 46.04
CA LEU B 4 1.47 -6.28 44.95
C LEU B 4 0.31 -6.81 44.12
N VAL B 5 0.40 -6.65 42.81
CA VAL B 5 -0.65 -7.10 41.91
C VAL B 5 -0.01 -7.86 40.76
N LYS B 6 -0.65 -8.95 40.37
CA LYS B 6 -0.11 -9.85 39.37
C LYS B 6 -1.03 -10.03 38.17
N THR B 7 -2.24 -9.49 38.21
CA THR B 7 -3.13 -9.54 37.08
C THR B 7 -3.74 -8.15 36.93
N PRO B 8 -4.13 -7.78 35.71
CA PRO B 8 -4.86 -6.52 35.55
C PRO B 8 -6.03 -6.37 36.51
N GLU B 9 -6.83 -7.42 36.71
CA GLU B 9 -7.95 -7.32 37.64
C GLU B 9 -7.48 -6.96 39.04
N ALA B 10 -6.38 -7.56 39.47
CA ALA B 10 -5.85 -7.24 40.79
C ALA B 10 -5.36 -5.80 40.83
N TYR B 11 -4.79 -5.33 39.73
CA TYR B 11 -4.47 -3.91 39.61
C TYR B 11 -5.70 -3.06 39.79
N ASP B 12 -6.81 -3.40 39.13
CA ASP B 12 -8.04 -2.65 39.28
C ASP B 12 -8.49 -2.57 40.73
N GLN B 13 -8.36 -3.67 41.49
CA GLN B 13 -8.79 -3.67 42.89
C GLN B 13 -7.85 -2.82 43.73
N ALA B 14 -6.57 -2.85 43.43
CA ALA B 14 -5.63 -2.09 44.24
C ALA B 14 -5.82 -0.60 44.04
N LEU B 15 -6.14 -0.19 42.81
CA LEU B 15 -6.39 1.22 42.54
C LEU B 15 -7.60 1.72 43.31
N LYS B 16 -8.64 0.89 43.40
CA LYS B 16 -9.85 1.31 44.11
C LYS B 16 -9.56 1.59 45.58
N LYS B 17 -8.53 0.99 46.14
CA LYS B 17 -8.30 1.10 47.58
C LYS B 17 -6.97 1.72 47.96
N ALA B 18 -6.16 2.16 47.01
CA ALA B 18 -4.94 2.87 47.35
C ALA B 18 -5.24 4.18 48.07
N LYS B 19 -4.35 4.56 48.97
CA LYS B 19 -4.44 5.78 49.75
C LYS B 19 -3.15 6.57 49.52
N PRO B 20 -3.16 7.88 49.75
CA PRO B 20 -1.91 8.63 49.69
C PRO B 20 -0.82 7.92 50.44
N GLY B 21 0.33 7.74 49.80
CA GLY B 21 1.46 7.07 50.40
C GLY B 21 1.66 5.64 49.97
N ASP B 22 0.62 4.99 49.44
CA ASP B 22 0.73 3.61 49.00
C ASP B 22 1.55 3.49 47.73
N ASP B 23 2.11 2.30 47.53
CA ASP B 23 2.73 1.90 46.27
C ASP B 23 1.91 0.75 45.71
N ILE B 24 1.42 0.89 44.48
CA ILE B 24 0.89 -0.26 43.74
C ILE B 24 2.05 -0.85 42.99
N ILE B 25 2.28 -2.15 43.15
CA ILE B 25 3.48 -2.80 42.65
C ILE B 25 3.10 -3.83 41.62
N LEU B 26 3.52 -3.61 40.38
CA LEU B 26 3.25 -4.57 39.31
C LEU B 26 4.28 -5.70 39.40
N ALA B 27 3.80 -6.94 39.53
CA ALA B 27 4.72 -8.06 39.70
C ALA B 27 5.60 -8.26 38.46
N ASN B 28 6.85 -8.65 38.69
CA ASN B 28 7.78 -8.93 37.60
C ASN B 28 7.17 -9.90 36.60
N GLY B 29 7.36 -9.63 35.33
CA GLY B 29 6.79 -10.45 34.30
C GLY B 29 6.52 -9.61 33.06
N THR B 30 5.82 -10.22 32.11
CA THR B 30 5.43 -9.55 30.89
C THR B 30 3.93 -9.34 30.93
N TRP B 31 3.53 -8.08 30.84
CA TRP B 31 2.14 -7.66 30.84
C TRP B 31 1.79 -7.30 29.40
N ARG B 32 1.22 -8.24 28.68
CA ARG B 32 0.84 -8.00 27.31
C ARG B 32 -0.54 -7.36 27.28
N ASP B 33 -0.73 -6.46 26.30
CA ASP B 33 -1.99 -5.75 26.04
C ASP B 33 -2.56 -5.14 27.32
N PHE B 34 -1.71 -4.40 28.02
CA PHE B 34 -2.08 -3.78 29.29
C PHE B 34 -2.26 -2.29 29.06
N GLU B 35 -3.50 -1.84 29.02
CA GLU B 35 -3.78 -0.40 28.93
C GLU B 35 -3.95 0.13 30.36
N VAL B 36 -2.88 0.71 30.90
CA VAL B 36 -2.88 1.18 32.27
C VAL B 36 -3.56 2.55 32.31
N LEU B 37 -4.68 2.64 33.03
CA LEU B 37 -5.26 3.91 33.42
C LEU B 37 -5.01 4.06 34.92
N PHE B 38 -4.01 4.86 35.26
CA PHE B 38 -3.59 5.11 36.63
C PHE B 38 -4.23 6.41 37.10
N GLU B 39 -5.44 6.33 37.66
CA GLU B 39 -6.26 7.50 38.00
C GLU B 39 -6.50 7.53 39.49
N ALA B 40 -5.87 8.47 40.18
CA ALA B 40 -5.99 8.52 41.64
C ALA B 40 -5.62 9.91 42.12
N LYS B 41 -5.77 10.14 43.43
CA LYS B 41 -5.52 11.42 44.08
C LYS B 41 -4.62 11.17 45.28
N GLY B 42 -3.32 11.31 45.09
CA GLY B 42 -2.42 11.43 46.22
C GLY B 42 -2.49 12.79 46.87
N ASN B 43 -1.67 12.97 47.89
CA ASN B 43 -1.54 14.25 48.59
C ASN B 43 -0.14 14.77 48.34
N GLU B 44 0.07 16.03 48.72
CA GLU B 44 1.32 16.72 48.38
C GLU B 44 2.54 15.95 48.89
N ASN B 45 2.49 15.50 50.15
CA ASN B 45 3.63 14.81 50.72
C ASN B 45 3.38 13.32 50.89
N LYS B 46 2.32 12.79 50.28
CA LYS B 46 2.06 11.37 50.25
C LYS B 46 1.51 11.04 48.86
N PRO B 47 2.38 10.83 47.88
CA PRO B 47 1.90 10.45 46.56
C PRO B 47 1.45 9.00 46.54
N ILE B 48 0.78 8.64 45.46
CA ILE B 48 0.37 7.28 45.16
C ILE B 48 1.23 6.81 43.99
N THR B 49 1.93 5.70 44.16
CA THR B 49 2.95 5.28 43.21
C THR B 49 2.52 4.00 42.49
N LEU B 50 2.85 3.92 41.21
CA LEU B 50 2.67 2.71 40.42
C LEU B 50 4.07 2.35 39.95
N ARG B 51 4.61 1.26 40.46
CA ARG B 51 5.98 0.91 40.10
C ARG B 51 6.08 -0.57 39.77
N GLY B 52 7.09 -0.88 38.95
CA GLY B 52 7.45 -2.26 38.71
C GLY B 52 8.24 -2.81 39.88
N GLN B 53 7.95 -4.06 40.21
CA GLN B 53 8.57 -4.70 41.36
C GLN B 53 10.08 -4.57 41.32
N THR B 54 10.68 -5.05 40.25
CA THR B 54 12.11 -4.85 39.98
C THR B 54 12.22 -4.05 38.71
N PRO B 55 12.72 -2.81 38.76
CA PRO B 55 12.96 -2.08 37.51
C PRO B 55 13.82 -2.93 36.61
N GLY B 56 13.36 -3.12 35.37
CA GLY B 56 14.04 -3.96 34.42
C GLY B 56 13.37 -5.29 34.20
N LYS B 57 12.51 -5.72 35.13
CA LYS B 57 11.89 -7.03 35.03
C LYS B 57 10.39 -6.98 34.88
N VAL B 58 9.79 -5.80 34.78
CA VAL B 58 8.39 -5.63 34.41
C VAL B 58 8.35 -5.03 33.01
N PHE B 59 7.74 -5.76 32.07
CA PHE B 59 7.63 -5.35 30.68
C PHE B 59 6.16 -5.22 30.32
N LEU B 60 5.80 -4.10 29.69
CA LEU B 60 4.49 -3.92 29.07
C LEU B 60 4.66 -4.08 27.57
N THR B 61 3.98 -5.06 26.98
CA THR B 61 4.20 -5.46 25.61
C THR B 61 2.87 -5.43 24.86
N GLY B 62 2.95 -5.66 23.55
CA GLY B 62 1.70 -5.65 22.82
C GLY B 62 1.07 -4.28 22.81
N GLN B 63 -0.24 -4.26 22.70
CA GLN B 63 -0.96 -3.00 22.71
C GLN B 63 -1.12 -2.52 24.15
N SER B 64 -0.02 -2.03 24.70
CA SER B 64 0.00 -1.46 26.04
C SER B 64 0.26 0.04 25.99
N ASN B 65 -0.28 0.75 26.98
CA ASN B 65 -0.07 2.18 27.10
C ASN B 65 -0.29 2.55 28.55
N LEU B 66 -0.01 3.81 28.86
CA LEU B 66 -0.18 4.34 30.20
C LEU B 66 -0.83 5.71 30.12
N ARG B 67 -1.76 5.97 31.05
CA ARG B 67 -2.41 7.25 31.20
C ARG B 67 -2.52 7.58 32.68
N LEU B 68 -1.94 8.70 33.07
CA LEU B 68 -2.08 9.21 34.43
C LEU B 68 -3.23 10.22 34.47
N ALA B 69 -3.89 10.29 35.62
CA ALA B 69 -5.04 11.19 35.79
C ALA B 69 -5.26 11.36 37.27
N GLY B 70 -5.59 12.58 37.68
CA GLY B 70 -5.61 12.91 39.09
C GLY B 70 -4.44 13.79 39.44
N GLU B 71 -3.96 13.70 40.67
CA GLU B 71 -2.84 14.53 41.11
C GLU B 71 -1.95 13.75 42.06
N HIS B 72 -0.69 14.16 42.12
CA HIS B 72 0.27 13.63 43.07
C HIS B 72 0.50 12.16 42.87
N LEU B 73 0.78 11.80 41.62
CA LEU B 73 1.00 10.45 41.16
C LEU B 73 2.47 10.27 40.82
N ILE B 74 2.93 9.02 40.86
CA ILE B 74 4.27 8.68 40.42
C ILE B 74 4.25 7.33 39.71
N VAL B 75 4.82 7.27 38.52
CA VAL B 75 5.01 6.00 37.82
C VAL B 75 6.49 5.78 37.61
N SER B 76 6.96 4.57 37.89
CA SER B 76 8.40 4.30 37.82
C SER B 76 8.66 2.84 37.52
N GLY B 77 9.81 2.60 36.91
CA GLY B 77 10.37 1.28 36.73
C GLY B 77 9.60 0.35 35.81
N LEU B 78 9.15 0.86 34.67
CA LEU B 78 8.51 0.03 33.65
C LEU B 78 9.34 0.03 32.37
N VAL B 79 9.14 -1.00 31.55
CA VAL B 79 9.75 -1.11 30.23
C VAL B 79 8.64 -1.39 29.23
N PHE B 80 8.48 -0.52 28.23
CA PHE B 80 7.60 -0.78 27.09
C PHE B 80 8.42 -1.30 25.92
N LYS B 81 8.17 -2.53 25.50
CA LYS B 81 8.81 -3.11 24.32
C LYS B 81 7.91 -4.15 23.68
N ASP B 82 8.35 -4.68 22.55
CA ASP B 82 7.61 -5.61 21.70
C ASP B 82 6.14 -5.26 21.59
N GLY B 83 5.83 -4.15 20.93
CA GLY B 83 4.46 -3.73 20.81
C GLY B 83 4.38 -2.30 20.36
N TYR B 84 3.24 -1.68 20.65
CA TYR B 84 2.98 -0.31 20.25
C TYR B 84 1.62 0.10 20.76
N THR B 85 1.44 1.39 21.04
CA THR B 85 0.22 1.85 21.69
C THR B 85 -0.97 1.77 20.75
N PRO B 86 -2.14 1.37 21.24
CA PRO B 86 -3.34 1.41 20.41
C PRO B 86 -3.94 2.79 20.29
N THR B 87 -3.50 3.73 21.10
CA THR B 87 -4.02 5.07 21.08
C THR B 87 -3.02 5.99 20.39
N GLY B 88 -3.17 7.29 20.61
CA GLY B 88 -2.27 8.26 20.02
C GLY B 88 -0.95 8.41 20.73
N GLU B 89 -0.81 7.82 21.91
CA GLU B 89 0.44 8.02 22.64
C GLU B 89 0.66 6.85 23.60
N VAL B 90 1.92 6.61 23.89
CA VAL B 90 2.29 5.52 24.79
C VAL B 90 2.07 5.93 26.23
N ILE B 91 2.63 7.07 26.61
CA ILE B 91 2.43 7.69 27.92
C ILE B 91 1.72 9.03 27.74
N ALA B 92 0.56 9.19 28.38
CA ALA B 92 -0.20 10.41 28.36
C ALA B 92 -0.48 10.86 29.79
N PHE B 93 -0.30 12.16 30.04
CA PHE B 93 -0.59 12.74 31.35
C PHE B 93 -2.04 13.19 31.46
N ARG B 94 -2.97 12.35 31.05
CA ARG B 94 -4.40 12.64 31.20
C ARG B 94 -5.19 11.34 30.98
N ARG B 95 -6.39 11.29 31.53
CA ARG B 95 -7.29 10.20 31.16
C ARG B 95 -7.85 10.43 29.78
N ASN B 96 -8.33 11.65 29.56
CA ASN B 96 -8.96 12.14 28.34
C ASN B 96 -9.09 13.65 28.55
N LYS B 97 -9.88 14.31 27.69
CA LYS B 97 -10.00 15.75 27.79
C LYS B 97 -10.68 16.19 29.09
N ASP B 98 -11.40 15.30 29.76
CA ASP B 98 -12.16 15.67 30.95
C ASP B 98 -11.38 15.54 32.25
N VAL B 99 -10.43 14.61 32.35
CA VAL B 99 -9.64 14.42 33.56
C VAL B 99 -8.16 14.48 33.19
N LEU B 100 -7.49 15.55 33.58
CA LEU B 100 -6.07 15.63 33.32
C LEU B 100 -5.30 15.13 34.53
N ALA B 101 -3.99 15.09 34.41
CA ALA B 101 -3.12 14.83 35.55
C ALA B 101 -2.22 16.04 35.76
N SER B 102 -2.08 16.43 37.01
CA SER B 102 -1.16 17.48 37.40
C SER B 102 -0.35 16.99 38.59
N HIS B 103 0.77 17.66 38.84
CA HIS B 103 1.61 17.35 39.99
C HIS B 103 2.00 15.88 40.02
N SER B 104 2.36 15.34 38.86
CA SER B 104 2.63 13.92 38.74
C SER B 104 3.98 13.69 38.07
N ARG B 105 4.59 12.56 38.38
CA ARG B 105 5.95 12.29 37.94
C ARG B 105 6.00 10.94 37.26
N VAL B 106 6.70 10.87 36.12
CA VAL B 106 7.03 9.63 35.44
C VAL B 106 8.54 9.55 35.34
N THR B 107 9.12 8.55 35.99
CA THR B 107 10.55 8.49 36.17
C THR B 107 10.98 7.05 36.00
N GLN B 108 12.19 6.86 35.46
CA GLN B 108 12.77 5.54 35.23
C GLN B 108 11.82 4.65 34.45
N VAL B 109 11.36 5.13 33.29
CA VAL B 109 10.57 4.34 32.35
C VAL B 109 11.33 4.25 31.03
N VAL B 110 11.27 3.08 30.42
CA VAL B 110 11.98 2.77 29.18
C VAL B 110 10.94 2.54 28.11
N ILE B 111 11.09 3.21 26.98
CA ILE B 111 10.35 2.87 25.77
C ILE B 111 11.39 2.53 24.71
N ASP B 112 11.41 1.27 24.29
CA ASP B 112 12.48 0.72 23.46
C ASP B 112 11.82 0.12 22.23
N ASN B 113 11.85 0.90 21.14
CA ASN B 113 11.38 0.43 19.83
C ASN B 113 9.92 0.00 19.89
N PHE B 114 9.15 0.69 20.70
CA PHE B 114 7.70 0.50 20.77
C PHE B 114 7.02 1.13 19.57
N SER B 115 7.44 0.80 18.36
CA SER B 115 7.06 1.55 17.17
C SER B 115 5.88 0.92 16.46
N ASN B 116 4.93 1.76 16.08
CA ASN B 116 3.81 1.28 15.28
C ASN B 116 4.34 0.60 14.02
N PRO B 117 3.77 -0.54 13.62
CA PRO B 117 4.28 -1.19 12.41
C PRO B 117 4.01 -0.39 11.16
N GLU B 118 2.92 0.32 11.07
CA GLU B 118 2.70 1.12 9.87
C GLU B 118 3.46 2.43 10.02
N LYS B 119 4.50 2.60 9.19
CA LYS B 119 5.43 3.71 9.35
C LYS B 119 4.75 5.06 9.32
N PHE B 120 3.53 5.16 8.81
CA PHE B 120 2.87 6.45 8.67
C PHE B 120 1.47 6.45 9.26
N GLU B 121 1.21 5.61 10.24
CA GLU B 121 0.17 5.95 11.20
C GLU B 121 0.90 6.67 12.33
N GLN B 122 0.36 7.81 12.72
CA GLN B 122 1.11 8.73 13.57
C GLN B 122 0.73 8.55 15.03
N ASP B 123 1.74 8.60 15.89
CA ASP B 123 1.53 8.65 17.32
C ASP B 123 2.70 9.39 17.94
N SER B 124 2.62 9.58 19.24
CA SER B 124 3.73 10.09 20.01
C SER B 124 3.97 9.12 21.15
N TRP B 125 5.14 9.24 21.78
CA TRP B 125 5.43 8.32 22.86
C TRP B 125 5.07 8.92 24.20
N VAL B 126 5.31 10.22 24.36
CA VAL B 126 4.97 10.93 25.60
C VAL B 126 4.21 12.20 25.24
N MET B 127 3.08 12.41 25.92
CA MET B 127 2.22 13.56 25.69
C MET B 127 1.89 14.13 27.06
N VAL B 128 2.33 15.35 27.32
CA VAL B 128 2.17 15.97 28.63
C VAL B 128 0.99 16.94 28.60
N TYR B 129 0.13 16.88 29.61
CA TYR B 129 -0.99 17.78 29.79
C TYR B 129 -0.94 18.37 31.19
N GLY B 130 -1.96 19.15 31.55
CA GLY B 130 -2.06 19.71 32.89
C GLY B 130 -0.85 20.53 33.29
N ARG B 131 -0.58 20.60 34.60
CA ARG B 131 0.45 21.49 35.14
C ARG B 131 1.30 20.79 36.20
N HIS B 132 2.54 21.25 36.32
CA HIS B 132 3.47 20.84 37.36
C HIS B 132 3.72 19.33 37.34
N ASN B 133 3.92 18.81 36.15
CA ASN B 133 4.29 17.42 35.98
C ASN B 133 5.79 17.33 35.74
N ARG B 134 6.34 16.15 35.97
CA ARG B 134 7.76 15.93 35.75
C ARG B 134 7.96 14.64 34.98
N PHE B 135 8.87 14.69 34.00
CA PHE B 135 9.23 13.54 33.20
C PHE B 135 10.75 13.45 33.24
N ASP B 136 11.28 12.47 33.98
CA ASP B 136 12.70 12.51 34.32
C ASP B 136 13.32 11.13 34.37
N HIS B 137 14.62 11.08 34.07
CA HIS B 137 15.42 9.85 34.11
C HIS B 137 14.76 8.71 33.36
N ASN B 138 14.27 8.99 32.15
CA ASN B 138 13.64 7.98 31.31
C ASN B 138 14.51 7.67 30.10
N HIS B 139 14.09 6.69 29.33
CA HIS B 139 14.95 6.12 28.29
C HIS B 139 14.05 5.82 27.10
N LEU B 140 14.22 6.58 26.02
CA LEU B 140 13.40 6.41 24.83
C LEU B 140 14.29 6.29 23.61
N VAL B 141 14.06 5.27 22.78
CA VAL B 141 14.98 4.93 21.70
C VAL B 141 14.24 4.13 20.63
N GLY B 142 14.56 4.42 19.36
CA GLY B 142 14.10 3.61 18.26
C GLY B 142 12.70 3.86 17.76
N LYS B 143 12.21 5.10 17.82
CA LYS B 143 10.91 5.43 17.26
C LYS B 143 11.03 5.59 15.75
N ARG B 144 10.34 4.75 14.98
CA ARG B 144 10.54 4.68 13.55
C ARG B 144 9.31 5.11 12.75
N ASN B 145 8.25 5.52 13.42
CA ASN B 145 7.03 5.91 12.74
C ASN B 145 6.83 7.43 12.82
N LYS B 146 5.87 7.90 12.04
CA LYS B 146 5.57 9.32 11.99
C LYS B 146 5.10 9.83 13.34
N GLY B 147 5.53 11.03 13.70
CA GLY B 147 5.04 11.58 14.94
C GLY B 147 6.18 11.90 15.88
N VAL B 148 6.09 13.07 16.51
CA VAL B 148 7.11 13.54 17.43
C VAL B 148 7.15 12.64 18.65
N THR B 149 8.35 12.44 19.20
CA THR B 149 8.51 11.47 20.28
C THR B 149 7.83 11.95 21.57
N MET B 150 8.12 13.18 22.00
CA MET B 150 7.52 13.74 23.20
C MET B 150 6.98 15.14 22.93
N ALA B 151 5.75 15.41 23.36
CA ALA B 151 5.19 16.74 23.20
C ALA B 151 4.54 17.23 24.48
N VAL B 152 4.74 18.52 24.77
CA VAL B 152 3.94 19.24 25.75
C VAL B 152 2.73 19.81 25.03
N ARG B 153 1.55 19.47 25.51
CA ARG B 153 0.32 19.95 24.92
C ARG B 153 -0.15 21.22 25.62
N LEU B 154 -0.74 22.13 24.86
CA LEU B 154 -1.27 23.35 25.45
C LEU B 154 -2.71 23.59 25.04
N THR B 155 -3.48 22.52 24.79
CA THR B 155 -4.75 22.74 24.12
C THR B 155 -5.83 23.37 25.00
N THR B 156 -5.62 23.47 26.30
CA THR B 156 -6.54 24.17 27.18
C THR B 156 -5.72 25.00 28.15
N GLU B 157 -6.38 25.94 28.83
CA GLU B 157 -5.63 26.73 29.80
C GLU B 157 -5.15 25.85 30.92
N SER B 158 -5.88 24.78 31.20
CA SER B 158 -5.47 23.81 32.19
C SER B 158 -4.07 23.30 31.95
N SER B 159 -3.72 23.11 30.68
CA SER B 159 -2.42 22.58 30.32
C SER B 159 -1.38 23.66 30.11
N GLN B 160 -1.76 24.93 30.12
CA GLN B 160 -0.82 26.02 29.89
C GLN B 160 -0.27 26.54 31.19
N GLN B 161 0.77 27.36 31.09
CA GLN B 161 1.44 27.89 32.28
C GLN B 161 1.80 26.76 33.23
N ASN B 162 2.42 25.73 32.69
CA ASN B 162 2.45 24.44 33.33
C ASN B 162 3.68 24.22 34.19
N HIS B 163 4.82 24.81 33.84
CA HIS B 163 6.07 24.62 34.57
C HIS B 163 6.45 23.13 34.65
N HIS B 164 6.05 22.34 33.66
CA HIS B 164 6.55 21.00 33.52
C HIS B 164 8.05 21.00 33.51
N ARG B 165 8.65 20.00 34.12
CA ARG B 165 10.09 19.81 34.15
C ARG B 165 10.41 18.53 33.39
N ILE B 166 11.29 18.63 32.41
CA ILE B 166 11.69 17.50 31.57
C ILE B 166 13.21 17.42 31.67
N ASP B 167 13.71 16.49 32.48
CA ASP B 167 15.12 16.49 32.86
C ASP B 167 15.71 15.07 32.90
N HIS B 168 17.03 15.01 32.72
CA HIS B 168 17.84 13.80 32.91
C HIS B 168 17.36 12.62 32.09
N ASN B 169 16.77 12.87 30.93
CA ASN B 169 16.26 11.83 30.06
C ASN B 169 17.28 11.46 28.99
N TYR B 170 17.26 10.19 28.61
CA TYR B 170 18.01 9.71 27.45
C TYR B 170 17.06 9.72 26.26
N PHE B 171 17.29 10.64 25.32
CA PHE B 171 16.55 10.69 24.07
C PHE B 171 17.49 10.05 23.07
N GLY B 172 17.40 8.74 22.97
CA GLY B 172 18.35 7.96 22.22
C GLY B 172 18.06 7.96 20.74
N PRO B 173 18.85 7.19 19.99
CA PRO B 173 18.82 7.27 18.54
C PRO B 173 17.43 7.13 17.95
N ARG B 174 17.07 8.10 17.12
CA ARG B 174 15.87 8.06 16.30
C ARG B 174 16.30 8.03 14.85
N PRO B 175 15.99 6.97 14.11
CA PRO B 175 16.39 6.91 12.71
C PRO B 175 15.69 7.99 11.89
N ILE B 176 16.28 8.26 10.72
CA ILE B 176 15.69 9.18 9.79
C ILE B 176 14.29 8.71 9.40
N LEU B 177 13.31 9.62 9.46
CA LEU B 177 11.95 9.24 9.11
C LEU B 177 11.76 9.20 7.61
N GLY B 178 12.53 9.98 6.85
CA GLY B 178 12.27 10.07 5.43
C GLY B 178 10.98 10.79 5.15
N SER B 179 10.59 11.68 6.03
CA SER B 179 9.38 12.49 5.91
C SER B 179 9.43 13.50 7.02
N ASN B 180 8.39 14.31 7.09
CA ASN B 180 8.29 15.28 8.17
C ASN B 180 7.57 14.62 9.33
N GLY B 181 7.77 15.20 10.50
CA GLY B 181 7.19 14.69 11.70
C GLY B 181 8.10 13.78 12.48
N GLY B 182 9.40 14.00 12.44
CA GLY B 182 10.34 13.16 13.13
C GLY B 182 11.02 13.91 14.25
N GLU B 183 10.32 14.88 14.82
CA GLU B 183 10.85 15.67 15.92
C GLU B 183 11.01 14.80 17.15
N THR B 184 12.02 15.10 17.97
CA THR B 184 12.14 14.40 19.24
C THR B 184 11.27 15.05 20.31
N LEU B 185 11.28 16.38 20.39
CA LEU B 185 10.60 17.12 21.44
C LEU B 185 9.91 18.32 20.83
N ARG B 186 8.61 18.46 21.07
CA ARG B 186 7.86 19.62 20.62
C ARG B 186 7.13 20.21 21.82
N ILE B 187 7.28 21.51 22.03
CA ILE B 187 6.63 22.21 23.15
C ILE B 187 5.55 23.09 22.57
N GLY B 188 4.31 22.65 22.63
CA GLY B 188 3.22 23.46 22.14
C GLY B 188 3.00 23.32 20.65
N THR B 189 2.11 24.16 20.13
CA THR B 189 1.74 24.05 18.73
C THR B 189 1.45 25.44 18.19
N SER B 190 1.49 25.58 16.86
CA SER B 190 1.32 26.91 16.26
C SER B 190 0.06 27.60 16.78
N HIS B 191 -1.05 26.87 16.88
CA HIS B 191 -2.31 27.46 17.32
C HIS B 191 -2.26 27.97 18.75
N HIS B 192 -1.33 27.49 19.58
CA HIS B 192 -1.24 27.94 20.96
C HIS B 192 0.11 28.55 21.26
N SER B 193 0.88 28.91 20.23
CA SER B 193 2.21 29.45 20.42
C SER B 193 2.21 30.81 21.11
N LEU B 194 1.09 31.50 21.14
CA LEU B 194 1.09 32.77 21.83
C LEU B 194 0.84 32.62 23.32
N THR B 195 0.49 31.42 23.79
CA THR B 195 0.35 31.18 25.21
C THR B 195 1.70 30.87 25.84
N ASP B 196 1.79 31.11 27.15
CA ASP B 196 3.01 30.88 27.91
C ASP B 196 3.01 29.47 28.50
N SER B 197 4.07 28.72 28.24
CA SER B 197 4.13 27.33 28.69
C SER B 197 4.95 27.19 29.97
N PHE B 198 6.12 27.82 30.01
CA PHE B 198 7.03 27.82 31.15
C PHE B 198 7.65 26.45 31.38
N THR B 199 7.81 25.67 30.31
CA THR B 199 8.42 24.36 30.43
C THR B 199 9.92 24.49 30.61
N LEU B 200 10.46 23.74 31.59
CA LEU B 200 11.90 23.62 31.78
C LEU B 200 12.38 22.33 31.13
N VAL B 201 13.40 22.43 30.28
CA VAL B 201 13.91 21.29 29.51
C VAL B 201 15.41 21.25 29.72
N GLU B 202 15.84 20.49 30.71
CA GLU B 202 17.20 20.61 31.21
C GLU B 202 17.85 19.26 31.39
N ASN B 203 19.16 19.21 31.11
CA ASN B 203 20.01 18.08 31.43
C ASN B 203 19.50 16.80 30.77
N ASN B 204 19.04 16.92 29.53
CA ASN B 204 18.74 15.76 28.73
C ASN B 204 19.86 15.54 27.73
N TYR B 205 20.04 14.28 27.36
CA TYR B 205 21.02 13.87 26.39
C TYR B 205 20.27 13.44 25.14
N PHE B 206 20.51 14.12 24.03
CA PHE B 206 19.92 13.76 22.74
C PHE B 206 21.02 13.06 21.95
N ASP B 207 20.88 11.77 21.76
CA ASP B 207 21.92 10.92 21.22
C ASP B 207 21.48 10.46 19.84
N ARG B 208 21.97 11.15 18.80
CA ARG B 208 21.68 10.82 17.41
C ARG B 208 20.17 10.81 17.13
N CYS B 209 19.47 11.83 17.60
CA CYS B 209 18.08 12.01 17.21
C CYS B 209 18.06 12.60 15.82
N ASN B 210 17.83 11.75 14.82
CA ASN B 210 18.03 12.10 13.43
C ASN B 210 16.71 12.13 12.66
N GLY B 211 15.58 12.32 13.35
CA GLY B 211 14.29 12.05 12.72
C GLY B 211 13.96 12.97 11.57
N GLU B 212 14.36 14.24 11.68
CA GLU B 212 14.04 15.29 10.71
C GLU B 212 14.90 16.50 11.03
N VAL B 213 14.59 17.66 10.45
CA VAL B 213 15.46 18.81 10.64
C VAL B 213 15.26 19.46 12.00
N GLU B 214 14.08 19.36 12.59
CA GLU B 214 13.88 19.92 13.92
C GLU B 214 14.04 18.82 14.96
N ILE B 215 15.08 18.90 15.79
CA ILE B 215 15.20 17.98 16.92
C ILE B 215 14.24 18.40 18.02
N ILE B 216 14.38 19.64 18.48
CA ILE B 216 13.40 20.30 19.36
C ILE B 216 12.67 21.37 18.56
N SER B 217 11.36 21.39 18.67
CA SER B 217 10.50 22.34 18.00
C SER B 217 9.79 23.12 19.10
N ASN B 218 10.29 24.30 19.42
CA ASN B 218 9.63 25.12 20.42
C ASN B 218 8.50 25.89 19.72
N LYS B 219 7.29 25.76 20.22
CA LYS B 219 6.13 26.42 19.63
C LYS B 219 5.22 26.97 20.72
N SER B 220 5.81 27.72 21.65
CA SER B 220 5.06 28.42 22.69
C SER B 220 6.01 29.39 23.38
N GLY B 221 5.54 30.00 24.46
CA GLY B 221 6.22 31.12 25.07
C GLY B 221 6.88 30.78 26.38
N LYS B 222 7.98 31.46 26.66
CA LYS B 222 8.60 31.54 27.99
C LYS B 222 9.10 30.18 28.48
N ASN B 223 9.38 29.27 27.56
CA ASN B 223 10.06 28.03 27.93
C ASN B 223 11.55 28.28 28.12
N SER B 224 12.16 27.44 28.93
CA SER B 224 13.60 27.47 29.16
C SER B 224 14.19 26.12 28.75
N ILE B 225 15.13 26.14 27.81
CA ILE B 225 15.73 24.93 27.28
C ILE B 225 17.23 25.03 27.57
N ARG B 226 17.68 24.42 28.66
CA ARG B 226 19.02 24.67 29.19
C ARG B 226 19.77 23.38 29.52
N ASN B 227 21.10 23.46 29.46
CA ASN B 227 22.00 22.40 29.93
C ASN B 227 21.75 21.05 29.28
N ASN B 228 21.32 21.02 28.03
CA ASN B 228 21.15 19.77 27.30
C ASN B 228 22.38 19.46 26.46
N VAL B 229 22.49 18.21 26.00
CA VAL B 229 23.58 17.81 25.13
C VAL B 229 23.00 17.21 23.86
N PHE B 230 23.51 17.63 22.71
CA PHE B 230 23.03 17.14 21.42
C PHE B 230 24.23 16.48 20.72
N PHE B 231 24.25 15.15 20.70
CA PHE B 231 25.40 14.37 20.23
C PHE B 231 25.10 13.80 18.85
N GLU B 232 25.89 14.20 17.87
CA GLU B 232 25.80 13.74 16.48
C GLU B 232 24.36 13.67 15.98
N SER B 233 23.59 14.70 16.28
CA SER B 233 22.17 14.69 15.94
C SER B 233 21.91 15.54 14.70
N ARG B 234 21.15 14.99 13.76
CA ARG B 234 20.87 15.65 12.49
C ARG B 234 19.69 16.57 12.68
N GLY B 235 19.95 17.83 12.89
CA GLY B 235 18.87 18.77 12.99
C GLY B 235 19.24 19.91 13.91
N THR B 236 18.21 20.52 14.49
CA THR B 236 18.36 21.80 15.15
C THR B 236 17.45 21.91 16.36
N LEU B 237 17.83 22.81 17.26
CA LEU B 237 16.92 23.35 18.25
C LEU B 237 16.29 24.60 17.63
N THR B 238 15.04 24.50 17.20
CA THR B 238 14.38 25.56 16.44
C THR B 238 13.35 26.24 17.33
N LEU B 239 13.51 27.54 17.54
CA LEU B 239 12.51 28.38 18.20
C LEU B 239 11.48 28.75 17.15
N ALA B 240 10.60 27.80 16.84
CA ALA B 240 9.78 27.94 15.65
C ALA B 240 8.69 29.01 15.84
N HIS B 241 7.86 28.86 16.87
CA HIS B 241 6.85 29.85 17.25
C HIS B 241 7.03 30.18 18.73
N GLY B 242 6.48 31.31 19.15
CA GLY B 242 6.56 31.63 20.58
C GLY B 242 7.74 32.53 20.92
N ASN B 243 7.51 33.41 21.90
CA ASN B 243 8.46 34.43 22.27
C ASN B 243 8.93 34.23 23.71
N GLY B 244 9.96 34.97 24.10
CA GLY B 244 10.42 34.98 25.48
C GLY B 244 11.10 33.71 25.96
N ASN B 245 11.80 33.01 25.09
CA ASN B 245 12.40 31.73 25.44
C ASN B 245 13.89 31.89 25.73
N ILE B 246 14.38 31.04 26.64
CA ILE B 246 15.78 31.06 27.06
C ILE B 246 16.44 29.78 26.58
N VAL B 247 17.55 29.91 25.86
CA VAL B 247 18.31 28.77 25.37
C VAL B 247 19.74 28.98 25.85
N GLU B 248 20.09 28.33 26.95
CA GLU B 248 21.38 28.55 27.58
C GLU B 248 22.00 27.22 27.98
N ASN B 249 23.33 27.20 28.04
CA ASN B 249 24.14 26.14 28.60
C ASN B 249 24.09 24.83 27.80
N ASN B 250 23.57 24.86 26.59
CA ASN B 250 23.52 23.64 25.79
C ASN B 250 24.85 23.39 25.09
N VAL B 251 25.10 22.13 24.80
CA VAL B 251 26.33 21.70 24.15
C VAL B 251 25.95 20.87 22.93
N PHE B 252 26.58 21.16 21.79
CA PHE B 252 26.34 20.41 20.55
C PHE B 252 27.66 19.80 20.11
N PHE B 253 27.73 18.47 20.06
CA PHE B 253 28.89 17.74 19.53
C PHE B 253 28.43 17.12 18.22
N GLY B 254 28.71 17.79 17.11
CA GLY B 254 28.32 17.24 15.84
C GLY B 254 29.33 16.27 15.29
N ASN B 255 30.58 16.40 15.72
CA ASN B 255 31.67 15.54 15.26
C ASN B 255 31.79 15.51 13.74
N GLY B 256 31.37 16.58 13.07
CA GLY B 256 31.44 16.59 11.63
C GLY B 256 30.45 15.69 10.93
N VAL B 257 29.58 15.03 11.68
CA VAL B 257 28.56 14.19 11.07
C VAL B 257 27.67 15.03 10.16
N ASP B 258 27.28 14.44 9.05
CA ASP B 258 26.55 15.15 8.02
C ASP B 258 25.23 15.72 8.54
N HIS B 259 25.02 17.03 8.33
CA HIS B 259 23.76 17.74 8.55
C HIS B 259 23.41 17.99 10.02
N THR B 260 24.40 18.21 10.87
CA THR B 260 24.17 18.55 12.27
C THR B 260 23.98 20.06 12.42
N GLY B 261 22.87 20.48 13.04
CA GLY B 261 22.67 21.88 13.44
C GLY B 261 23.09 21.98 14.88
N GLY B 262 22.83 23.07 15.61
CA GLY B 262 22.01 24.18 15.17
C GLY B 262 21.06 24.74 16.23
N ILE B 263 21.16 26.04 16.50
CA ILE B 263 20.12 26.80 17.18
C ILE B 263 19.54 27.74 16.13
N ARG B 264 18.24 27.62 15.88
CA ARG B 264 17.54 28.41 14.87
C ARG B 264 16.61 29.41 15.54
N VAL B 265 16.93 30.68 15.39
CA VAL B 265 16.21 31.78 16.00
C VAL B 265 15.17 32.43 15.14
N ILE B 266 13.97 32.45 15.64
CA ILE B 266 12.88 33.04 14.96
C ILE B 266 12.10 33.70 16.06
N ASN B 267 11.25 34.63 15.69
CA ASN B 267 10.40 35.34 16.63
C ASN B 267 11.07 36.27 17.60
N ARG B 268 10.41 36.62 18.68
CA ARG B 268 10.97 37.61 19.59
C ARG B 268 11.30 37.34 21.05
N ASP B 269 12.20 38.16 21.53
CA ASP B 269 12.68 38.15 22.89
C ASP B 269 13.37 36.87 23.29
N GLN B 270 14.05 36.26 22.36
CA GLN B 270 14.75 35.02 22.62
C GLN B 270 16.13 35.31 23.18
N ILE B 271 16.52 34.55 24.19
CA ILE B 271 17.84 34.67 24.79
C ILE B 271 18.62 33.39 24.47
N ILE B 272 19.74 33.54 23.79
CA ILE B 272 20.59 32.45 23.36
C ILE B 272 21.97 32.75 23.94
N ARG B 273 22.28 32.14 25.08
CA ARG B 273 23.52 32.44 25.76
C ARG B 273 24.24 31.17 26.23
N ASN B 274 25.56 31.26 26.26
CA ASN B 274 26.42 30.29 26.92
C ASN B 274 26.21 28.89 26.35
N ASN B 275 25.99 28.81 25.05
CA ASN B 275 25.88 27.55 24.34
C ASN B 275 27.18 27.28 23.63
N TYR B 276 27.58 26.02 23.62
CA TYR B 276 28.80 25.57 22.98
C TYR B 276 28.43 24.70 21.80
N LEU B 277 28.92 25.05 20.62
CA LEU B 277 28.59 24.34 19.40
C LEU B 277 29.89 23.98 18.69
N GLU B 278 30.03 22.70 18.33
CA GLU B 278 31.25 22.21 17.72
C GLU B 278 30.97 21.16 16.65
N GLY B 279 31.63 21.31 15.51
CA GLY B 279 31.58 20.30 14.48
C GLY B 279 30.26 20.22 13.73
N LEU B 280 29.48 21.28 13.70
CA LEU B 280 28.19 21.27 13.02
C LEU B 280 28.38 21.53 11.53
N THR B 281 27.91 20.62 10.70
CA THR B 281 28.10 20.69 9.26
C THR B 281 26.84 21.11 8.51
N GLY B 282 25.76 21.35 9.22
CA GLY B 282 24.53 21.69 8.55
C GLY B 282 24.58 23.06 7.91
N TYR B 283 23.68 23.27 6.95
CA TYR B 283 23.61 24.48 6.18
C TYR B 283 22.16 24.86 5.97
N ARG B 284 21.93 26.04 5.37
CA ARG B 284 20.61 26.65 5.20
C ARG B 284 19.94 26.69 6.57
N PHE B 285 18.69 26.26 6.72
CA PHE B 285 17.99 26.35 7.99
C PHE B 285 18.46 25.31 9.00
N GLY B 286 19.37 24.43 8.59
CA GLY B 286 20.05 23.50 9.47
C GLY B 286 21.41 23.94 9.92
N SER B 287 21.77 25.20 9.72
CA SER B 287 23.10 25.66 10.06
C SER B 287 23.31 25.60 11.57
N GLY B 288 24.56 25.75 11.98
CA GLY B 288 24.87 25.76 13.40
C GLY B 288 24.17 26.86 14.16
N LEU B 289 24.03 28.03 13.52
CA LEU B 289 23.35 29.20 14.09
C LEU B 289 22.56 29.84 12.95
N THR B 290 21.30 30.15 13.21
CA THR B 290 20.41 30.69 12.18
C THR B 290 19.49 31.71 12.80
N VAL B 291 19.51 32.94 12.28
CA VAL B 291 18.56 34.00 12.64
C VAL B 291 17.67 34.22 11.41
N MET B 292 16.39 33.87 11.54
CA MET B 292 15.45 33.87 10.43
C MET B 292 14.95 35.26 10.07
N ASN B 293 14.51 35.41 8.82
CA ASN B 293 13.61 36.48 8.41
C ASN B 293 12.17 36.04 8.65
N GLY B 294 11.35 36.98 9.08
CA GLY B 294 9.97 36.71 9.40
C GLY B 294 9.01 37.12 8.30
N VAL B 295 7.76 36.76 8.51
CA VAL B 295 6.65 37.15 7.65
C VAL B 295 5.83 38.19 8.42
N PRO B 296 5.61 39.35 7.87
CA PRO B 296 4.87 40.35 8.61
C PRO B 296 3.70 40.72 7.82
N ASN B 297 2.52 40.76 8.39
CA ASN B 297 2.27 40.47 9.78
C ASN B 297 1.15 39.50 9.67
N SER B 298 1.45 38.28 10.05
CA SER B 298 0.53 37.19 9.96
C SER B 298 0.45 36.82 11.43
N LYS B 299 -0.10 35.72 11.93
CA LYS B 299 -0.70 34.49 11.38
C LYS B 299 0.20 33.56 12.16
N ILE B 300 -0.38 32.95 13.18
CA ILE B 300 0.34 32.09 14.09
C ILE B 300 1.24 31.07 13.46
N ASN B 301 0.77 30.47 12.38
CA ASN B 301 1.51 29.43 11.68
C ASN B 301 2.68 29.86 10.85
N ARG B 302 2.95 31.16 10.80
CA ARG B 302 4.08 31.61 10.05
C ARG B 302 5.14 32.13 10.98
N TYR B 303 6.36 32.10 10.49
CA TYR B 303 7.49 32.58 11.26
C TYR B 303 7.47 34.11 11.30
N HIS B 304 7.54 34.67 12.49
CA HIS B 304 7.51 36.11 12.68
C HIS B 304 8.94 36.66 12.75
N GLN B 305 9.03 37.98 12.68
CA GLN B 305 10.31 38.67 12.62
C GLN B 305 11.10 38.48 13.90
N VAL B 306 12.42 38.30 13.77
CA VAL B 306 13.30 38.24 14.92
C VAL B 306 13.48 39.64 15.49
N ASP B 307 13.23 39.79 16.79
CA ASP B 307 13.04 41.10 17.40
C ASP B 307 13.49 40.98 18.85
N ASN B 308 14.57 41.68 19.20
CA ASN B 308 15.12 41.66 20.55
C ASN B 308 15.70 40.30 20.91
N ALA B 309 16.34 39.64 19.95
CA ALA B 309 17.15 38.48 20.22
C ALA B 309 18.43 38.93 20.89
N LEU B 310 18.81 38.25 21.98
CA LEU B 310 20.09 38.46 22.64
C LEU B 310 20.88 37.18 22.44
N ILE B 311 22.09 37.29 21.89
CA ILE B 311 22.88 36.14 21.48
C ILE B 311 24.28 36.38 22.01
N GLU B 312 24.60 35.82 23.18
CA GLU B 312 25.82 36.20 23.86
C GLU B 312 26.53 35.02 24.49
N ASN B 313 27.85 35.09 24.45
CA ASN B 313 28.75 34.19 25.17
C ASN B 313 28.65 32.77 24.64
N ASN B 314 28.29 32.61 23.39
CA ASN B 314 28.30 31.32 22.73
C ASN B 314 29.67 31.08 22.12
N THR B 315 30.08 29.82 22.12
CA THR B 315 31.30 29.38 21.44
C THR B 315 30.90 28.54 20.25
N LEU B 316 31.47 28.81 19.08
CA LEU B 316 31.19 28.06 17.87
C LEU B 316 32.49 27.60 17.26
N VAL B 317 32.80 26.30 17.38
CA VAL B 317 34.06 25.75 16.86
C VAL B 317 33.75 24.89 15.65
N ASN B 318 34.43 25.16 14.55
CA ASN B 318 34.25 24.47 13.28
C ASN B 318 32.77 24.32 12.95
N VAL B 319 32.06 25.44 13.01
CA VAL B 319 30.67 25.49 12.59
C VAL B 319 30.66 26.05 11.18
N GLU B 320 30.18 25.27 10.22
CA GLU B 320 30.43 25.61 8.84
C GLU B 320 29.52 26.71 8.33
N HIS B 321 28.37 26.93 8.95
CA HIS B 321 27.42 27.91 8.47
C HIS B 321 26.76 28.62 9.64
N ILE B 322 26.92 29.94 9.69
CA ILE B 322 26.18 30.84 10.59
C ILE B 322 25.39 31.78 9.69
N GLN B 323 24.07 31.72 9.76
CA GLN B 323 23.25 32.39 8.76
C GLN B 323 22.37 33.47 9.39
N PHE B 324 22.59 34.72 8.97
CA PHE B 324 21.83 35.87 9.43
C PHE B 324 20.81 36.30 8.39
N ALA B 325 19.60 36.59 8.85
CA ALA B 325 18.47 36.94 7.98
C ALA B 325 18.14 35.84 6.98
N ALA B 326 18.37 34.59 7.37
CA ALA B 326 18.20 33.49 6.44
C ALA B 326 16.74 33.29 6.08
N GLY B 327 16.53 32.90 4.84
CA GLY B 327 15.20 32.66 4.33
C GLY B 327 14.55 33.86 3.71
N SER B 328 15.28 34.93 3.63
CA SER B 328 14.75 36.15 3.08
C SER B 328 14.20 36.07 1.70
N ASP B 329 12.97 36.51 1.57
CA ASP B 329 12.32 36.54 0.29
C ASP B 329 11.13 37.45 0.35
N LYS B 330 10.17 37.26 -0.53
CA LYS B 330 9.03 38.13 -0.57
C LYS B 330 8.05 37.99 0.59
N GLU B 331 7.93 36.77 1.08
CA GLU B 331 7.04 36.50 2.18
C GLU B 331 7.83 36.75 3.43
N ARG B 332 9.09 36.37 3.41
CA ARG B 332 9.92 36.58 4.59
C ARG B 332 10.74 37.84 4.34
N SER B 333 10.05 38.97 4.43
CA SER B 333 10.62 40.28 4.15
C SER B 333 11.01 41.04 5.41
N ALA B 334 10.75 40.48 6.58
CA ALA B 334 10.95 41.16 7.85
C ALA B 334 12.31 40.78 8.40
N ALA B 335 13.32 41.61 8.16
CA ALA B 335 14.66 41.34 8.64
C ALA B 335 14.77 41.64 10.13
N PRO B 336 15.78 41.10 10.79
CA PRO B 336 15.86 41.24 12.25
C PRO B 336 15.97 42.69 12.70
N ILE B 337 15.47 42.95 13.90
CA ILE B 337 15.45 44.30 14.47
C ILE B 337 15.73 44.21 15.96
N ASN B 338 16.45 45.21 16.47
CA ASN B 338 16.57 45.41 17.92
C ASN B 338 17.31 44.28 18.62
N SER B 339 18.21 43.61 17.93
CA SER B 339 18.88 42.44 18.48
C SER B 339 20.32 42.78 18.86
N ASN B 340 20.99 41.82 19.49
CA ASN B 340 22.36 42.04 19.96
C ASN B 340 23.10 40.72 19.97
N MET B 341 24.30 40.72 19.41
CA MET B 341 25.15 39.54 19.38
C MET B 341 26.50 39.93 19.97
N ASN B 342 26.68 39.59 21.24
CA ASN B 342 27.80 40.06 22.05
C ASN B 342 28.63 38.89 22.53
N ASN B 343 29.95 39.10 22.57
CA ASN B 343 30.88 38.25 23.31
C ASN B 343 30.86 36.77 22.87
N ASN B 344 30.60 36.51 21.61
CA ASN B 344 30.71 35.15 21.13
C ASN B 344 32.11 34.87 20.63
N LEU B 345 32.40 33.59 20.46
CA LEU B 345 33.72 33.12 20.09
C LEU B 345 33.57 32.19 18.90
N ILE B 346 34.11 32.59 17.76
CA ILE B 346 33.99 31.81 16.54
C ILE B 346 35.40 31.42 16.12
N VAL B 347 35.64 30.12 16.00
CA VAL B 347 36.91 29.55 15.59
C VAL B 347 36.64 28.57 14.49
N ASN B 348 37.34 28.72 13.37
CA ASN B 348 37.02 27.97 12.15
C ASN B 348 38.31 27.69 11.42
N ASP B 349 38.58 26.42 11.16
CA ASP B 349 39.89 26.01 10.69
C ASP B 349 40.12 26.22 9.19
N GLN B 350 39.07 26.47 8.41
CA GLN B 350 39.17 26.47 6.94
C GLN B 350 38.84 27.85 6.39
N GLY B 351 39.64 28.83 6.82
CA GLY B 351 39.74 30.08 6.10
C GLY B 351 38.68 31.11 6.39
N THR B 352 37.42 30.75 6.21
CA THR B 352 36.32 31.69 6.37
C THR B 352 35.82 31.69 7.83
N ASP B 353 34.84 32.55 8.12
CA ASP B 353 34.20 32.53 9.43
C ASP B 353 32.77 31.99 9.37
N GLY B 354 32.40 31.33 8.28
CA GLY B 354 31.11 30.68 8.19
C GLY B 354 29.91 31.58 8.11
N ILE B 355 30.10 32.89 8.25
CA ILE B 355 28.97 33.80 8.28
C ILE B 355 28.53 34.13 6.86
N THR B 356 27.22 34.23 6.68
CA THR B 356 26.61 34.63 5.42
C THR B 356 25.35 35.41 5.74
N ALA B 357 25.19 36.58 5.10
CA ALA B 357 24.04 37.45 5.33
C ALA B 357 23.15 37.47 4.10
N PHE B 358 21.83 37.46 4.31
CA PHE B 358 20.85 37.34 3.24
C PHE B 358 19.89 38.51 3.18
N ASP B 359 20.16 39.59 3.91
CA ASP B 359 19.31 40.78 3.96
C ASP B 359 20.08 41.83 4.75
N ASP B 360 19.42 42.93 5.07
CA ASP B 360 20.00 43.92 5.97
C ASP B 360 20.13 43.32 7.37
N ILE B 361 21.35 43.33 7.93
CA ILE B 361 21.57 42.90 9.30
C ILE B 361 21.83 44.08 10.23
N SER B 362 21.52 45.30 9.80
CA SER B 362 21.76 46.45 10.66
C SER B 362 20.91 46.38 11.93
N GLY B 363 19.86 45.56 11.93
CA GLY B 363 19.02 45.36 13.09
C GLY B 363 19.67 44.56 14.20
N ILE B 364 20.88 44.04 13.99
CA ILE B 364 21.62 43.32 15.01
C ILE B 364 22.87 44.13 15.31
N LYS B 365 23.04 44.52 16.56
CA LYS B 365 24.24 45.24 16.97
C LYS B 365 25.26 44.21 17.43
N PHE B 366 26.34 44.06 16.68
CA PHE B 366 27.44 43.18 17.06
C PHE B 366 28.43 43.92 17.93
N LYS B 367 28.95 43.27 18.95
CA LYS B 367 29.81 43.97 19.90
C LYS B 367 30.68 42.95 20.64
N ASP B 368 32.00 43.07 20.46
CA ASP B 368 33.00 42.32 21.23
C ASP B 368 32.94 40.83 20.93
N ASN B 369 32.99 40.47 19.65
CA ASN B 369 32.99 39.09 19.23
C ASN B 369 34.33 38.73 18.62
N LEU B 370 34.93 37.66 19.13
CA LEU B 370 36.30 37.29 18.82
C LEU B 370 36.31 36.18 17.78
N LEU B 371 37.25 36.24 16.84
CA LEU B 371 37.45 35.15 15.91
C LEU B 371 38.93 35.08 15.54
N ASN B 372 39.35 33.94 15.01
CA ASN B 372 40.77 33.63 14.92
C ASN B 372 41.39 34.20 13.66
N GLN B 373 42.65 34.58 13.77
CA GLN B 373 43.32 35.25 12.70
C GLN B 373 43.00 34.75 11.31
N ASP B 374 43.17 33.46 11.08
CA ASP B 374 42.91 32.91 9.77
C ASP B 374 41.48 33.10 9.34
N ALA B 375 40.57 33.15 10.30
CA ALA B 375 39.17 33.30 9.97
C ALA B 375 38.85 34.66 9.38
N LYS B 376 38.67 34.70 8.07
CA LYS B 376 38.37 35.94 7.39
C LYS B 376 36.99 36.42 7.78
N PRO B 377 36.91 37.70 8.29
CA PRO B 377 35.56 38.14 8.67
C PRO B 377 34.57 38.60 7.61
N SER B 378 33.29 38.50 7.93
CA SER B 378 32.22 38.87 7.04
C SER B 378 31.56 40.11 7.50
N ILE B 379 31.92 40.56 8.66
CA ILE B 379 31.31 41.76 9.22
C ILE B 379 32.41 42.60 9.84
N ASN B 380 32.37 43.91 9.57
CA ASN B 380 33.41 44.77 10.12
C ASN B 380 33.18 45.04 11.60
N LYS B 381 32.18 45.84 11.92
CA LYS B 381 32.00 46.25 13.30
C LYS B 381 31.48 45.10 14.14
N GLY B 382 32.12 44.89 15.28
CA GLY B 382 31.70 43.89 16.25
C GLY B 382 32.56 42.65 16.30
N PHE B 383 33.46 42.47 15.34
CA PHE B 383 34.30 41.28 15.24
C PHE B 383 35.74 41.73 15.12
N GLU B 384 36.58 41.32 16.06
CA GLU B 384 38.00 41.56 15.88
C GLU B 384 38.71 40.23 15.74
N GLN B 385 39.92 40.28 15.18
CA GLN B 385 40.73 39.09 15.02
C GLN B 385 41.80 39.02 16.09
N ALA B 386 42.24 37.80 16.37
CA ALA B 386 43.28 37.60 17.37
C ALA B 386 43.92 36.24 17.15
N ASP B 387 45.06 36.06 17.79
CA ASP B 387 45.73 34.77 17.79
C ASP B 387 45.15 33.93 18.91
N ILE B 388 44.43 32.88 18.56
CA ILE B 388 43.88 31.94 19.54
C ILE B 388 44.52 30.58 19.35
N THR B 389 44.90 29.97 20.45
CA THR B 389 45.10 28.53 20.50
C THR B 389 43.99 27.99 21.39
N MET B 390 43.17 27.11 20.82
CA MET B 390 42.10 26.46 21.56
C MET B 390 42.65 25.18 22.17
N GLN B 391 42.38 24.99 23.46
CA GLN B 391 42.84 23.80 24.16
C GLN B 391 41.67 23.21 24.94
N ARG B 392 41.51 21.89 24.83
CA ARG B 392 40.38 21.22 25.45
C ARG B 392 40.59 21.08 26.96
N HIS B 393 39.54 21.41 27.71
CA HIS B 393 39.54 21.29 29.16
C HIS B 393 39.03 19.92 29.62
N ASP B 394 39.15 19.67 30.92
CA ASP B 394 38.64 18.46 31.51
C ASP B 394 37.15 18.28 31.26
N ASN B 395 36.40 19.35 31.00
CA ASN B 395 34.98 19.21 30.73
C ASN B 395 34.68 18.81 29.29
N GLY B 396 35.67 18.71 28.42
CA GLY B 396 35.42 18.28 27.08
C GLY B 396 35.16 19.40 26.11
N LEU B 397 35.25 20.64 26.56
CA LEU B 397 35.00 21.81 25.73
C LEU B 397 36.32 22.53 25.46
N LEU B 398 36.41 23.10 24.26
CA LEU B 398 37.56 23.90 23.85
C LEU B 398 37.46 25.32 24.42
N TYR B 399 38.61 25.92 24.72
CA TYR B 399 38.70 27.27 25.25
C TYR B 399 39.98 27.93 24.75
N PRO B 400 39.98 29.25 24.57
CA PRO B 400 41.23 29.95 24.26
C PRO B 400 42.27 29.74 25.35
N GLU B 401 43.51 29.58 24.99
CA GLU B 401 44.46 29.42 26.05
C GLU B 401 44.75 30.77 26.67
N ALA B 402 44.68 31.82 25.88
CA ALA B 402 44.92 33.14 26.40
C ALA B 402 43.85 33.47 27.39
N LYS B 403 44.24 33.87 28.59
CA LYS B 403 43.25 34.17 29.59
C LYS B 403 42.56 35.48 29.37
N THR B 404 42.98 36.20 28.35
CA THR B 404 42.35 37.45 28.07
C THR B 404 41.19 37.17 27.21
N GLN B 405 41.38 36.26 26.29
CA GLN B 405 40.37 35.87 25.35
C GLN B 405 39.29 35.03 25.94
N GLN B 406 39.27 34.85 27.24
CA GLN B 406 38.26 34.01 27.86
C GLN B 406 37.10 34.81 28.41
N LYS B 407 37.02 36.09 28.05
CA LYS B 407 35.78 36.85 28.15
C LYS B 407 34.89 36.64 26.94
N TYR B 408 35.31 35.81 26.00
CA TYR B 408 34.54 35.49 24.82
C TYR B 408 34.14 34.03 24.86
N GLY B 409 32.93 33.72 24.42
CA GLY B 409 32.47 32.36 24.40
C GLY B 409 31.90 31.91 25.72
N VAL B 410 31.80 30.58 25.87
CA VAL B 410 31.11 30.02 27.03
C VAL B 410 32.00 30.09 28.27
N SER B 411 31.35 29.98 29.42
CA SER B 411 32.04 29.98 30.68
C SER B 411 32.85 28.71 30.86
N THR B 412 33.96 28.83 31.57
CA THR B 412 34.74 27.64 31.83
C THR B 412 34.06 26.68 32.79
N GLN B 413 32.95 27.08 33.42
CA GLN B 413 32.25 26.25 34.39
C GLN B 413 31.18 25.34 33.77
N LEU B 414 30.96 25.41 32.46
CA LEU B 414 29.99 24.54 31.81
C LEU B 414 30.40 23.08 31.93
N GLU B 415 29.54 22.27 32.53
CA GLU B 415 29.75 20.83 32.66
C GLU B 415 28.73 20.09 31.83
N PRO B 416 29.02 19.71 30.60
CA PRO B 416 28.02 18.98 29.80
C PRO B 416 27.67 17.66 30.46
N ILE B 417 26.38 17.41 30.61
CA ILE B 417 25.94 16.17 31.22
C ILE B 417 26.37 14.98 30.37
N GLY B 418 26.75 13.89 31.01
CA GLY B 418 27.25 12.74 30.30
C GLY B 418 26.17 11.76 29.90
N LYS B 419 26.44 11.04 28.81
CA LYS B 419 25.52 10.01 28.38
C LYS B 419 25.27 8.96 29.47
N ASP B 420 26.26 8.69 30.33
CA ASP B 420 26.03 7.78 31.45
C ASP B 420 25.40 8.46 32.66
N GLU B 421 25.01 9.73 32.54
CA GLU B 421 24.42 10.48 33.63
C GLU B 421 22.93 10.76 33.42
N VAL B 422 22.32 10.15 32.40
CA VAL B 422 20.90 10.26 32.10
C VAL B 422 20.34 8.87 31.85
N GLY B 423 19.02 8.77 31.84
CA GLY B 423 18.37 7.49 31.65
C GLY B 423 18.32 6.68 32.93
N VAL B 424 18.37 5.35 32.78
CA VAL B 424 18.42 4.42 33.90
C VAL B 424 19.66 3.57 33.77
N SER B 425 20.34 3.35 34.90
CA SER B 425 21.51 2.48 34.90
C SER B 425 21.15 1.06 34.57
N TRP B 426 19.92 0.65 34.87
CA TRP B 426 19.48 -0.74 34.73
C TRP B 426 18.97 -1.08 33.34
N TYR B 427 19.07 -0.17 32.37
CA TYR B 427 18.73 -0.52 31.01
C TYR B 427 19.86 -0.05 30.10
N PRO B 428 20.38 -0.90 29.23
CA PRO B 428 21.59 -0.52 28.51
C PRO B 428 21.30 0.44 27.38
N LYS B 429 22.23 1.36 27.18
CA LYS B 429 22.28 2.19 25.98
C LYS B 429 23.11 1.45 24.96
N VAL B 430 22.53 1.13 23.80
CA VAL B 430 23.20 0.29 22.81
C VAL B 430 23.32 1.01 21.48
N GLU B 431 24.04 0.37 20.57
CA GLU B 431 24.07 0.79 19.20
C GLU B 431 22.78 0.36 18.51
N PRO B 432 22.18 1.23 17.69
CA PRO B 432 20.92 0.85 17.03
C PRO B 432 21.10 -0.01 15.81
N ASP B 433 22.32 -0.11 15.27
CA ASP B 433 22.55 -0.81 14.02
C ASP B 433 23.55 -1.95 14.20
N VAL B 434 23.22 -3.09 13.60
CA VAL B 434 24.20 -4.17 13.44
C VAL B 434 25.19 -3.76 12.36
N ALA B 435 26.46 -3.73 12.70
CA ALA B 435 27.49 -3.43 11.71
C ALA B 435 27.75 -4.65 10.83
N PHE B 436 28.03 -4.40 9.55
CA PHE B 436 28.36 -5.48 8.64
C PHE B 436 29.65 -6.16 9.07
N GLY B 437 29.68 -7.48 8.98
CA GLY B 437 30.88 -8.18 9.38
C GLY B 437 31.17 -8.18 10.86
N SER B 438 30.17 -7.94 11.70
CA SER B 438 30.41 -7.89 13.14
C SER B 438 30.36 -9.25 13.79
N GLY B 439 29.88 -10.26 13.08
CA GLY B 439 29.76 -11.63 13.56
C GLY B 439 30.84 -12.53 12.99
N LYS B 440 30.44 -13.74 12.66
CA LYS B 440 31.36 -14.81 12.28
C LYS B 440 31.30 -15.03 10.78
N HIS B 441 32.39 -15.58 10.25
CA HIS B 441 32.40 -15.99 8.84
C HIS B 441 31.91 -17.43 8.71
N ILE B 442 31.14 -17.68 7.65
CA ILE B 442 30.44 -18.94 7.44
C ILE B 442 30.73 -19.40 6.02
N ALA B 443 31.41 -20.54 5.88
CA ALA B 443 31.71 -21.09 4.58
C ALA B 443 30.47 -21.73 3.97
N VAL B 444 30.25 -21.44 2.70
CA VAL B 444 29.10 -21.95 1.97
C VAL B 444 29.58 -22.55 0.67
N SER B 445 29.06 -23.71 0.34
CA SER B 445 29.46 -24.37 -0.87
C SER B 445 28.36 -24.37 -1.89
N PRO B 446 28.77 -24.45 -3.21
CA PRO B 446 27.69 -24.41 -4.19
C PRO B 446 26.83 -25.62 -4.14
N GLY B 447 25.69 -25.51 -4.77
CA GLY B 447 24.75 -26.62 -4.81
C GLY B 447 23.38 -26.17 -5.20
N ASP B 448 22.41 -26.79 -4.57
CA ASP B 448 21.05 -26.45 -4.83
C ASP B 448 20.50 -25.98 -3.50
N ASN B 449 20.13 -24.71 -3.47
CA ASN B 449 19.56 -24.08 -2.28
C ASN B 449 20.55 -23.95 -1.14
N THR B 450 21.85 -24.01 -1.44
CA THR B 450 22.85 -23.81 -0.39
C THR B 450 22.94 -22.36 0.05
N LEU B 451 22.61 -21.42 -0.83
CA LEU B 451 22.56 -20.01 -0.45
C LEU B 451 21.35 -19.73 0.42
N PHE B 452 20.21 -20.35 0.10
CA PHE B 452 19.00 -20.22 0.90
C PHE B 452 19.23 -20.69 2.33
N ASP B 453 19.88 -21.84 2.50
CA ASP B 453 20.03 -22.44 3.83
C ASP B 453 21.05 -21.68 4.65
N ALA B 454 22.13 -21.23 4.02
CA ALA B 454 23.15 -20.51 4.78
C ALA B 454 22.60 -19.19 5.31
N ILE B 455 21.62 -18.62 4.63
CA ILE B 455 21.02 -17.38 5.11
C ILE B 455 20.10 -17.66 6.28
N ALA B 456 19.22 -18.66 6.15
CA ALA B 456 18.29 -18.95 7.24
C ALA B 456 19.00 -19.25 8.56
N SER B 457 20.21 -19.78 8.52
CA SER B 457 20.87 -20.19 9.74
C SER B 457 21.98 -19.26 10.17
N ALA B 458 22.34 -18.29 9.35
CA ALA B 458 23.29 -17.28 9.77
C ALA B 458 22.71 -16.42 10.89
N GLU B 459 23.59 -15.85 11.68
CA GLU B 459 23.19 -14.91 12.71
C GLU B 459 23.49 -13.49 12.24
N THR B 460 22.85 -12.52 12.87
CA THR B 460 22.93 -11.15 12.37
C THR B 460 24.37 -10.64 12.42
N GLY B 461 24.81 -10.01 11.33
CA GLY B 461 26.16 -9.51 11.24
C GLY B 461 27.18 -10.49 10.73
N ASP B 462 26.78 -11.70 10.37
CA ASP B 462 27.70 -12.71 9.88
C ASP B 462 28.09 -12.43 8.43
N VAL B 463 29.10 -13.14 7.96
CA VAL B 463 29.61 -13.03 6.59
C VAL B 463 29.61 -14.42 5.97
N LEU B 464 28.78 -14.61 4.94
CA LEU B 464 28.79 -15.83 4.15
C LEU B 464 29.88 -15.75 3.09
N VAL B 465 30.82 -16.71 3.11
CA VAL B 465 31.92 -16.76 2.15
C VAL B 465 31.66 -17.89 1.17
N LEU B 466 31.45 -17.53 -0.10
CA LEU B 466 31.00 -18.47 -1.12
C LEU B 466 32.21 -19.10 -1.79
N GLN B 467 32.39 -20.40 -1.61
CA GLN B 467 33.39 -21.11 -2.36
C GLN B 467 33.06 -21.08 -3.85
N ALA B 468 34.04 -21.47 -4.66
CA ALA B 468 33.86 -21.49 -6.10
C ALA B 468 32.72 -22.44 -6.48
N GLY B 469 32.03 -22.11 -7.56
CA GLY B 469 30.95 -22.95 -8.04
C GLY B 469 29.72 -22.19 -8.48
N GLU B 470 28.70 -22.90 -8.92
CA GLU B 470 27.43 -22.31 -9.31
C GLU B 470 26.45 -22.41 -8.15
N TYR B 471 25.63 -21.39 -7.99
CA TYR B 471 24.62 -21.32 -6.94
C TYR B 471 23.27 -21.09 -7.59
N TRP B 472 22.45 -22.13 -7.68
CA TRP B 472 21.11 -22.02 -8.21
C TRP B 472 20.14 -21.70 -7.09
N VAL B 473 19.20 -20.79 -7.38
CA VAL B 473 18.33 -20.21 -6.37
C VAL B 473 16.90 -20.37 -6.87
N SER B 474 16.21 -21.37 -6.36
CA SER B 474 14.82 -21.63 -6.73
C SER B 474 13.86 -21.27 -5.60
N LYS B 475 14.35 -20.72 -4.50
CA LYS B 475 13.51 -20.12 -3.48
C LYS B 475 13.96 -18.68 -3.28
N ILE B 476 13.01 -17.76 -3.21
CA ILE B 476 13.34 -16.36 -2.93
C ILE B 476 14.10 -16.29 -1.62
N LEU B 477 15.21 -15.56 -1.62
CA LEU B 477 16.00 -15.37 -0.41
C LEU B 477 15.47 -14.15 0.35
N SER B 478 14.89 -14.39 1.52
CA SER B 478 14.38 -13.32 2.38
C SER B 478 15.40 -12.96 3.45
N LEU B 479 15.67 -11.67 3.58
CA LEU B 479 16.70 -11.17 4.49
C LEU B 479 16.04 -10.42 5.63
N ASP B 480 16.10 -10.98 6.84
CA ASP B 480 15.58 -10.37 8.05
C ASP B 480 16.68 -10.11 9.05
N LYS B 481 17.92 -9.99 8.59
CA LYS B 481 19.04 -9.69 9.46
C LYS B 481 20.12 -9.02 8.64
N THR B 482 21.16 -8.53 9.32
CA THR B 482 22.30 -7.91 8.68
C THR B 482 23.25 -9.00 8.16
N LEU B 483 23.52 -8.99 6.86
CA LEU B 483 24.28 -10.09 6.28
C LEU B 483 25.13 -9.61 5.10
N THR B 484 26.38 -10.08 5.06
CA THR B 484 27.29 -9.91 3.92
C THR B 484 27.41 -11.23 3.18
N ILE B 485 27.31 -11.19 1.86
CA ILE B 485 27.56 -12.35 1.01
C ILE B 485 28.80 -12.05 0.19
N ARG B 486 29.96 -12.57 0.61
CA ARG B 486 31.23 -12.34 -0.07
C ARG B 486 31.64 -13.59 -0.85
N ALA B 487 32.37 -13.38 -1.95
CA ALA B 487 32.95 -14.49 -2.68
C ALA B 487 34.35 -14.75 -2.17
N GLN B 488 34.68 -16.04 -1.99
CA GLN B 488 36.04 -16.42 -1.62
C GLN B 488 37.04 -15.93 -2.66
N GLU B 489 36.75 -16.17 -3.93
CA GLU B 489 37.55 -15.63 -5.02
C GLU B 489 36.63 -14.81 -5.89
N LYS B 490 36.96 -13.53 -6.06
CA LYS B 490 36.11 -12.62 -6.81
C LYS B 490 35.82 -13.18 -8.18
N GLY B 491 34.54 -13.20 -8.54
CA GLY B 491 34.12 -13.63 -9.86
C GLY B 491 34.10 -15.12 -10.06
N SER B 492 34.50 -15.88 -9.06
CA SER B 492 34.50 -17.32 -9.15
C SER B 492 33.21 -17.96 -8.66
N ALA B 493 32.31 -17.18 -8.07
CA ALA B 493 31.03 -17.66 -7.62
C ALA B 493 29.94 -17.00 -8.46
N VAL B 494 29.03 -17.81 -9.00
CA VAL B 494 28.05 -17.36 -9.95
C VAL B 494 26.68 -17.77 -9.45
N ILE B 495 25.80 -16.79 -9.23
CA ILE B 495 24.45 -17.04 -8.73
C ILE B 495 23.47 -16.95 -9.88
N PHE B 496 22.63 -17.96 -10.03
CA PHE B 496 21.65 -18.04 -11.12
C PHE B 496 20.26 -17.94 -10.52
N PRO B 497 19.63 -16.77 -10.50
CA PRO B 497 18.24 -16.71 -10.02
C PRO B 497 17.36 -17.56 -10.93
N GLN B 498 16.36 -18.19 -10.32
CA GLN B 498 15.40 -18.98 -11.07
C GLN B 498 13.98 -18.49 -10.87
N ARG B 499 13.77 -17.49 -10.04
CA ARG B 499 12.45 -16.95 -9.78
C ARG B 499 12.42 -15.46 -10.08
N SER B 500 11.22 -14.89 -10.08
CA SER B 500 11.05 -13.49 -10.46
C SER B 500 11.80 -12.55 -9.54
N THR B 501 12.01 -12.94 -8.28
CA THR B 501 12.82 -12.21 -7.33
C THR B 501 13.92 -13.14 -6.85
N LEU B 502 15.13 -12.59 -6.70
CA LEU B 502 16.23 -13.31 -6.07
C LEU B 502 16.33 -12.99 -4.59
N ILE B 503 16.41 -11.70 -4.23
CA ILE B 503 16.65 -11.29 -2.85
C ILE B 503 15.58 -10.29 -2.46
N GLU B 504 14.78 -10.64 -1.45
CA GLU B 504 13.79 -9.75 -0.87
C GLU B 504 14.34 -9.26 0.47
N ILE B 505 14.41 -7.95 0.65
CA ILE B 505 14.90 -7.38 1.90
C ILE B 505 13.70 -7.11 2.81
N ASN B 506 13.75 -7.65 4.02
CA ASN B 506 12.64 -7.60 4.95
C ASN B 506 13.00 -6.72 6.15
N ASN B 507 12.06 -6.57 7.09
CA ASN B 507 12.36 -5.80 8.30
C ASN B 507 13.57 -6.40 8.99
N LYS B 508 14.45 -5.53 9.47
CA LYS B 508 15.75 -5.85 10.06
C LYS B 508 16.77 -6.35 9.04
N GLY B 509 16.41 -6.44 7.75
CA GLY B 509 17.36 -6.87 6.73
C GLY B 509 18.25 -5.74 6.22
N ASN B 510 19.54 -6.07 6.06
CA ASN B 510 20.56 -5.20 5.50
C ASN B 510 21.55 -6.11 4.77
N LEU B 511 21.99 -5.70 3.58
CA LEU B 511 22.69 -6.59 2.66
C LEU B 511 23.93 -5.92 2.09
N THR B 512 25.06 -6.63 2.13
CA THR B 512 26.28 -6.26 1.42
C THR B 512 26.64 -7.42 0.50
N LEU B 513 26.74 -7.15 -0.79
CA LEU B 513 27.27 -8.09 -1.77
C LEU B 513 28.68 -7.68 -2.14
N ASP B 514 29.60 -8.64 -2.19
CA ASP B 514 31.01 -8.34 -2.36
C ASP B 514 31.65 -9.44 -3.19
N GLY B 515 31.89 -9.17 -4.46
CA GLY B 515 32.57 -10.13 -5.28
C GLY B 515 31.70 -11.18 -5.89
N VAL B 516 30.38 -11.03 -5.80
CA VAL B 516 29.49 -12.01 -6.38
C VAL B 516 29.27 -11.68 -7.84
N TYR B 517 28.88 -12.69 -8.61
CA TYR B 517 28.53 -12.54 -10.01
C TYR B 517 27.15 -13.16 -10.19
N VAL B 518 26.27 -12.47 -10.89
CA VAL B 518 24.87 -12.90 -11.03
C VAL B 518 24.55 -13.02 -12.51
N ASP B 519 24.21 -14.22 -12.94
CA ASP B 519 23.78 -14.49 -14.30
C ASP B 519 22.30 -14.82 -14.23
N ALA B 520 21.46 -13.89 -14.67
CA ALA B 520 20.02 -14.03 -14.54
C ALA B 520 19.40 -14.67 -15.76
N THR B 521 20.20 -15.33 -16.60
CA THR B 521 19.70 -15.99 -17.81
C THR B 521 18.48 -16.85 -17.52
N ASN B 522 18.48 -17.58 -16.40
CA ASN B 522 17.49 -18.60 -16.11
C ASN B 522 16.33 -18.09 -15.27
N ALA B 523 16.09 -16.79 -15.29
CA ALA B 523 14.96 -16.25 -14.56
C ALA B 523 13.65 -16.54 -15.30
N PRO B 524 12.54 -16.35 -14.63
CA PRO B 524 11.27 -16.63 -15.25
C PRO B 524 10.98 -15.75 -16.43
N ASP B 525 10.78 -16.37 -17.56
CA ASP B 525 10.49 -15.64 -18.77
C ASP B 525 9.18 -15.00 -18.40
N ALA B 526 9.26 -13.93 -17.66
CA ALA B 526 8.14 -13.04 -17.47
C ALA B 526 8.51 -11.61 -17.27
N ALA B 527 7.60 -10.72 -17.63
CA ALA B 527 7.85 -9.32 -17.48
C ALA B 527 7.61 -8.98 -16.05
N GLY B 528 8.35 -7.99 -15.59
CA GLY B 528 8.20 -7.46 -14.26
C GLY B 528 9.17 -7.99 -13.23
N ASN B 529 10.11 -8.83 -13.62
CA ASN B 529 11.03 -9.44 -12.67
C ASN B 529 11.83 -8.36 -11.95
N THR B 530 12.21 -8.67 -10.71
CA THR B 530 12.96 -7.76 -9.86
C THR B 530 14.04 -8.58 -9.17
N LEU B 531 15.30 -8.39 -9.58
CA LEU B 531 16.37 -9.19 -9.01
C LEU B 531 16.47 -8.94 -7.52
N ILE B 532 16.48 -7.68 -7.10
CA ILE B 532 16.55 -7.33 -5.69
C ILE B 532 15.39 -6.40 -5.37
N ARG B 533 14.74 -6.61 -4.23
CA ARG B 533 13.64 -5.75 -3.86
C ARG B 533 13.47 -5.78 -2.36
N THR B 534 12.73 -4.79 -1.85
CA THR B 534 12.25 -4.88 -0.49
C THR B 534 11.00 -5.74 -0.47
N THR B 535 10.56 -6.10 0.72
CA THR B 535 9.28 -6.77 0.84
C THR B 535 8.20 -5.84 0.34
N ARG B 536 7.18 -6.42 -0.29
CA ARG B 536 6.16 -5.57 -0.86
C ARG B 536 5.22 -5.05 0.22
N LEU B 537 5.25 -5.66 1.41
CA LEU B 537 4.56 -5.12 2.56
C LEU B 537 5.19 -3.79 3.00
N PRO B 538 4.43 -2.95 3.70
CA PRO B 538 5.05 -1.78 4.34
C PRO B 538 6.04 -2.20 5.41
N MET B 539 7.24 -1.62 5.33
CA MET B 539 8.31 -1.95 6.26
C MET B 539 8.22 -1.09 7.50
N GLN B 540 9.10 -1.38 8.45
CA GLN B 540 9.19 -0.62 9.69
C GLN B 540 10.57 -0.11 10.01
N ARG B 541 11.63 -0.74 9.52
CA ARG B 541 12.98 -0.28 9.71
C ARG B 541 13.55 0.18 8.38
N ASN B 542 14.44 1.17 8.43
CA ASN B 542 15.22 1.48 7.26
C ASN B 542 16.13 0.29 6.94
N TYR B 543 16.77 0.32 5.77
CA TYR B 543 17.67 -0.76 5.39
C TYR B 543 18.91 -0.18 4.75
N ARG B 544 19.97 -0.98 4.72
CA ARG B 544 21.24 -0.59 4.13
C ARG B 544 21.58 -1.56 3.00
N LEU B 545 22.10 -1.05 1.89
CA LEU B 545 22.44 -1.88 0.74
C LEU B 545 23.77 -1.42 0.19
N ALA B 546 24.80 -2.26 0.29
CA ALA B 546 26.08 -1.98 -0.33
C ALA B 546 26.40 -3.07 -1.35
N ILE B 547 26.89 -2.66 -2.51
CA ILE B 547 27.27 -3.57 -3.58
C ILE B 547 28.67 -3.21 -4.02
N LYS B 548 29.63 -4.12 -3.79
CA LYS B 548 31.04 -3.88 -4.11
C LYS B 548 31.59 -5.01 -4.97
N ASN B 549 32.40 -4.65 -5.95
CA ASN B 549 33.19 -5.61 -6.73
C ASN B 549 32.33 -6.73 -7.33
N SER B 550 31.10 -6.41 -7.69
CA SER B 550 30.17 -7.43 -8.13
C SER B 550 29.73 -7.19 -9.57
N THR B 551 29.28 -8.26 -10.23
CA THR B 551 28.85 -8.22 -11.61
C THR B 551 27.45 -8.79 -11.72
N PHE B 552 26.60 -8.14 -12.51
CA PHE B 552 25.22 -8.57 -12.65
C PHE B 552 24.85 -8.47 -14.13
N GLU B 553 24.63 -9.61 -14.77
CA GLU B 553 24.43 -9.65 -16.21
C GLU B 553 23.12 -10.34 -16.54
N ASN B 554 22.65 -10.10 -17.76
CA ASN B 554 21.63 -10.91 -18.42
C ASN B 554 20.32 -10.87 -17.66
N LEU B 555 19.91 -9.68 -17.26
CA LEU B 555 18.54 -9.45 -16.81
C LEU B 555 17.67 -9.02 -17.99
N ASP B 556 17.49 -9.94 -18.96
CA ASP B 556 16.90 -9.52 -20.23
C ASP B 556 16.03 -10.58 -20.90
N ILE B 557 15.64 -11.64 -20.20
CA ILE B 557 14.90 -12.70 -20.87
C ILE B 557 13.49 -12.26 -21.19
N ASN B 558 12.99 -11.26 -20.48
CA ASN B 558 11.76 -10.58 -20.86
C ASN B 558 11.91 -9.11 -20.48
N HIS B 559 10.89 -8.31 -20.78
CA HIS B 559 11.04 -6.88 -20.59
C HIS B 559 10.76 -6.50 -19.13
N SER B 560 11.30 -5.35 -18.73
CA SER B 560 11.09 -4.77 -17.39
C SER B 560 11.69 -5.65 -16.29
N TYR B 561 12.84 -6.24 -16.57
CA TYR B 561 13.58 -6.96 -15.54
C TYR B 561 14.40 -5.91 -14.79
N HIS B 562 13.93 -5.54 -13.62
CA HIS B 562 14.56 -4.47 -12.84
C HIS B 562 15.66 -5.03 -11.97
N PHE B 563 16.66 -4.22 -11.67
CA PHE B 563 17.69 -4.66 -10.76
C PHE B 563 17.27 -4.44 -9.31
N PHE B 564 16.78 -3.25 -9.00
CA PHE B 564 16.34 -2.95 -7.65
C PHE B 564 15.03 -2.18 -7.70
N ASP B 565 14.07 -2.62 -6.90
CA ASP B 565 12.72 -2.06 -6.90
C ASP B 565 12.36 -1.85 -5.44
N ALA B 566 12.23 -0.59 -5.03
CA ALA B 566 11.87 -0.29 -3.65
C ALA B 566 10.37 -0.37 -3.47
N GLY B 567 9.94 -0.94 -2.36
CA GLY B 567 8.53 -1.01 -2.10
C GLY B 567 7.98 0.27 -1.53
N ASN B 568 6.67 0.39 -1.58
CA ASN B 568 5.99 1.57 -1.06
C ASN B 568 6.36 1.83 0.40
N ARG B 569 6.70 3.08 0.70
CA ARG B 569 7.00 3.55 2.04
C ARG B 569 8.25 2.90 2.63
N SER B 570 9.08 2.30 1.78
CA SER B 570 10.37 1.79 2.21
C SER B 570 11.41 2.90 2.20
N PHE B 571 12.43 2.73 3.01
CA PHE B 571 13.46 3.75 3.15
C PHE B 571 14.81 3.10 3.34
N ALA B 572 15.75 3.45 2.47
CA ALA B 572 17.13 3.02 2.56
C ALA B 572 17.93 4.09 3.29
N ASP B 573 18.53 3.72 4.41
CA ASP B 573 19.46 4.64 5.06
C ASP B 573 20.60 5.00 4.12
N TYR B 574 20.97 4.08 3.23
CA TYR B 574 21.84 4.37 2.11
C TYR B 574 21.83 3.19 1.14
N ILE B 575 22.14 3.48 -0.12
CA ILE B 575 22.35 2.48 -1.15
C ILE B 575 23.60 2.87 -1.88
N GLU B 576 24.58 1.97 -1.92
CA GLU B 576 25.92 2.33 -2.38
C GLU B 576 26.46 1.22 -3.27
N VAL B 577 26.83 1.59 -4.49
CA VAL B 577 27.43 0.70 -5.47
C VAL B 577 28.89 1.13 -5.67
N GLN B 578 29.79 0.16 -5.79
CA GLN B 578 31.20 0.46 -5.89
C GLN B 578 31.94 -0.62 -6.67
N ASP B 579 32.70 -0.21 -7.69
CA ASP B 579 33.53 -1.10 -8.47
C ASP B 579 32.75 -2.31 -8.95
N SER B 580 31.55 -2.06 -9.47
CA SER B 580 30.65 -3.13 -9.88
C SER B 580 30.26 -2.95 -11.34
N GLN B 581 29.77 -4.04 -11.95
CA GLN B 581 29.47 -4.06 -13.37
C GLN B 581 28.07 -4.63 -13.61
N PHE B 582 27.40 -4.08 -14.63
CA PHE B 582 26.04 -4.41 -15.00
C PHE B 582 25.97 -4.42 -16.51
N LYS B 583 25.38 -5.45 -17.10
CA LYS B 583 25.30 -5.57 -18.53
C LYS B 583 24.04 -6.26 -18.95
N HIS B 584 23.35 -5.70 -19.92
CA HIS B 584 22.13 -6.26 -20.45
C HIS B 584 20.96 -6.36 -19.52
N ILE B 585 20.34 -5.22 -19.24
CA ILE B 585 19.19 -5.18 -18.38
C ILE B 585 18.07 -4.47 -19.08
N THR B 586 16.89 -5.04 -19.04
CA THR B 586 15.76 -4.47 -19.74
C THR B 586 14.89 -3.52 -18.97
N GLY B 587 15.06 -3.47 -17.67
CA GLY B 587 14.27 -2.56 -16.87
C GLY B 587 15.18 -1.58 -16.16
N ASP B 588 14.68 -0.91 -15.13
CA ASP B 588 15.43 0.11 -14.43
C ASP B 588 16.49 -0.52 -13.53
N LEU B 589 17.51 0.28 -13.19
CA LEU B 589 18.48 -0.21 -12.21
C LEU B 589 17.96 0.00 -10.79
N PHE B 590 17.69 1.24 -10.41
CA PHE B 590 17.20 1.57 -9.09
C PHE B 590 15.89 2.34 -9.20
N ARG B 591 14.82 1.74 -8.69
CA ARG B 591 13.49 2.32 -8.72
C ARG B 591 13.21 2.90 -7.34
N LEU B 592 13.52 4.19 -7.16
CA LEU B 592 13.31 4.84 -5.89
C LEU B 592 12.31 5.99 -6.04
N ASN B 593 11.22 5.76 -6.74
CA ASN B 593 10.30 6.83 -7.11
C ASN B 593 8.88 6.46 -6.77
N LYS B 594 8.69 5.78 -5.64
CA LYS B 594 7.41 5.16 -5.35
C LYS B 594 6.42 6.08 -4.67
N GLU B 595 6.88 7.15 -4.02
CA GLU B 595 6.03 7.98 -3.17
C GLU B 595 5.44 9.14 -3.98
N THR B 596 4.35 8.83 -4.67
CA THR B 596 3.78 9.72 -5.67
C THR B 596 2.70 10.64 -5.15
N ASP B 597 2.40 10.61 -3.85
CA ASP B 597 1.32 11.43 -3.31
C ASP B 597 1.80 12.77 -2.81
N ASP B 598 3.07 13.09 -3.02
CA ASP B 598 3.59 14.46 -2.92
C ASP B 598 3.46 15.03 -1.52
N LEU B 599 3.80 14.23 -0.50
CA LEU B 599 3.78 14.68 0.89
C LEU B 599 5.16 14.89 1.46
N GLY B 600 6.20 14.76 0.65
CA GLY B 600 7.56 14.87 1.15
C GLY B 600 8.21 13.56 1.54
N ILE B 601 7.55 12.44 1.30
CA ILE B 601 8.10 11.14 1.62
C ILE B 601 9.01 10.68 0.49
N TYR B 602 10.16 10.12 0.85
CA TYR B 602 11.07 9.59 -0.14
C TYR B 602 11.62 8.23 0.30
N ASN B 603 12.38 7.61 -0.59
CA ASN B 603 12.70 6.20 -0.50
C ASN B 603 14.15 5.92 -0.16
N VAL B 604 15.02 6.92 -0.19
CA VAL B 604 16.46 6.70 -0.01
C VAL B 604 17.06 8.00 0.47
N GLU B 605 18.03 7.91 1.36
CA GLU B 605 18.72 9.09 1.83
C GLU B 605 20.02 9.35 1.10
N TYR B 606 20.85 8.33 0.88
CA TYR B 606 22.09 8.49 0.14
C TYR B 606 22.16 7.37 -0.91
N LEU B 607 22.04 7.72 -2.18
CA LEU B 607 22.35 6.84 -3.29
C LEU B 607 23.72 7.25 -3.82
N THR B 608 24.66 6.31 -3.87
CA THR B 608 26.03 6.53 -4.31
C THR B 608 26.44 5.43 -5.27
N ILE B 609 26.89 5.80 -6.47
CA ILE B 609 27.47 4.86 -7.41
C ILE B 609 28.83 5.40 -7.85
N GLU B 610 29.87 4.62 -7.59
CA GLU B 610 31.25 5.03 -7.90
C GLU B 610 31.96 3.92 -8.66
N ASN B 611 32.86 4.33 -9.55
CA ASN B 611 33.86 3.40 -10.12
C ASN B 611 33.22 2.18 -10.76
N SER B 612 31.99 2.31 -11.24
CA SER B 612 31.23 1.17 -11.73
C SER B 612 30.90 1.33 -13.21
N ASN B 613 30.50 0.22 -13.82
CA ASN B 613 30.29 0.14 -15.26
C ASN B 613 28.90 -0.40 -15.51
N VAL B 614 28.10 0.36 -16.25
CA VAL B 614 26.75 -0.04 -16.61
C VAL B 614 26.66 0.00 -18.12
N SER B 615 26.30 -1.12 -18.74
CA SER B 615 26.30 -1.24 -20.19
C SER B 615 25.04 -1.95 -20.65
N ASP B 616 24.45 -1.48 -21.75
CA ASP B 616 23.20 -2.01 -22.29
C ASP B 616 22.12 -2.09 -21.23
N LEU B 617 21.60 -0.93 -20.86
CA LEU B 617 20.53 -0.83 -19.87
C LEU B 617 19.37 -0.04 -20.48
N GLN B 618 18.22 -0.70 -20.67
CA GLN B 618 17.13 -0.06 -21.38
C GLN B 618 16.44 1.01 -20.52
N GLY B 619 16.35 0.81 -19.21
CA GLY B 619 15.71 1.75 -18.32
C GLY B 619 16.69 2.74 -17.72
N ALA B 620 16.20 3.47 -16.71
CA ALA B 620 17.02 4.49 -16.07
C ALA B 620 18.08 3.85 -15.18
N ILE B 621 19.12 4.63 -14.90
CA ILE B 621 20.07 4.25 -13.85
C ILE B 621 19.44 4.47 -12.49
N ALA B 622 18.60 5.49 -12.37
CA ALA B 622 17.91 5.77 -11.12
C ALA B 622 16.73 6.71 -11.35
N LYS B 623 15.56 6.32 -10.90
CA LYS B 623 14.43 7.20 -10.83
C LYS B 623 14.19 7.49 -9.35
N VAL B 624 14.57 8.68 -8.89
CA VAL B 624 14.41 9.09 -7.50
C VAL B 624 13.40 10.22 -7.45
N TYR B 625 12.50 10.17 -6.46
CA TYR B 625 11.40 11.11 -6.43
C TYR B 625 11.04 11.47 -5.01
N ARG B 626 10.98 12.76 -4.71
CA ARG B 626 10.47 13.32 -3.46
C ARG B 626 9.55 14.48 -3.84
N GLY B 627 8.26 14.23 -3.82
CA GLY B 627 7.32 15.23 -4.27
C GLY B 627 6.81 16.12 -3.16
N GLY B 628 6.20 17.22 -3.58
CA GLY B 628 5.58 18.14 -2.65
C GLY B 628 6.45 19.35 -2.34
N THR B 629 6.05 20.03 -1.28
CA THR B 629 6.65 21.28 -0.86
C THR B 629 7.32 21.20 0.50
N ASP B 630 7.51 20.01 1.05
CA ASP B 630 8.02 19.90 2.40
C ASP B 630 9.50 20.26 2.45
N GLU B 631 9.88 20.97 3.50
CA GLU B 631 11.24 21.39 3.74
C GLU B 631 11.71 20.90 5.10
N SER B 632 11.22 19.74 5.55
CA SER B 632 11.61 19.18 6.83
C SER B 632 12.63 18.05 6.71
N THR B 633 13.07 17.69 5.51
CA THR B 633 14.00 16.58 5.34
C THR B 633 15.28 17.06 4.69
N PHE B 634 16.30 16.22 4.74
CA PHE B 634 17.59 16.57 4.14
C PHE B 634 17.90 15.85 2.84
N GLY B 635 17.15 14.81 2.48
CA GLY B 635 17.50 14.01 1.33
C GLY B 635 16.42 13.94 0.26
N PRO B 636 16.64 13.17 -0.80
CA PRO B 636 17.78 12.31 -1.10
C PRO B 636 19.01 13.05 -1.58
N HIS B 637 20.17 12.46 -1.31
CA HIS B 637 21.43 12.79 -1.94
C HIS B 637 21.69 11.78 -3.05
N VAL B 638 22.18 12.24 -4.19
CA VAL B 638 22.55 11.35 -5.30
C VAL B 638 23.95 11.73 -5.73
N VAL B 639 24.89 10.79 -5.62
CA VAL B 639 26.29 11.04 -5.89
C VAL B 639 26.80 9.91 -6.78
N MET B 640 27.33 10.27 -7.94
CA MET B 640 27.74 9.30 -8.95
C MET B 640 29.00 9.83 -9.62
N ASN B 641 30.13 9.15 -9.41
CA ASN B 641 31.38 9.65 -9.95
C ASN B 641 32.25 8.51 -10.40
N ASN B 642 33.05 8.79 -11.44
CA ASN B 642 34.01 7.84 -12.02
C ASN B 642 33.34 6.61 -12.62
N ASN B 643 32.15 6.75 -13.20
CA ASN B 643 31.46 5.61 -13.79
C ASN B 643 31.46 5.73 -15.31
N ILE B 644 31.13 4.63 -15.97
CA ILE B 644 31.07 4.55 -17.42
C ILE B 644 29.72 3.94 -17.76
N PHE B 645 28.85 4.72 -18.37
CA PHE B 645 27.52 4.25 -18.75
C PHE B 645 27.43 4.23 -20.27
N ASN B 646 27.22 3.05 -20.83
CA ASN B 646 27.09 2.87 -22.27
C ASN B 646 25.71 2.33 -22.59
N GLU B 647 25.02 2.98 -23.53
CA GLU B 647 23.75 2.49 -24.08
C GLU B 647 22.69 2.36 -22.97
N VAL B 648 22.42 3.46 -22.29
CA VAL B 648 21.63 3.44 -21.08
C VAL B 648 20.37 4.28 -21.27
N GLY B 649 19.23 3.70 -20.96
CA GLY B 649 18.02 4.48 -20.79
C GLY B 649 17.28 4.84 -22.06
N LYS B 650 17.73 4.32 -23.21
CA LYS B 650 17.07 4.65 -24.45
C LYS B 650 15.77 3.87 -24.65
N GLY B 651 15.49 2.92 -23.77
CA GLY B 651 14.43 1.97 -24.01
C GLY B 651 13.09 2.62 -24.19
N LYS B 652 12.20 1.87 -24.82
CA LYS B 652 10.91 2.42 -25.18
C LYS B 652 9.93 2.42 -24.02
N ARG B 653 10.11 1.54 -23.04
CA ARG B 653 9.23 1.48 -21.88
C ARG B 653 9.68 2.41 -20.76
N ASN B 654 10.70 3.21 -21.02
CA ASN B 654 11.26 4.15 -20.05
C ASN B 654 10.61 5.49 -20.35
N LYS B 655 9.51 5.79 -19.66
CA LYS B 655 8.78 7.02 -19.94
C LYS B 655 9.53 8.27 -19.51
N SER B 656 10.44 8.17 -18.53
CA SER B 656 11.24 9.34 -18.18
C SER B 656 12.09 9.83 -19.34
N ALA B 657 12.36 8.97 -20.32
CA ALA B 657 13.32 9.22 -21.40
C ALA B 657 14.70 9.61 -20.87
N ALA B 658 14.97 9.29 -19.62
CA ALA B 658 16.22 9.67 -19.02
C ALA B 658 17.01 8.55 -18.50
N SER B 659 18.30 8.75 -18.39
CA SER B 659 19.17 7.77 -17.82
C SER B 659 19.31 8.04 -16.33
N LEU B 660 18.58 9.03 -15.83
CA LEU B 660 18.64 9.47 -14.48
C LEU B 660 17.58 10.50 -14.45
N ILE B 661 16.65 10.40 -13.53
CA ILE B 661 15.60 11.40 -13.43
C ILE B 661 15.47 11.59 -11.94
N LEU B 662 15.77 12.78 -11.49
CA LEU B 662 15.73 13.13 -10.10
C LEU B 662 14.82 14.29 -9.79
N HIS B 663 13.66 14.00 -9.24
CA HIS B 663 12.66 14.97 -8.87
C HIS B 663 12.72 15.20 -7.37
N GLY B 664 13.06 16.42 -6.97
CA GLY B 664 13.09 16.74 -5.57
C GLY B 664 14.31 16.26 -4.84
N THR B 665 15.38 15.93 -5.56
CA THR B 665 16.58 15.52 -4.86
C THR B 665 17.37 16.75 -4.48
N GLN B 666 17.88 16.76 -3.26
CA GLN B 666 18.36 17.97 -2.63
C GLN B 666 19.87 18.14 -2.68
N VAL B 667 20.63 17.08 -2.93
CA VAL B 667 22.06 17.17 -3.16
C VAL B 667 22.38 16.28 -4.33
N ASN B 668 22.94 16.86 -5.40
CA ASN B 668 23.31 16.08 -6.57
C ASN B 668 24.77 16.38 -6.88
N LYS B 669 25.54 15.32 -7.16
CA LYS B 669 26.96 15.44 -7.53
C LYS B 669 27.28 14.37 -8.57
N MET B 670 27.40 14.78 -9.84
CA MET B 670 27.82 13.90 -10.92
C MET B 670 29.14 14.43 -11.48
N THR B 671 30.24 13.78 -11.14
CA THR B 671 31.56 14.25 -11.51
C THR B 671 32.37 13.14 -12.16
N THR B 672 33.09 13.49 -13.23
CA THR B 672 34.04 12.61 -13.91
C THR B 672 33.42 11.29 -14.33
N ASN B 673 32.27 11.37 -15.02
CA ASN B 673 31.57 10.21 -15.54
C ASN B 673 31.63 10.20 -17.06
N GLU B 674 31.28 9.05 -17.64
CA GLU B 674 31.13 8.88 -19.07
C GLU B 674 29.69 8.48 -19.35
N PHE B 675 28.98 9.27 -20.15
CA PHE B 675 27.60 9.00 -20.56
C PHE B 675 27.61 8.81 -22.07
N ASN B 676 27.91 7.60 -22.51
CA ASN B 676 28.09 7.30 -23.93
C ASN B 676 26.80 6.73 -24.50
N ASN B 677 26.21 7.43 -25.47
CA ASN B 677 25.13 6.91 -26.32
C ASN B 677 23.86 6.63 -25.54
N SER B 678 23.55 7.44 -24.54
CA SER B 678 22.47 7.16 -23.62
C SER B 678 21.46 8.30 -23.64
N ALA B 679 20.40 8.12 -22.86
CA ALA B 679 19.44 9.17 -22.61
C ALA B 679 20.04 10.19 -21.64
N PRO B 680 19.48 11.39 -21.57
CA PRO B 680 20.11 12.44 -20.75
C PRO B 680 19.73 12.36 -19.28
N ILE B 681 20.59 12.97 -18.46
CA ILE B 681 20.21 13.31 -17.10
C ILE B 681 19.08 14.34 -17.13
N ILE B 682 18.10 14.16 -16.24
CA ILE B 682 17.00 15.10 -16.10
C ILE B 682 16.82 15.39 -14.61
N PHE B 683 16.91 16.66 -14.23
CA PHE B 683 16.58 17.10 -12.88
C PHE B 683 15.23 17.79 -12.91
N GLU B 684 14.41 17.54 -11.92
CA GLU B 684 13.19 18.30 -11.69
C GLU B 684 13.31 18.88 -10.29
N LEU B 685 13.82 20.11 -10.20
CA LEU B 685 14.13 20.70 -8.92
C LEU B 685 12.88 21.27 -8.25
N THR B 686 12.77 21.04 -6.94
CA THR B 686 11.61 21.48 -6.19
C THR B 686 12.03 22.44 -5.09
N VAL B 687 11.29 22.45 -3.98
CA VAL B 687 11.53 23.46 -2.96
C VAL B 687 12.81 23.13 -2.22
N GLY B 688 13.28 24.04 -1.39
CA GLY B 688 14.36 23.80 -0.45
C GLY B 688 15.74 24.22 -0.90
N GLU B 689 15.86 24.91 -2.02
CA GLU B 689 17.13 25.34 -2.59
C GLU B 689 18.08 24.16 -2.76
N PRO B 690 17.78 23.22 -3.66
CA PRO B 690 18.69 22.08 -3.87
C PRO B 690 20.00 22.48 -4.53
N LYS B 691 21.06 21.78 -4.17
CA LYS B 691 22.40 22.09 -4.63
C LYS B 691 22.88 21.00 -5.59
N THR B 692 23.18 21.38 -6.82
CA THR B 692 23.55 20.43 -7.87
C THR B 692 24.89 20.81 -8.49
N TRP B 693 25.77 19.83 -8.64
CA TRP B 693 27.02 19.95 -9.37
C TRP B 693 27.07 18.83 -10.39
N VAL B 694 27.27 19.18 -11.66
CA VAL B 694 27.60 18.21 -12.71
C VAL B 694 28.84 18.74 -13.43
N THR B 695 30.02 18.34 -12.99
CA THR B 695 31.25 18.86 -13.55
C THR B 695 32.20 17.74 -13.94
N GLY B 696 32.78 17.88 -15.14
CA GLY B 696 33.90 17.06 -15.53
C GLY B 696 33.55 15.77 -16.24
N ASN B 697 32.42 15.70 -16.92
CA ASN B 697 31.95 14.48 -17.54
C ASN B 697 32.03 14.54 -19.06
N VAL B 698 31.87 13.36 -19.66
CA VAL B 698 31.83 13.16 -21.10
C VAL B 698 30.40 12.81 -21.49
N PHE B 699 29.86 13.52 -22.47
CA PHE B 699 28.52 13.23 -22.97
C PHE B 699 28.61 12.91 -24.46
N GLU B 700 29.20 11.77 -24.78
CA GLU B 700 29.37 11.34 -26.16
C GLU B 700 28.10 10.65 -26.63
N GLY B 701 27.41 11.26 -27.60
CA GLY B 701 26.17 10.71 -28.10
C GLY B 701 25.01 10.81 -27.16
N THR B 702 25.20 11.38 -25.98
CA THR B 702 24.16 11.59 -25.00
C THR B 702 23.85 13.07 -24.93
N PRO B 703 22.59 13.47 -25.00
CA PRO B 703 22.23 14.90 -24.90
C PRO B 703 22.70 15.54 -23.60
N GLU B 704 22.64 16.86 -23.59
CA GLU B 704 23.06 17.67 -22.46
C GLU B 704 22.13 17.45 -21.26
N PRO B 705 22.65 17.60 -20.04
CA PRO B 705 21.78 17.59 -18.86
C PRO B 705 20.65 18.58 -18.98
N VAL B 706 19.49 18.19 -18.47
CA VAL B 706 18.25 18.97 -18.58
C VAL B 706 17.83 19.40 -17.18
N VAL B 707 17.66 20.69 -16.98
CA VAL B 707 17.23 21.27 -15.70
C VAL B 707 15.83 21.82 -15.87
N ARG B 708 14.87 21.20 -15.20
CA ARG B 708 13.50 21.70 -15.12
C ARG B 708 13.29 22.21 -13.71
N ASP B 709 13.12 23.51 -13.56
CA ASP B 709 12.96 24.13 -12.25
C ASP B 709 11.47 24.41 -12.05
N LEU B 710 10.82 23.61 -11.24
CA LEU B 710 9.42 23.76 -10.94
C LEU B 710 9.15 24.82 -9.92
N PHE B 711 10.21 25.40 -9.40
CA PHE B 711 10.10 26.42 -8.38
C PHE B 711 11.16 27.43 -8.67
N PRO B 712 10.94 28.20 -9.79
CA PRO B 712 11.98 29.18 -10.06
C PRO B 712 11.50 30.52 -9.61
N LEU B 713 12.38 31.42 -9.24
CA LEU B 713 13.80 31.18 -9.18
C LEU B 713 13.91 31.25 -7.68
N SER B 714 13.84 30.10 -7.05
CA SER B 714 13.85 30.07 -5.61
C SER B 714 15.10 29.59 -4.88
N GLY B 715 16.28 29.84 -5.41
CA GLY B 715 17.50 29.46 -4.72
C GLY B 715 18.23 28.24 -5.16
N ALA B 716 17.64 27.48 -6.05
CA ALA B 716 18.28 26.26 -6.53
C ALA B 716 19.64 26.53 -7.18
N THR B 717 20.73 26.25 -6.47
CA THR B 717 22.07 26.46 -7.02
C THR B 717 22.47 25.26 -7.86
N THR B 718 22.50 25.44 -9.18
CA THR B 718 22.95 24.42 -10.12
C THR B 718 24.22 24.89 -10.82
N THR B 719 25.25 24.04 -10.82
CA THR B 719 26.54 24.32 -11.45
C THR B 719 26.82 23.15 -12.38
N ILE B 720 26.46 23.32 -13.66
CA ILE B 720 26.72 22.35 -14.72
C ILE B 720 27.79 22.95 -15.61
N SER B 721 29.05 22.56 -15.38
CA SER B 721 30.18 23.14 -16.06
C SER B 721 31.21 22.05 -16.31
N GLY B 722 32.30 22.41 -16.97
CA GLY B 722 33.45 21.54 -17.08
C GLY B 722 33.25 20.26 -17.86
N ASN B 723 32.13 20.08 -18.53
CA ASN B 723 31.89 18.87 -19.31
C ASN B 723 32.12 19.11 -20.79
N THR B 724 32.37 18.02 -21.51
CA THR B 724 32.61 18.05 -22.95
C THR B 724 31.54 17.23 -23.63
N VAL B 725 30.75 17.87 -24.50
CA VAL B 725 29.67 17.19 -25.21
C VAL B 725 30.14 16.83 -26.61
N LEU B 726 29.85 15.59 -27.02
CA LEU B 726 30.20 15.10 -28.35
C LEU B 726 29.02 14.42 -29.04
C1 BEM C . 1.49 -19.94 -20.37
C2 BEM C . 1.16 -19.49 -21.78
O2 BEM C . 0.47 -20.53 -22.45
C3 BEM C . 0.34 -18.21 -21.74
O3 BEM C . -0.27 -17.91 -22.99
C4 BEM C . -0.79 -18.28 -20.77
O4 BEM C . -1.20 -16.92 -20.63
C5 BEM C . -0.28 -18.76 -19.43
O5 BEM C . 0.29 -20.04 -19.62
C6 BEM C . -1.43 -18.65 -18.47
O6B BEM C . -1.89 -19.63 -17.86
O6A BEM C . -1.96 -17.52 -18.44
O1 BEM C . 2.21 -21.16 -20.44
C1 BEM C . -2.55 -16.77 -21.00
C2 BEM C . -2.87 -15.29 -20.97
O2 BEM C . -2.00 -14.56 -21.81
C3 BEM C . -4.29 -15.11 -21.43
O3 BEM C . -4.57 -13.73 -21.48
C4 BEM C . -4.46 -15.69 -22.81
O4 BEM C . -5.75 -15.32 -23.27
C5 BEM C . -4.20 -17.18 -22.66
O5 BEM C . -2.84 -17.32 -22.27
C6 BEM C . -4.35 -17.86 -23.96
O6B BEM C . -3.37 -17.85 -24.70
O6A BEM C . -5.48 -17.85 -24.45
C1 BEM C . -5.59 -14.35 -24.31
C2 BEM C . -5.70 -15.06 -25.63
O2 BEM C . -6.18 -16.33 -25.24
C3 BEM C . -6.63 -14.50 -26.70
O3 BEM C . -7.30 -15.59 -27.35
C4 BEM C . -7.67 -13.49 -26.23
O4 BEM C . -7.44 -12.26 -26.90
C5 BEM C . -7.70 -13.22 -24.73
O5 BEM C . -6.38 -13.18 -24.20
C6 BEM C . -8.53 -14.24 -24.00
O6B BEM C . -8.41 -14.24 -22.77
O6A BEM C . -9.55 -14.68 -24.56
C1 BEM C . -8.57 -11.99 -27.74
C2 BEM C . -9.33 -10.85 -27.05
O2 BEM C . -8.78 -10.63 -25.74
C3 BEM C . -9.42 -9.55 -27.85
O3 BEM C . -8.92 -8.45 -27.10
C4 BEM C . -8.69 -9.56 -29.18
O4 BEM C . -9.15 -8.47 -29.96
C5 BEM C . -9.01 -10.87 -29.86
O5 BEM C . -8.26 -11.84 -29.14
C6 BEM C . -8.82 -10.80 -31.34
O6B BEM C . -8.29 -11.77 -31.89
O6A BEM C . -9.70 -10.18 -31.96
CA CA D . -9.91 -13.58 -20.41
CA CA E . 7.51 18.96 10.49
#